data_6V44
#
_entry.id   6V44
#
_cell.length_a   68.973
_cell.length_b   240.005
_cell.length_c   68.953
_cell.angle_alpha   90.000
_cell.angle_beta   119.860
_cell.angle_gamma   90.000
#
_symmetry.space_group_name_H-M   'P 1 21 1'
#
loop_
_entity.id
_entity.type
_entity.pdbx_description
1 polymer 'Hemagglutinin HA1 chain'
2 polymer 'Hemagglutinin HA2 chain'
3 branched alpha-D-mannopyranose-(1-2)-alpha-D-mannopyranose-(1-3)-[alpha-D-mannopyranose-(1-6)]beta-D-mannopyranose-(1-4)-2-acetamido-2-deoxy-beta-D-glucopyranose-(1-4)-2-acetamido-2-deoxy-beta-D-glucopyranose
4 non-polymer 2-acetamido-2-deoxy-beta-D-glucopyranose
5 water water
#
loop_
_entity_poly.entity_id
_entity_poly.type
_entity_poly.pdbx_seq_one_letter_code
_entity_poly.pdbx_strand_id
1 'polypeptide(L)'
;ADLGSQNYTGNPVICLGHHAVPNGTMVKTLTDDQIEVVTAQELVESQHLPELCPSPLRLVDGQTCDIVNGALGSPGCDHL
NGAEWDVFIERPTAVDTCYPFDVPDYQSLRSILANNGKFEFIAEEFQWNTVKQNGKSGACKRANVNDFFNRLNWLTKSDG
NAYPLQNLTKVNNGDYARLYIWGVHHPSTDTEQTNLYKNNPGRVTVSTQTSQTSVVPNIGSRPWVRGLSSRISFYWTIVE
PGDLIVFNTIGNLIAPRGHYKLNSQKKSTILNTAVPIGSCVSKCHTDRGSITTTKPFQNISRISIGDCPKYVKQGSLKLA
TGMRNIPEKATR
;
A,C,E
2 'polypeptide(L)'
;GLFGAIAGFIENGWQGLIDGWYGFRHQNAEGTGTAADLKSTQTAIDQINGKLNRLIEKTNEKYHQIEKEFEQVEGRIQDL
EKYVEDTKIDLWSYNAELLVALENQHTIDVTDSEMNKLFERVRRQLRENAEDKGNGCFEIFHQCDNNCIESIRNGTYDHD
IYRDEAINNRFQIQSGRSGRLVPRGS
;
B,D,F
#
loop_
_chem_comp.id
_chem_comp.type
_chem_comp.name
_chem_comp.formula
BMA D-saccharide, beta linking beta-D-mannopyranose 'C6 H12 O6'
MAN D-saccharide, alpha linking alpha-D-mannopyranose 'C6 H12 O6'
NAG D-saccharide, beta linking 2-acetamido-2-deoxy-beta-D-glucopyranose 'C8 H15 N O6'
#
# COMPACT_ATOMS: atom_id res chain seq x y z
N TYR A 8 -4.30 -12.86 63.70
CA TYR A 8 -2.98 -13.20 63.19
C TYR A 8 -2.66 -14.68 63.46
N THR A 9 -3.28 -15.26 64.48
CA THR A 9 -3.10 -16.68 64.87
C THR A 9 -1.67 -17.02 65.28
N GLY A 10 -0.65 -16.31 64.80
CA GLY A 10 0.71 -16.61 65.21
C GLY A 10 1.54 -17.44 64.25
N ASN A 11 1.01 -17.78 63.08
CA ASN A 11 1.84 -18.22 61.96
C ASN A 11 2.21 -17.00 61.10
N PRO A 12 3.50 -16.75 60.86
CA PRO A 12 3.88 -15.67 59.95
C PRO A 12 3.20 -15.80 58.58
N VAL A 13 2.99 -14.65 57.93
CA VAL A 13 2.42 -14.55 56.59
C VAL A 13 3.38 -13.75 55.71
N ILE A 14 3.58 -14.21 54.47
CA ILE A 14 4.23 -13.42 53.43
C ILE A 14 3.26 -13.30 52.26
N CYS A 15 3.03 -12.07 51.83
CA CYS A 15 2.13 -11.75 50.73
C CYS A 15 2.96 -11.21 49.58
N LEU A 16 2.69 -11.72 48.39
CA LEU A 16 3.26 -11.18 47.17
C LEU A 16 2.23 -10.26 46.53
N GLY A 17 2.70 -9.13 46.02
CA GLY A 17 1.80 -8.22 45.36
C GLY A 17 2.54 -7.38 44.36
N HIS A 18 1.84 -6.34 43.89
CA HIS A 18 2.32 -5.46 42.82
C HIS A 18 1.81 -4.06 43.09
N HIS A 19 2.42 -3.07 42.42
CA HIS A 19 2.09 -1.70 42.74
C HIS A 19 0.79 -1.30 42.05
N ALA A 20 0.33 -0.09 42.38
CA ALA A 20 -0.84 0.51 41.79
C ALA A 20 -0.76 2.02 42.01
N VAL A 21 -1.53 2.76 41.22
CA VAL A 21 -1.61 4.21 41.41
C VAL A 21 -3.08 4.58 41.55
N PRO A 22 -3.38 5.75 42.13
CA PRO A 22 -4.80 6.12 42.28
C PRO A 22 -5.55 6.12 40.96
N ASN A 23 -5.03 6.79 39.93
CA ASN A 23 -5.67 6.76 38.62
C ASN A 23 -4.65 6.53 37.52
N GLY A 24 -4.90 5.53 36.68
CA GLY A 24 -4.02 5.17 35.60
C GLY A 24 -4.46 5.75 34.27
N THR A 25 -3.97 5.14 33.19
CA THR A 25 -4.35 5.50 31.84
C THR A 25 -5.04 4.32 31.18
N MET A 26 -6.12 4.59 30.46
CA MET A 26 -6.80 3.52 29.75
C MET A 26 -6.24 3.37 28.33
N VAL A 27 -6.03 2.12 27.93
CA VAL A 27 -5.44 1.76 26.65
C VAL A 27 -6.38 0.76 25.98
N LYS A 28 -6.13 0.50 24.69
CA LYS A 28 -6.90 -0.47 23.93
C LYS A 28 -6.08 -1.73 23.73
N THR A 29 -6.76 -2.89 23.76
CA THR A 29 -6.12 -4.18 23.53
C THR A 29 -6.93 -4.92 22.48
N LEU A 30 -6.50 -6.15 22.17
CA LEU A 30 -7.26 -6.97 21.24
C LEU A 30 -8.65 -7.30 21.77
N THR A 31 -8.78 -7.47 23.10
CA THR A 31 -10.03 -7.94 23.70
C THR A 31 -10.82 -6.87 24.44
N ASP A 32 -10.22 -5.71 24.72
CA ASP A 32 -10.88 -4.65 25.47
C ASP A 32 -10.63 -3.33 24.76
N ASP A 33 -11.70 -2.55 24.60
CA ASP A 33 -11.56 -1.25 23.96
C ASP A 33 -10.87 -0.26 24.89
N GLN A 34 -11.17 -0.33 26.19
CA GLN A 34 -10.57 0.57 27.18
C GLN A 34 -10.33 -0.24 28.45
N ILE A 35 -9.07 -0.44 28.81
CA ILE A 35 -8.71 -1.10 30.06
C ILE A 35 -7.54 -0.34 30.67
N GLU A 36 -7.54 -0.22 32.01
CA GLU A 36 -6.67 0.70 32.74
C GLU A 36 -5.32 0.07 33.07
N VAL A 37 -4.24 0.81 32.82
CA VAL A 37 -2.87 0.41 33.12
C VAL A 37 -2.19 1.53 33.91
N VAL A 38 -1.04 1.19 34.51
CA VAL A 38 -0.39 2.12 35.45
C VAL A 38 0.21 3.32 34.71
N THR A 39 0.94 3.06 33.62
CA THR A 39 1.54 4.08 32.77
C THR A 39 1.29 3.72 31.32
N ALA A 40 1.17 4.77 30.49
CA ALA A 40 1.15 4.61 29.04
C ALA A 40 1.99 5.71 28.36
N GLN A 41 2.21 5.53 27.07
CA GLN A 41 2.89 6.53 26.25
C GLN A 41 2.11 6.75 24.96
N GLU A 42 1.90 8.01 24.61
CA GLU A 42 1.16 8.37 23.42
C GLU A 42 2.07 8.19 22.21
N LEU A 43 1.54 7.57 21.16
CA LEU A 43 2.33 7.27 19.97
C LEU A 43 2.04 8.16 18.77
N VAL A 44 1.00 9.00 18.85
CA VAL A 44 0.62 9.87 17.75
C VAL A 44 0.95 11.30 18.14
N GLU A 45 1.87 11.93 17.40
CA GLU A 45 2.13 13.35 17.60
C GLU A 45 1.01 14.21 17.04
N SER A 46 0.45 15.09 17.87
CA SER A 46 -0.59 16.02 17.46
C SER A 46 -0.15 17.47 17.49
N GLN A 47 1.00 17.78 18.06
CA GLN A 47 1.46 19.16 18.21
C GLN A 47 2.58 19.46 17.23
N HIS A 48 2.55 20.65 16.66
CA HIS A 48 3.57 21.12 15.73
C HIS A 48 4.00 22.52 16.15
N LEU A 49 5.22 22.88 15.77
CA LEU A 49 5.70 24.24 15.93
C LEU A 49 5.03 25.17 14.92
N PRO A 50 4.86 26.46 15.27
CA PRO A 50 4.24 27.41 14.33
C PRO A 50 5.26 28.03 13.38
N GLU A 51 6.44 27.43 13.26
CA GLU A 51 7.50 27.91 12.40
C GLU A 51 8.08 26.73 11.64
N LEU A 52 8.72 27.01 10.52
CA LEU A 52 9.60 26.04 9.90
C LEU A 52 11.02 26.26 10.41
N CYS A 53 11.73 25.16 10.71
CA CYS A 53 13.06 25.27 11.32
C CYS A 53 14.14 25.21 10.22
N PRO A 54 15.06 26.18 10.18
CA PRO A 54 15.99 26.31 9.05
C PRO A 54 17.24 25.44 9.14
N SER A 55 17.26 24.55 10.12
CA SER A 55 18.35 23.67 10.45
C SER A 55 17.80 22.35 10.95
N PRO A 56 18.47 21.20 10.67
CA PRO A 56 19.66 20.99 9.85
C PRO A 56 19.44 21.00 8.31
N LEU A 57 18.21 20.95 7.81
CA LEU A 57 17.96 20.98 6.36
C LEU A 57 18.04 22.41 5.81
N ARG A 58 18.58 22.55 4.60
CA ARG A 58 18.70 23.85 3.95
C ARG A 58 17.38 24.28 3.34
N LEU A 59 16.78 25.34 3.86
CA LEU A 59 15.52 25.88 3.36
C LEU A 59 15.80 27.17 2.58
N VAL A 60 15.25 27.28 1.36
CA VAL A 60 15.26 28.53 0.60
C VAL A 60 13.83 29.05 0.46
N ASP A 61 13.62 30.32 0.87
CA ASP A 61 12.30 30.95 0.87
C ASP A 61 12.08 31.70 -0.44
N GLY A 62 11.04 31.31 -1.19
CA GLY A 62 10.79 31.96 -2.47
C GLY A 62 10.28 33.37 -2.33
N GLN A 63 9.73 33.71 -1.17
CA GLN A 63 9.15 35.03 -0.90
C GLN A 63 8.06 35.26 -1.93
N THR A 64 8.15 36.27 -2.78
CA THR A 64 7.08 36.53 -3.74
C THR A 64 7.21 35.72 -5.03
N CYS A 65 8.23 34.88 -5.16
CA CYS A 65 8.46 34.08 -6.37
C CYS A 65 8.18 32.59 -6.17
N ASP A 66 7.24 32.05 -6.96
CA ASP A 66 7.16 30.66 -7.43
C ASP A 66 8.53 30.03 -7.68
N ILE A 67 8.60 28.69 -7.70
CA ILE A 67 9.85 28.13 -8.18
C ILE A 67 9.99 28.35 -9.68
N VAL A 68 8.86 28.31 -10.43
CA VAL A 68 8.93 28.44 -11.90
C VAL A 68 9.35 29.84 -12.30
N ASN A 69 8.67 30.87 -11.78
CA ASN A 69 9.11 32.26 -11.97
C ASN A 69 10.55 32.46 -11.52
N GLY A 70 10.97 31.73 -10.46
CA GLY A 70 12.35 31.80 -10.04
C GLY A 70 13.30 31.21 -11.08
N ALA A 71 12.85 30.17 -11.78
CA ALA A 71 13.65 29.59 -12.85
C ALA A 71 13.73 30.52 -14.05
N LEU A 72 12.62 31.16 -14.43
CA LEU A 72 12.63 32.04 -15.59
C LEU A 72 13.36 33.35 -15.35
N GLY A 73 13.53 33.77 -14.09
CA GLY A 73 14.18 35.02 -13.75
C GLY A 73 13.23 36.21 -13.85
N SER A 74 12.02 36.05 -13.29
CA SER A 74 11.08 37.16 -13.26
C SER A 74 11.54 38.20 -12.23
N PRO A 75 11.11 39.47 -12.38
CA PRO A 75 11.55 40.55 -11.48
C PRO A 75 11.76 40.24 -9.99
N GLY A 76 10.81 39.66 -9.30
CA GLY A 76 11.05 39.58 -7.86
C GLY A 76 11.97 38.46 -7.36
N CYS A 77 12.77 37.86 -8.25
CA CYS A 77 13.39 36.55 -8.01
C CYS A 77 14.92 36.57 -8.00
N ASP A 78 15.56 37.74 -7.99
CA ASP A 78 17.01 37.79 -8.08
C ASP A 78 17.69 37.12 -6.89
N HIS A 79 17.05 37.19 -5.70
CA HIS A 79 17.58 36.53 -4.51
C HIS A 79 17.67 35.02 -4.66
N LEU A 80 17.11 34.45 -5.73
CA LEU A 80 17.18 33.01 -5.92
C LEU A 80 18.29 32.60 -6.88
N ASN A 81 18.94 33.56 -7.54
CA ASN A 81 20.15 33.28 -8.32
C ASN A 81 21.22 32.60 -7.47
N GLY A 82 21.61 31.39 -7.88
CA GLY A 82 22.65 30.66 -7.18
C GLY A 82 22.18 29.87 -5.98
N ALA A 83 20.90 29.88 -5.67
CA ALA A 83 20.41 29.22 -4.48
C ALA A 83 20.56 27.70 -4.61
N GLU A 84 20.75 27.04 -3.46
CA GLU A 84 20.69 25.59 -3.33
C GLU A 84 19.83 25.28 -2.10
N TRP A 85 19.04 24.21 -2.19
CA TRP A 85 18.10 23.88 -1.13
C TRP A 85 17.95 22.38 -1.03
N ASP A 86 17.61 21.94 0.19
CA ASP A 86 16.93 20.66 0.40
C ASP A 86 15.43 20.82 0.22
N VAL A 87 14.86 21.92 0.68
CA VAL A 87 13.44 22.18 0.54
C VAL A 87 13.24 23.62 0.09
N PHE A 88 12.65 23.80 -1.08
CA PHE A 88 12.20 25.11 -1.54
C PHE A 88 10.86 25.41 -0.86
N ILE A 89 10.79 26.50 -0.11
CA ILE A 89 9.54 26.92 0.51
C ILE A 89 8.83 27.92 -0.41
N GLU A 90 7.75 27.46 -1.01
CA GLU A 90 6.98 28.26 -1.95
C GLU A 90 5.76 28.79 -1.23
N ARG A 91 5.46 30.04 -1.44
CA ARG A 91 4.44 30.79 -0.73
C ARG A 91 3.17 30.89 -1.56
N PRO A 92 2.02 30.64 -0.95
CA PRO A 92 0.76 30.76 -1.69
C PRO A 92 0.42 32.19 -2.11
N THR A 93 1.05 33.21 -1.52
CA THR A 93 0.86 34.59 -1.93
C THR A 93 1.79 35.02 -3.07
N ALA A 94 2.66 34.16 -3.55
CA ALA A 94 3.42 34.43 -4.76
C ALA A 94 2.50 34.91 -5.88
N VAL A 95 2.97 35.88 -6.65
CA VAL A 95 2.23 36.40 -7.80
C VAL A 95 3.15 36.51 -8.99
N ASP A 96 2.57 36.45 -10.18
CA ASP A 96 3.28 36.71 -11.41
C ASP A 96 3.59 38.21 -11.53
N THR A 97 4.83 38.51 -11.88
CA THR A 97 5.30 39.88 -12.03
C THR A 97 5.79 40.16 -13.45
N CYS A 98 5.54 39.27 -14.40
CA CYS A 98 6.17 39.37 -15.72
C CYS A 98 5.18 38.98 -16.80
N TYR A 99 5.70 38.69 -17.98
CA TYR A 99 4.86 38.42 -19.15
C TYR A 99 3.91 37.27 -18.85
N PRO A 100 2.61 37.40 -19.13
CA PRO A 100 1.70 36.31 -18.81
C PRO A 100 2.07 35.06 -19.60
N PHE A 101 2.24 33.95 -18.88
CA PHE A 101 2.72 32.71 -19.47
C PHE A 101 1.96 31.52 -18.92
N ASP A 102 2.06 30.40 -19.64
CA ASP A 102 1.67 29.09 -19.12
C ASP A 102 2.77 28.09 -19.46
N VAL A 103 2.64 26.89 -18.89
CA VAL A 103 3.60 25.81 -19.05
C VAL A 103 2.79 24.55 -19.28
N PRO A 104 2.81 23.96 -20.48
CA PRO A 104 2.19 22.64 -20.64
C PRO A 104 2.92 21.64 -19.75
N ASP A 105 2.15 20.84 -19.00
CA ASP A 105 2.71 19.92 -17.99
C ASP A 105 3.47 20.71 -16.92
N TYR A 106 2.81 21.78 -16.43
CA TYR A 106 3.42 22.69 -15.46
C TYR A 106 3.99 21.95 -14.26
N GLN A 107 3.22 21.00 -13.72
CA GLN A 107 3.64 20.31 -12.50
C GLN A 107 4.92 19.53 -12.72
N SER A 108 5.16 19.07 -13.96
CA SER A 108 6.37 18.34 -14.28
C SER A 108 7.59 19.25 -14.22
N LEU A 109 7.47 20.45 -14.82
CA LEU A 109 8.59 21.42 -14.76
C LEU A 109 8.85 21.85 -13.33
N ARG A 110 7.78 22.14 -12.60
CA ARG A 110 7.95 22.50 -11.19
C ARG A 110 8.62 21.36 -10.41
N SER A 111 8.24 20.10 -10.67
CA SER A 111 8.80 18.98 -9.91
C SER A 111 10.27 18.79 -10.24
N ILE A 112 10.63 18.90 -11.53
CA ILE A 112 12.03 18.79 -11.91
C ILE A 112 12.86 19.88 -11.23
N LEU A 113 12.38 21.12 -11.28
CA LEU A 113 13.13 22.22 -10.67
C LEU A 113 13.29 22.01 -9.16
N ALA A 114 12.19 21.65 -8.50
CA ALA A 114 12.22 21.47 -7.05
C ALA A 114 13.14 20.33 -6.66
N ASN A 115 13.07 19.20 -7.39
CA ASN A 115 13.84 18.00 -7.04
C ASN A 115 15.33 18.22 -7.29
N ASN A 116 15.66 18.97 -8.35
CA ASN A 116 17.06 19.14 -8.73
C ASN A 116 17.87 19.82 -7.62
N GLY A 117 17.29 20.82 -6.94
CA GLY A 117 17.86 21.33 -5.71
C GLY A 117 18.73 22.57 -5.82
N LYS A 118 18.79 23.21 -6.99
CA LYS A 118 19.63 24.39 -7.11
C LYS A 118 19.29 25.14 -8.39
N PHE A 119 19.53 26.45 -8.36
CA PHE A 119 19.45 27.34 -9.51
C PHE A 119 20.87 27.77 -9.79
N GLU A 120 21.57 27.02 -10.64
CA GLU A 120 22.92 27.35 -11.06
C GLU A 120 22.88 27.56 -12.58
N PHE A 121 22.93 28.81 -13.01
CA PHE A 121 22.70 29.14 -14.40
C PHE A 121 24.05 29.37 -15.07
N ILE A 122 24.23 28.77 -16.24
CA ILE A 122 25.43 28.95 -17.04
C ILE A 122 25.02 29.74 -18.27
N ALA A 123 25.53 30.96 -18.34
CA ALA A 123 25.33 31.80 -19.49
C ALA A 123 26.03 31.22 -20.70
N GLU A 124 25.36 31.27 -21.84
CA GLU A 124 25.93 30.89 -23.13
C GLU A 124 25.50 31.95 -24.14
N GLU A 125 26.41 32.33 -25.02
CA GLU A 125 26.08 33.32 -26.03
C GLU A 125 25.60 32.61 -27.29
N PHE A 126 24.41 32.96 -27.74
CA PHE A 126 23.77 32.37 -28.90
C PHE A 126 23.87 33.42 -30.00
N GLN A 127 24.38 33.04 -31.16
CA GLN A 127 24.67 34.01 -32.22
C GLN A 127 23.46 34.09 -33.13
N TRP A 128 22.37 34.64 -32.60
CA TRP A 128 21.21 34.90 -33.42
C TRP A 128 21.59 35.91 -34.50
N ASN A 129 21.00 35.77 -35.68
CA ASN A 129 21.43 36.59 -36.81
C ASN A 129 20.26 37.42 -37.32
N THR A 130 20.53 38.71 -37.54
CA THR A 130 19.61 39.70 -38.09
C THR A 130 18.57 40.16 -37.08
N VAL A 131 17.91 39.22 -36.40
CA VAL A 131 16.79 39.49 -35.50
C VAL A 131 17.19 40.52 -34.46
N LYS A 132 16.23 41.29 -33.97
CA LYS A 132 16.50 42.08 -32.78
C LYS A 132 16.49 41.15 -31.58
N GLN A 133 17.21 41.54 -30.54
CA GLN A 133 17.34 40.73 -29.35
C GLN A 133 16.87 41.54 -28.15
N ASN A 134 16.72 40.86 -27.02
CA ASN A 134 16.49 41.54 -25.73
C ASN A 134 15.18 42.31 -25.68
N GLY A 135 14.15 41.82 -26.35
CA GLY A 135 12.86 42.50 -26.30
C GLY A 135 12.36 42.63 -24.88
N LYS A 136 11.65 43.73 -24.62
CA LYS A 136 11.17 44.04 -23.27
C LYS A 136 9.68 44.36 -23.34
N SER A 137 9.04 44.37 -22.18
CA SER A 137 7.59 44.47 -22.13
C SER A 137 7.10 45.30 -20.96
N GLY A 138 6.03 46.06 -21.21
CA GLY A 138 5.28 46.71 -20.14
C GLY A 138 4.70 45.76 -19.12
N ALA A 139 4.49 44.49 -19.48
CA ALA A 139 3.90 43.53 -18.54
C ALA A 139 4.89 43.02 -17.50
N CYS A 140 6.13 43.49 -17.52
CA CYS A 140 7.23 42.88 -16.82
C CYS A 140 8.21 44.01 -16.44
N LYS A 141 7.79 44.85 -15.50
CA LYS A 141 8.61 45.98 -15.08
C LYS A 141 9.70 45.56 -14.09
N ARG A 142 10.89 46.12 -14.28
CA ARG A 142 12.00 45.94 -13.35
C ARG A 142 12.55 47.32 -13.03
N ALA A 143 12.83 47.57 -11.75
CA ALA A 143 12.98 48.93 -11.26
C ALA A 143 11.64 49.55 -11.66
N ASN A 144 11.59 50.59 -12.46
CA ASN A 144 10.30 51.05 -12.95
C ASN A 144 10.28 51.08 -14.47
N VAL A 145 10.91 50.10 -15.12
CA VAL A 145 11.22 50.17 -16.55
C VAL A 145 10.85 48.85 -17.21
N ASN A 146 10.43 48.92 -18.47
CA ASN A 146 10.05 47.70 -19.20
C ASN A 146 11.23 46.75 -19.25
N ASP A 147 10.97 45.48 -18.95
CA ASP A 147 12.03 44.45 -18.90
C ASP A 147 11.41 43.11 -19.29
N PHE A 148 12.05 42.01 -18.87
CA PHE A 148 11.70 40.66 -19.31
C PHE A 148 12.27 39.65 -18.31
N PHE A 149 11.93 38.39 -18.52
CA PHE A 149 12.60 37.32 -17.77
C PHE A 149 14.11 37.39 -17.99
N ASN A 150 14.86 37.25 -16.89
CA ASN A 150 16.32 37.33 -16.90
C ASN A 150 16.96 36.23 -17.74
N ARG A 151 16.36 35.04 -17.78
CA ARG A 151 16.99 33.88 -18.43
C ARG A 151 16.53 33.72 -19.86
N LEU A 152 15.78 34.68 -20.41
CA LEU A 152 15.18 34.53 -21.73
C LEU A 152 15.47 35.77 -22.57
N ASN A 153 15.41 35.58 -23.89
CA ASN A 153 15.85 36.55 -24.86
C ASN A 153 14.76 36.60 -25.92
N TRP A 154 13.96 37.64 -25.89
CA TRP A 154 12.82 37.75 -26.78
C TRP A 154 13.31 38.28 -28.13
N LEU A 155 13.36 37.41 -29.14
CA LEU A 155 13.84 37.81 -30.46
C LEU A 155 12.67 38.30 -31.29
N THR A 156 12.88 39.38 -32.03
CA THR A 156 11.86 39.86 -32.96
C THR A 156 12.55 40.23 -34.28
N LYS A 157 11.72 40.58 -35.27
CA LYS A 157 12.23 40.92 -36.59
C LYS A 157 13.06 42.21 -36.53
N SER A 158 14.00 42.31 -37.47
CA SER A 158 14.90 43.45 -37.59
C SER A 158 14.18 44.71 -38.05
N ASP A 159 14.90 45.83 -37.92
CA ASP A 159 14.44 47.11 -38.48
C ASP A 159 14.14 47.02 -39.98
N GLY A 160 14.84 46.16 -40.70
CA GLY A 160 14.57 45.98 -42.10
C GLY A 160 13.46 44.99 -42.42
N ASN A 161 12.66 44.59 -41.42
CA ASN A 161 11.53 43.72 -41.65
C ASN A 161 12.00 42.34 -42.12
N ALA A 162 13.06 41.81 -41.52
CA ALA A 162 13.52 40.47 -41.82
C ALA A 162 13.56 39.61 -40.55
N TYR A 163 13.11 38.36 -40.68
CA TYR A 163 13.32 37.34 -39.66
C TYR A 163 13.79 36.10 -40.39
N PRO A 164 15.10 35.98 -40.61
CA PRO A 164 15.63 34.81 -41.33
C PRO A 164 15.54 33.56 -40.47
N LEU A 165 15.61 32.41 -41.15
CA LEU A 165 15.67 31.14 -40.44
C LEU A 165 16.82 31.16 -39.45
N GLN A 166 16.52 30.78 -38.20
CA GLN A 166 17.54 30.66 -37.17
C GLN A 166 17.79 29.18 -36.92
N ASN A 167 19.06 28.82 -36.82
CA ASN A 167 19.46 27.42 -36.76
C ASN A 167 20.77 27.38 -35.95
N LEU A 168 20.64 27.17 -34.64
CA LEU A 168 21.78 27.26 -33.74
C LEU A 168 21.92 25.98 -32.92
N THR A 169 23.17 25.63 -32.61
CA THR A 169 23.53 24.38 -31.97
C THR A 169 24.35 24.68 -30.74
N LYS A 170 24.07 23.93 -29.66
CA LYS A 170 24.97 23.89 -28.52
C LYS A 170 25.22 22.44 -28.17
N VAL A 171 26.50 22.09 -28.04
CA VAL A 171 26.97 20.73 -27.80
C VAL A 171 27.20 20.58 -26.30
N ASN A 172 26.75 19.49 -25.72
CA ASN A 172 27.10 19.25 -24.32
C ASN A 172 28.34 18.36 -24.26
N ASN A 173 29.50 18.99 -24.13
CA ASN A 173 30.75 18.29 -23.99
C ASN A 173 31.23 18.35 -22.55
N GLY A 174 30.36 18.80 -21.65
CA GLY A 174 30.68 18.93 -20.24
C GLY A 174 30.35 17.68 -19.47
N ASP A 175 30.32 17.85 -18.15
CA ASP A 175 30.27 16.77 -17.17
C ASP A 175 28.86 16.47 -16.67
N TYR A 176 27.89 17.32 -16.98
CA TYR A 176 26.60 17.29 -16.30
C TYR A 176 25.49 17.44 -17.34
N ALA A 177 24.29 16.99 -16.97
CA ALA A 177 23.13 17.19 -17.82
C ALA A 177 22.70 18.66 -17.75
N ARG A 178 22.21 19.17 -18.86
CA ARG A 178 21.81 20.57 -18.92
C ARG A 178 20.30 20.66 -19.04
N LEU A 179 19.71 21.66 -18.40
CA LEU A 179 18.30 21.96 -18.57
C LEU A 179 18.20 23.31 -19.26
N TYR A 180 17.65 23.33 -20.48
CA TYR A 180 17.34 24.54 -21.23
C TYR A 180 15.84 24.81 -21.13
N ILE A 181 15.47 26.03 -20.76
CA ILE A 181 14.07 26.47 -20.73
C ILE A 181 13.87 27.52 -21.81
N TRP A 182 12.89 27.30 -22.70
CA TRP A 182 12.63 28.18 -23.82
C TRP A 182 11.12 28.34 -23.95
N GLY A 183 10.70 29.26 -24.81
CA GLY A 183 9.29 29.58 -24.93
C GLY A 183 8.89 29.83 -26.37
N VAL A 184 7.58 29.93 -26.54
CA VAL A 184 6.95 30.26 -27.81
C VAL A 184 5.93 31.34 -27.53
N HIS A 185 6.04 32.45 -28.27
CA HIS A 185 5.09 33.54 -28.15
C HIS A 185 3.82 33.28 -28.97
N HIS A 186 2.65 33.48 -28.35
CA HIS A 186 1.34 33.36 -29.00
C HIS A 186 0.74 34.76 -29.09
N PRO A 187 0.78 35.39 -30.28
CA PRO A 187 0.22 36.73 -30.43
C PRO A 187 -1.30 36.70 -30.37
N SER A 188 -1.86 37.88 -30.17
CA SER A 188 -3.31 38.02 -30.08
C SER A 188 -3.99 38.18 -31.44
N THR A 189 -3.28 38.69 -32.47
CA THR A 189 -3.83 38.90 -33.80
C THR A 189 -2.82 38.48 -34.86
N ASP A 190 -3.30 38.36 -36.10
CA ASP A 190 -2.39 38.15 -37.22
C ASP A 190 -1.49 39.36 -37.44
N THR A 191 -2.02 40.57 -37.24
CA THR A 191 -1.17 41.71 -37.52
C THR A 191 -0.09 41.87 -36.46
N GLU A 192 -0.36 41.48 -35.21
CA GLU A 192 0.72 41.45 -34.23
C GLU A 192 1.76 40.41 -34.60
N GLN A 193 1.31 39.24 -35.08
CA GLN A 193 2.25 38.21 -35.50
C GLN A 193 3.22 38.75 -36.54
N THR A 194 2.71 39.35 -37.62
CA THR A 194 3.60 39.89 -38.64
C THR A 194 4.37 41.12 -38.14
N ASN A 195 3.77 41.95 -37.30
CA ASN A 195 4.49 43.10 -36.73
C ASN A 195 5.73 42.66 -35.98
N LEU A 196 5.65 41.52 -35.28
CA LEU A 196 6.78 41.09 -34.45
C LEU A 196 7.76 40.21 -35.21
N TYR A 197 7.25 39.31 -36.07
CA TYR A 197 8.06 38.21 -36.60
C TYR A 197 8.10 38.13 -38.11
N LYS A 198 7.44 39.04 -38.83
CA LYS A 198 7.35 39.06 -40.30
C LYS A 198 6.61 37.83 -40.85
N ASN A 199 7.16 36.64 -40.64
CA ASN A 199 6.53 35.43 -41.17
C ASN A 199 5.27 35.14 -40.37
N ASN A 200 4.21 34.70 -41.06
CA ASN A 200 3.00 34.77 -40.24
C ASN A 200 2.80 33.47 -39.48
N PRO A 201 2.64 32.30 -40.09
CA PRO A 201 2.82 31.13 -39.24
C PRO A 201 4.27 31.18 -38.79
N GLY A 202 4.50 31.42 -37.50
CA GLY A 202 5.82 31.25 -36.93
C GLY A 202 6.06 29.74 -36.78
N ARG A 203 7.25 29.38 -36.29
CA ARG A 203 7.60 27.97 -36.14
C ARG A 203 8.77 27.83 -35.18
N VAL A 204 8.66 26.92 -34.20
CA VAL A 204 9.77 26.62 -33.29
C VAL A 204 9.99 25.11 -33.22
N THR A 205 11.22 24.69 -33.47
CA THR A 205 11.62 23.31 -33.37
C THR A 205 12.88 23.25 -32.52
N VAL A 206 12.84 22.46 -31.47
CA VAL A 206 13.96 22.32 -30.55
C VAL A 206 14.20 20.82 -30.43
N SER A 207 15.40 20.37 -30.82
CA SER A 207 15.65 18.94 -30.88
C SER A 207 17.02 18.58 -30.35
N THR A 208 17.12 17.34 -29.90
CA THR A 208 18.37 16.69 -29.55
C THR A 208 18.55 15.48 -30.46
N GLN A 209 19.55 14.66 -30.17
CA GLN A 209 19.76 13.42 -30.91
C GLN A 209 18.52 12.53 -30.91
N THR A 210 17.92 12.34 -29.73
CA THR A 210 16.91 11.34 -29.47
C THR A 210 15.49 11.89 -29.35
N SER A 211 15.32 13.21 -29.24
CA SER A 211 14.01 13.82 -29.02
C SER A 211 13.89 15.10 -29.83
N GLN A 212 12.64 15.49 -30.12
CA GLN A 212 12.34 16.76 -30.77
C GLN A 212 10.97 17.24 -30.30
N THR A 213 10.92 18.35 -29.56
CA THR A 213 9.64 19.02 -29.31
C THR A 213 9.49 20.17 -30.30
N SER A 214 8.35 20.20 -31.00
CA SER A 214 8.07 21.19 -32.02
C SER A 214 6.72 21.84 -31.77
N VAL A 215 6.61 23.14 -32.06
CA VAL A 215 5.49 23.98 -31.61
C VAL A 215 5.14 25.01 -32.67
N VAL A 216 3.85 25.13 -32.94
CA VAL A 216 3.26 26.16 -33.79
C VAL A 216 2.50 27.13 -32.90
N PRO A 217 2.69 28.43 -33.06
CA PRO A 217 1.97 29.40 -32.22
C PRO A 217 0.48 29.42 -32.52
N ASN A 218 -0.30 29.75 -31.49
CA ASN A 218 -1.74 29.93 -31.60
C ASN A 218 -2.04 31.42 -31.52
N ILE A 219 -2.73 31.94 -32.54
CA ILE A 219 -3.12 33.33 -32.59
C ILE A 219 -4.57 33.49 -32.12
N GLY A 220 -4.81 34.44 -31.22
CA GLY A 220 -6.15 34.85 -30.86
C GLY A 220 -6.14 35.64 -29.56
N SER A 221 -7.22 36.41 -29.35
CA SER A 221 -7.34 37.23 -28.13
C SER A 221 -7.66 36.39 -26.90
N ARG A 222 -6.79 36.48 -25.89
CA ARG A 222 -6.96 35.98 -24.54
C ARG A 222 -7.37 37.11 -23.58
N PRO A 223 -7.75 36.79 -22.34
CA PRO A 223 -8.06 37.86 -21.41
C PRO A 223 -6.84 38.74 -21.15
N TRP A 224 -7.10 40.03 -21.00
CA TRP A 224 -6.06 41.02 -20.70
C TRP A 224 -5.44 40.73 -19.34
N VAL A 225 -4.12 40.55 -19.32
CA VAL A 225 -3.35 40.39 -18.08
C VAL A 225 -2.14 41.33 -18.15
N ARG A 226 -2.04 42.25 -17.19
CA ARG A 226 -0.97 43.26 -17.13
C ARG A 226 -0.71 43.94 -18.47
N GLY A 227 -1.77 44.34 -19.16
CA GLY A 227 -1.63 45.10 -20.39
C GLY A 227 -1.73 44.32 -21.69
N LEU A 228 -1.73 42.99 -21.66
CA LEU A 228 -1.55 42.22 -22.89
C LEU A 228 -2.59 41.11 -23.00
N SER A 229 -2.97 40.80 -24.24
CA SER A 229 -3.81 39.66 -24.52
C SER A 229 -3.06 38.56 -25.26
N SER A 230 -1.74 38.69 -25.38
CA SER A 230 -0.86 37.62 -25.87
C SER A 230 -0.32 36.77 -24.71
N ARG A 231 0.30 35.64 -25.06
CA ARG A 231 0.81 34.72 -24.04
C ARG A 231 2.13 34.12 -24.48
N ILE A 232 2.88 33.58 -23.53
CA ILE A 232 4.04 32.76 -23.83
C ILE A 232 3.79 31.38 -23.25
N SER A 233 4.13 30.33 -23.99
CA SER A 233 4.16 28.97 -23.47
C SER A 233 5.61 28.54 -23.32
N PHE A 234 5.95 28.03 -22.13
CA PHE A 234 7.32 27.61 -21.83
C PHE A 234 7.46 26.09 -21.91
N TYR A 235 8.60 25.66 -22.43
CA TYR A 235 8.99 24.29 -22.61
C TYR A 235 10.39 24.12 -22.07
N TRP A 236 10.81 22.87 -21.94
CA TRP A 236 12.14 22.59 -21.44
C TRP A 236 12.72 21.39 -22.17
N THR A 237 14.04 21.36 -22.22
CA THR A 237 14.74 20.28 -22.89
C THR A 237 15.96 19.97 -22.04
N ILE A 238 16.15 18.69 -21.73
CA ILE A 238 17.33 18.21 -21.01
C ILE A 238 18.31 17.68 -22.04
N VAL A 239 19.56 18.11 -21.94
CA VAL A 239 20.61 17.70 -22.89
C VAL A 239 21.65 16.92 -22.10
N GLU A 240 21.71 15.61 -22.33
CA GLU A 240 22.63 14.75 -21.59
C GLU A 240 24.07 15.00 -22.07
N PRO A 241 25.08 14.68 -21.26
CA PRO A 241 26.46 14.80 -21.75
C PRO A 241 26.68 13.92 -22.97
N GLY A 242 27.34 14.49 -23.99
CA GLY A 242 27.51 13.81 -25.26
C GLY A 242 26.44 14.10 -26.29
N ASP A 243 25.29 14.60 -25.85
CA ASP A 243 24.17 14.98 -26.69
C ASP A 243 24.28 16.49 -27.00
N LEU A 244 23.36 16.99 -27.81
CA LEU A 244 23.43 18.39 -28.22
C LEU A 244 22.02 18.88 -28.54
N ILE A 245 21.86 20.19 -28.58
CA ILE A 245 20.54 20.79 -28.76
C ILE A 245 20.59 21.78 -29.94
N VAL A 246 19.53 21.75 -30.75
CA VAL A 246 19.39 22.60 -31.93
C VAL A 246 18.10 23.39 -31.79
N PHE A 247 18.23 24.72 -31.92
CA PHE A 247 17.10 25.65 -31.97
C PHE A 247 16.89 26.10 -33.41
N ASN A 248 15.72 25.80 -33.94
CA ASN A 248 15.38 26.08 -35.34
C ASN A 248 14.07 26.85 -35.31
N THR A 249 14.10 28.09 -35.78
CA THR A 249 12.88 28.89 -35.73
C THR A 249 12.78 29.82 -36.92
N ILE A 250 11.54 30.12 -37.32
CA ILE A 250 11.28 31.24 -38.23
C ILE A 250 10.36 32.27 -37.59
N GLY A 251 10.27 32.26 -36.29
CA GLY A 251 9.53 33.27 -35.55
C GLY A 251 8.94 32.65 -34.30
N ASN A 252 8.76 33.50 -33.29
CA ASN A 252 7.99 33.29 -32.05
C ASN A 252 8.83 32.60 -30.97
N LEU A 253 10.10 32.29 -31.25
CA LEU A 253 10.94 31.71 -30.20
C LEU A 253 11.31 32.76 -29.16
N ILE A 254 11.12 32.40 -27.89
CA ILE A 254 11.65 33.14 -26.76
C ILE A 254 12.87 32.35 -26.31
N ALA A 255 14.06 32.80 -26.74
CA ALA A 255 15.25 31.98 -26.72
C ALA A 255 15.86 31.91 -25.31
N PRO A 256 16.53 30.82 -24.96
CA PRO A 256 17.26 30.78 -23.69
C PRO A 256 18.51 31.64 -23.77
N ARG A 257 19.04 31.98 -22.59
CA ARG A 257 20.30 32.70 -22.45
C ARG A 257 21.41 31.80 -21.92
N GLY A 258 21.15 30.51 -21.84
CA GLY A 258 22.05 29.56 -21.25
C GLY A 258 21.26 28.36 -20.78
N HIS A 259 21.75 27.74 -19.72
CA HIS A 259 21.12 26.52 -19.23
C HIS A 259 21.33 26.41 -17.74
N TYR A 260 20.46 25.66 -17.08
CA TYR A 260 20.70 25.33 -15.67
C TYR A 260 21.48 24.03 -15.55
N LYS A 261 22.32 23.96 -14.50
CA LYS A 261 23.01 22.72 -14.20
C LYS A 261 22.04 21.80 -13.46
N LEU A 262 22.00 20.55 -13.87
CA LEU A 262 21.26 19.52 -13.13
C LEU A 262 22.25 18.72 -12.27
N ASN A 263 21.95 18.59 -10.98
CA ASN A 263 22.66 17.64 -10.13
C ASN A 263 22.46 16.21 -10.62
N SER A 264 23.50 15.37 -10.46
CA SER A 264 23.34 13.97 -10.83
C SER A 264 22.50 13.21 -9.81
N GLN A 265 22.61 13.56 -8.53
CA GLN A 265 21.71 13.06 -7.52
C GLN A 265 20.67 14.14 -7.22
N LYS A 266 19.41 13.80 -7.46
CA LYS A 266 18.27 14.68 -7.24
C LYS A 266 17.66 14.29 -5.89
N LYS A 267 17.82 15.13 -4.88
CA LYS A 267 17.39 14.77 -3.52
C LYS A 267 16.51 15.83 -2.85
N SER A 268 16.18 16.92 -3.53
CA SER A 268 15.51 18.05 -2.91
C SER A 268 14.00 17.98 -3.14
N THR A 269 13.26 18.89 -2.50
CA THR A 269 11.83 18.95 -2.81
C THR A 269 11.31 20.35 -2.51
N ILE A 270 10.00 20.49 -2.61
CA ILE A 270 9.33 21.77 -2.50
C ILE A 270 8.20 21.61 -1.50
N LEU A 271 7.95 22.67 -0.75
CA LEU A 271 6.84 22.70 0.20
C LEU A 271 6.13 24.02 -0.01
N ASN A 272 4.82 23.98 -0.13
CA ASN A 272 4.02 25.17 -0.38
C ASN A 272 3.29 25.51 0.92
N THR A 273 3.73 26.58 1.59
CA THR A 273 3.11 26.94 2.86
C THR A 273 3.36 28.41 3.15
N ALA A 274 2.51 28.97 3.99
CA ALA A 274 2.67 30.33 4.47
C ALA A 274 3.42 30.39 5.81
N VAL A 275 3.85 29.25 6.36
CA VAL A 275 4.38 29.25 7.73
C VAL A 275 5.74 29.96 7.72
N PRO A 276 6.01 30.90 8.63
CA PRO A 276 7.30 31.58 8.62
C PRO A 276 8.45 30.64 8.97
N ILE A 277 9.64 31.00 8.51
CA ILE A 277 10.88 30.34 8.90
C ILE A 277 11.36 30.99 10.19
N GLY A 278 11.57 30.19 11.23
CA GLY A 278 12.05 30.72 12.49
C GLY A 278 13.50 30.37 12.71
N SER A 279 13.83 29.91 13.91
CA SER A 279 15.22 29.69 14.28
C SER A 279 15.39 28.39 15.06
N CYS A 280 14.38 27.54 15.06
CA CYS A 280 14.42 26.29 15.83
C CYS A 280 15.18 25.22 15.06
N VAL A 281 15.23 24.01 15.61
CA VAL A 281 15.93 22.89 14.97
C VAL A 281 14.95 21.73 14.85
N SER A 282 14.88 21.13 13.66
CA SER A 282 14.06 19.95 13.39
C SER A 282 14.32 19.44 11.98
N LYS A 283 14.35 18.13 11.80
CA LYS A 283 14.44 17.54 10.47
C LYS A 283 13.11 16.97 9.95
N CYS A 284 11.98 17.46 10.43
CA CYS A 284 10.69 17.06 9.88
C CYS A 284 9.82 18.29 9.74
N HIS A 285 9.36 18.56 8.50
CA HIS A 285 8.55 19.73 8.16
C HIS A 285 7.21 19.29 7.58
N THR A 286 6.15 20.00 7.94
CA THR A 286 4.85 19.87 7.30
C THR A 286 4.42 21.21 6.72
N ASP A 287 3.35 21.22 5.92
CA ASP A 287 2.76 22.49 5.48
C ASP A 287 2.18 23.29 6.63
N ARG A 288 2.10 22.70 7.81
CA ARG A 288 1.61 23.41 8.98
C ARG A 288 2.75 23.87 9.90
N GLY A 289 3.97 23.47 9.62
CA GLY A 289 5.11 23.80 10.45
C GLY A 289 5.90 22.55 10.79
N SER A 290 7.04 22.77 11.43
CA SER A 290 7.91 21.65 11.78
C SER A 290 7.32 20.88 12.94
N ILE A 291 7.81 19.65 13.12
CA ILE A 291 7.51 18.88 14.32
C ILE A 291 8.80 18.36 14.92
N THR A 292 8.89 18.41 16.24
CA THR A 292 9.99 17.84 16.99
C THR A 292 9.38 16.79 17.89
N THR A 293 9.67 15.52 17.61
CA THR A 293 8.98 14.44 18.31
C THR A 293 9.79 13.17 18.19
N THR A 294 9.57 12.29 19.15
CA THR A 294 10.05 10.92 19.10
C THR A 294 8.95 9.93 18.74
N LYS A 295 7.69 10.35 18.78
CA LYS A 295 6.58 9.46 18.48
C LYS A 295 6.68 8.94 17.04
N PRO A 296 6.24 7.71 16.79
CA PRO A 296 6.37 7.14 15.44
C PRO A 296 5.27 7.56 14.48
N PHE A 297 4.17 8.11 14.98
CA PHE A 297 3.05 8.49 14.14
C PHE A 297 2.70 9.93 14.43
N GLN A 298 1.92 10.52 13.54
CA GLN A 298 1.46 11.90 13.66
C GLN A 298 0.16 12.03 12.90
N ASN A 299 -0.72 12.88 13.40
CA ASN A 299 -1.96 13.18 12.69
C ASN A 299 -2.02 14.62 12.19
N ILE A 300 -0.85 15.26 12.04
CA ILE A 300 -0.78 16.69 11.72
C ILE A 300 -0.99 16.93 10.21
N SER A 301 -0.20 16.27 9.37
CA SER A 301 -0.40 16.48 7.95
C SER A 301 0.10 15.32 7.12
N ARG A 302 -0.70 15.02 6.10
CA ARG A 302 -0.31 14.27 4.91
C ARG A 302 1.02 14.74 4.34
N ILE A 303 1.24 16.04 4.33
CA ILE A 303 2.36 16.63 3.60
C ILE A 303 3.51 16.76 4.60
N SER A 304 4.46 15.83 4.54
CA SER A 304 5.59 15.85 5.46
C SER A 304 6.86 15.55 4.69
N ILE A 305 7.92 16.25 5.04
CA ILE A 305 9.21 16.17 4.38
C ILE A 305 10.29 16.03 5.44
N GLY A 306 11.21 15.11 5.21
CA GLY A 306 12.35 14.92 6.08
C GLY A 306 12.27 13.60 6.81
N ASP A 307 12.65 13.63 8.09
CA ASP A 307 12.70 12.45 8.96
C ASP A 307 11.45 12.53 9.82
N CYS A 308 10.36 11.95 9.33
CA CYS A 308 9.05 12.30 9.86
C CYS A 308 8.36 11.07 10.44
N PRO A 309 7.49 11.24 11.43
CA PRO A 309 6.60 10.14 11.81
C PRO A 309 5.62 9.85 10.69
N LYS A 310 5.04 8.64 10.73
CA LYS A 310 4.09 8.21 9.72
C LYS A 310 2.73 8.88 9.92
N TYR A 311 2.17 9.46 8.86
CA TYR A 311 0.87 10.10 8.95
C TYR A 311 -0.24 9.07 9.08
N VAL A 312 -1.09 9.18 10.10
CA VAL A 312 -2.22 8.29 10.29
C VAL A 312 -3.47 9.10 10.62
N LYS A 313 -4.63 8.44 10.50
CA LYS A 313 -5.94 9.05 10.77
C LYS A 313 -6.19 9.30 12.26
N GLN A 314 -5.73 8.41 13.13
CA GLN A 314 -6.11 8.46 14.54
C GLN A 314 -5.52 9.66 15.27
N GLY A 315 -6.34 10.30 16.10
CA GLY A 315 -5.85 11.33 16.99
C GLY A 315 -5.08 10.84 18.20
N SER A 316 -5.19 9.55 18.54
CA SER A 316 -4.59 9.05 19.77
C SER A 316 -4.41 7.54 19.71
N LEU A 317 -3.22 7.08 20.05
CA LEU A 317 -2.92 5.65 20.19
C LEU A 317 -1.99 5.52 21.38
N LYS A 318 -2.50 4.98 22.49
CA LYS A 318 -1.71 4.87 23.71
C LYS A 318 -1.10 3.47 23.85
N LEU A 319 0.22 3.42 23.87
CA LEU A 319 0.97 2.20 24.16
C LEU A 319 1.09 2.00 25.67
N ALA A 320 0.64 0.85 26.17
CA ALA A 320 0.83 0.55 27.58
C ALA A 320 2.31 0.34 27.91
N THR A 321 2.76 0.90 29.05
CA THR A 321 4.14 0.70 29.53
C THR A 321 4.17 0.21 30.98
N GLY A 322 3.06 -0.34 31.45
CA GLY A 322 3.00 -0.91 32.77
C GLY A 322 1.84 -1.87 32.81
N MET A 323 1.67 -2.46 33.99
CA MET A 323 0.68 -3.48 34.26
C MET A 323 -0.72 -2.87 34.41
N ARG A 324 -1.72 -3.74 34.57
CA ARG A 324 -3.06 -3.28 34.89
C ARG A 324 -3.04 -2.55 36.22
N ASN A 325 -3.85 -1.49 36.32
CA ASN A 325 -3.92 -0.68 37.53
C ASN A 325 -5.18 -1.04 38.31
N ILE A 326 -5.00 -1.56 39.51
CA ILE A 326 -6.11 -1.97 40.35
C ILE A 326 -5.87 -1.44 41.75
N PRO A 327 -6.33 -0.22 42.06
CA PRO A 327 -5.91 0.54 43.25
C PRO A 327 -6.59 0.11 44.56
N GLY B 1 -5.37 -11.02 32.48
CA GLY B 1 -4.21 -11.61 31.84
C GLY B 1 -4.38 -13.10 31.72
N LEU B 2 -3.45 -13.74 31.00
CA LEU B 2 -3.49 -15.19 30.83
C LEU B 2 -3.25 -15.95 32.13
N PHE B 3 -2.50 -15.37 33.07
CA PHE B 3 -2.07 -16.13 34.24
C PHE B 3 -2.98 -15.95 35.45
N GLY B 4 -3.87 -14.98 35.44
CA GLY B 4 -4.82 -14.83 36.51
C GLY B 4 -4.21 -14.45 37.84
N ALA B 5 -3.07 -13.76 37.81
CA ALA B 5 -2.41 -13.30 39.03
C ALA B 5 -2.82 -11.85 39.26
N ILE B 6 -2.34 -10.93 38.40
CA ILE B 6 -2.82 -9.56 38.45
C ILE B 6 -4.27 -9.56 38.00
N ALA B 7 -5.12 -8.79 38.69
CA ALA B 7 -6.55 -8.78 38.40
C ALA B 7 -7.14 -10.19 38.46
N GLY B 8 -6.64 -11.00 39.39
CA GLY B 8 -7.05 -12.39 39.50
C GLY B 8 -6.99 -12.87 40.93
N PHE B 9 -6.05 -13.78 41.25
CA PHE B 9 -6.04 -14.28 42.61
C PHE B 9 -5.37 -13.28 43.55
N ILE B 10 -4.59 -12.35 43.00
CA ILE B 10 -4.19 -11.16 43.73
C ILE B 10 -5.23 -10.10 43.41
N GLU B 11 -5.99 -9.68 44.44
CA GLU B 11 -7.24 -8.99 44.13
C GLU B 11 -7.03 -7.51 43.82
N ASN B 12 -5.98 -6.88 44.34
CA ASN B 12 -5.65 -5.50 43.96
C ASN B 12 -4.15 -5.30 44.05
N GLY B 13 -3.69 -4.13 43.60
CA GLY B 13 -2.32 -3.72 43.79
C GLY B 13 -2.17 -2.85 45.02
N TRP B 14 -0.92 -2.48 45.31
CA TRP B 14 -0.55 -1.73 46.50
C TRP B 14 -0.09 -0.33 46.10
N GLN B 15 -0.81 0.69 46.57
CA GLN B 15 -0.37 2.06 46.29
C GLN B 15 0.87 2.44 47.08
N GLY B 16 1.12 1.78 48.21
CA GLY B 16 2.28 2.12 49.01
C GLY B 16 3.59 1.60 48.47
N LEU B 17 3.55 0.64 47.54
CA LEU B 17 4.77 0.11 46.95
C LEU B 17 5.20 1.09 45.86
N ILE B 18 6.16 1.94 46.19
CA ILE B 18 6.60 3.02 45.30
C ILE B 18 8.00 2.82 44.76
N ASP B 19 8.78 1.86 45.27
CA ASP B 19 10.13 1.65 44.78
C ASP B 19 10.29 0.30 44.06
N GLY B 20 9.21 -0.19 43.48
CA GLY B 20 9.27 -1.38 42.63
C GLY B 20 7.93 -1.63 42.00
N TRP B 21 7.94 -2.52 41.02
CA TRP B 21 6.68 -2.95 40.44
C TRP B 21 6.09 -4.14 41.19
N TYR B 22 6.93 -4.99 41.78
CA TYR B 22 6.49 -6.17 42.54
C TYR B 22 7.18 -6.21 43.89
N GLY B 23 6.50 -6.79 44.89
CA GLY B 23 7.13 -6.84 46.20
C GLY B 23 6.50 -7.81 47.18
N PHE B 24 7.06 -7.80 48.40
CA PHE B 24 6.66 -8.65 49.51
C PHE B 24 6.10 -7.79 50.62
N ARG B 25 5.02 -8.27 51.22
CA ARG B 25 4.48 -7.75 52.46
C ARG B 25 4.46 -8.90 53.46
N HIS B 26 4.88 -8.65 54.68
CA HIS B 26 4.92 -9.72 55.67
C HIS B 26 4.37 -9.25 56.99
N GLN B 27 3.89 -10.23 57.77
CA GLN B 27 3.58 -10.09 59.19
C GLN B 27 4.19 -11.26 59.95
N ASN B 28 4.99 -10.94 60.97
CA ASN B 28 5.48 -11.93 61.92
C ASN B 28 5.35 -11.38 63.34
N ALA B 29 5.91 -12.10 64.32
CA ALA B 29 5.86 -11.66 65.70
C ALA B 29 6.43 -10.27 65.88
N GLU B 30 7.47 -9.92 65.13
CA GLU B 30 8.10 -8.64 65.37
C GLU B 30 7.38 -7.50 64.67
N GLY B 31 6.46 -7.76 63.74
CA GLY B 31 5.72 -6.69 63.12
C GLY B 31 5.44 -6.97 61.66
N THR B 32 5.14 -5.90 60.91
CA THR B 32 4.86 -5.97 59.48
C THR B 32 5.94 -5.23 58.69
N GLY B 33 5.89 -5.45 57.38
CA GLY B 33 6.82 -4.75 56.51
C GLY B 33 6.51 -4.99 55.05
N THR B 34 7.16 -4.20 54.22
CA THR B 34 6.98 -4.25 52.77
C THR B 34 8.33 -3.94 52.15
N ALA B 35 8.74 -4.73 51.18
CA ALA B 35 9.94 -4.43 50.41
C ALA B 35 9.72 -4.78 48.95
N ALA B 36 10.44 -4.10 48.07
CA ALA B 36 10.32 -4.35 46.65
C ALA B 36 11.17 -5.55 46.25
N ASP B 37 10.76 -6.24 45.18
CA ASP B 37 11.55 -7.32 44.59
C ASP B 37 12.22 -6.77 43.33
N LEU B 38 13.56 -6.68 43.35
CA LEU B 38 14.25 -6.00 42.27
C LEU B 38 14.30 -6.84 41.01
N LYS B 39 14.42 -8.17 41.13
CA LYS B 39 14.67 -8.98 39.93
C LYS B 39 13.43 -9.02 39.04
N SER B 40 12.27 -9.29 39.62
CA SER B 40 11.03 -9.31 38.84
C SER B 40 10.73 -7.93 38.24
N THR B 41 10.91 -6.88 39.05
CA THR B 41 10.65 -5.53 38.57
C THR B 41 11.56 -5.20 37.39
N GLN B 42 12.84 -5.54 37.48
CA GLN B 42 13.77 -5.19 36.42
C GLN B 42 13.51 -6.00 35.14
N THR B 43 13.12 -7.27 35.27
CA THR B 43 12.85 -8.05 34.06
C THR B 43 11.62 -7.50 33.34
N ALA B 44 10.59 -7.10 34.10
CA ALA B 44 9.40 -6.55 33.42
C ALA B 44 9.70 -5.19 32.78
N ILE B 45 10.46 -4.33 33.48
CA ILE B 45 10.84 -3.05 32.90
C ILE B 45 11.67 -3.25 31.64
N ASP B 46 12.61 -4.20 31.64
CA ASP B 46 13.45 -4.39 30.47
C ASP B 46 12.65 -4.86 29.27
N GLN B 47 11.69 -5.78 29.47
CA GLN B 47 10.87 -6.22 28.35
C GLN B 47 10.04 -5.06 27.77
N ILE B 48 9.47 -4.23 28.64
CA ILE B 48 8.65 -3.13 28.13
C ILE B 48 9.49 -2.09 27.39
N ASN B 49 10.64 -1.70 27.97
CA ASN B 49 11.55 -0.80 27.29
C ASN B 49 12.04 -1.37 25.97
N GLY B 50 12.13 -2.70 25.85
CA GLY B 50 12.47 -3.29 24.57
C GLY B 50 11.43 -3.00 23.50
N LYS B 51 10.14 -3.09 23.87
CA LYS B 51 9.13 -2.74 22.85
C LYS B 51 9.20 -1.25 22.51
N LEU B 52 9.41 -0.42 23.53
CA LEU B 52 9.61 1.01 23.27
C LEU B 52 10.77 1.24 22.29
N ASN B 53 11.90 0.58 22.53
CA ASN B 53 13.05 0.65 21.64
C ASN B 53 12.68 0.29 20.21
N ARG B 54 11.88 -0.76 20.04
CA ARG B 54 11.48 -1.18 18.71
C ARG B 54 10.61 -0.14 18.01
N LEU B 55 9.90 0.69 18.77
CA LEU B 55 9.04 1.66 18.08
C LEU B 55 9.73 3.00 17.82
N ILE B 56 10.26 3.64 18.86
CA ILE B 56 11.04 4.87 18.66
C ILE B 56 12.41 4.50 18.09
N GLU B 57 12.40 4.06 16.82
CA GLU B 57 13.57 3.65 16.06
C GLU B 57 13.25 4.13 14.64
N LYS B 58 13.39 5.43 14.39
CA LYS B 58 12.67 5.89 13.19
C LYS B 58 13.52 5.98 11.95
N THR B 59 13.00 5.28 10.97
CA THR B 59 13.57 4.90 9.69
C THR B 59 12.38 5.10 8.75
N ASN B 60 12.32 6.29 8.16
CA ASN B 60 11.22 6.79 7.35
C ASN B 60 11.60 8.20 6.88
N GLU B 61 12.57 8.29 5.97
CA GLU B 61 13.13 9.57 5.54
C GLU B 61 12.81 9.78 4.07
N LYS B 62 11.89 10.72 3.78
CA LYS B 62 11.37 10.96 2.44
C LYS B 62 11.51 12.44 2.09
N TYR B 63 11.92 12.73 0.85
CA TYR B 63 12.04 14.11 0.42
C TYR B 63 11.02 14.35 -0.69
N HIS B 64 11.35 14.09 -1.94
CA HIS B 64 10.44 14.40 -3.05
C HIS B 64 9.44 13.26 -3.20
N GLN B 65 8.16 13.59 -3.08
CA GLN B 65 7.08 12.61 -3.05
C GLN B 65 6.13 12.91 -4.19
N ILE B 66 4.84 13.08 -3.90
CA ILE B 66 3.85 13.54 -4.88
C ILE B 66 3.13 14.73 -4.27
N GLU B 67 2.41 15.47 -5.14
CA GLU B 67 1.47 16.47 -4.63
C GLU B 67 0.34 15.74 -3.88
N LYS B 68 -0.11 16.37 -2.78
CA LYS B 68 -1.17 15.79 -1.97
C LYS B 68 -2.42 16.65 -1.78
N GLU B 69 -2.43 17.93 -2.18
CA GLU B 69 -3.73 18.59 -2.28
C GLU B 69 -3.67 19.52 -3.51
N PHE B 70 -4.87 19.86 -3.98
CA PHE B 70 -5.18 20.33 -5.34
C PHE B 70 -6.22 21.41 -5.21
N GLU B 71 -6.04 22.49 -5.94
CA GLU B 71 -7.03 23.55 -5.80
C GLU B 71 -8.36 23.13 -6.43
N GLN B 72 -8.34 22.65 -7.68
CA GLN B 72 -9.53 22.12 -8.35
C GLN B 72 -9.30 20.79 -9.06
N VAL B 73 -10.39 20.05 -9.24
CA VAL B 73 -10.55 18.95 -10.20
C VAL B 73 -9.72 19.11 -11.47
N GLU B 74 -9.12 18.01 -11.90
CA GLU B 74 -8.26 17.93 -13.08
C GLU B 74 -8.46 16.65 -13.87
N GLY B 75 -8.93 15.56 -13.26
CA GLY B 75 -9.28 14.36 -13.99
C GLY B 75 -8.45 13.16 -13.52
N ARG B 76 -7.96 12.41 -14.50
CA ARG B 76 -7.49 11.04 -14.31
C ARG B 76 -6.25 10.96 -13.41
N ILE B 77 -5.24 11.80 -13.68
CA ILE B 77 -4.00 11.63 -12.94
C ILE B 77 -4.16 12.14 -11.52
N GLN B 78 -4.93 13.21 -11.34
CA GLN B 78 -5.22 13.66 -9.98
C GLN B 78 -6.00 12.60 -9.21
N ASP B 79 -6.97 11.95 -9.86
CA ASP B 79 -7.68 10.86 -9.18
C ASP B 79 -6.72 9.78 -8.74
N LEU B 80 -5.77 9.42 -9.60
CA LEU B 80 -4.81 8.40 -9.22
C LEU B 80 -3.92 8.84 -8.06
N GLU B 81 -3.51 10.11 -8.05
CA GLU B 81 -2.66 10.60 -6.98
C GLU B 81 -3.40 10.59 -5.65
N LYS B 82 -4.63 11.09 -5.63
CA LYS B 82 -5.45 10.99 -4.41
C LYS B 82 -5.64 9.54 -3.98
N TYR B 83 -5.90 8.64 -4.92
CA TYR B 83 -6.17 7.27 -4.51
C TYR B 83 -4.94 6.59 -3.93
N VAL B 84 -3.77 6.80 -4.54
CA VAL B 84 -2.53 6.25 -4.00
C VAL B 84 -2.29 6.76 -2.58
N GLU B 85 -2.45 8.08 -2.38
CA GLU B 85 -2.14 8.57 -1.05
C GLU B 85 -3.16 8.09 -0.02
N ASP B 86 -4.44 7.99 -0.39
CA ASP B 86 -5.45 7.57 0.57
C ASP B 86 -5.34 6.07 0.89
N THR B 87 -4.84 5.29 -0.07
CA THR B 87 -4.57 3.87 0.15
C THR B 87 -3.42 3.70 1.12
N LYS B 88 -2.36 4.49 0.92
CA LYS B 88 -1.23 4.47 1.83
C LYS B 88 -1.65 4.82 3.25
N ILE B 89 -2.45 5.89 3.39
CA ILE B 89 -2.84 6.33 4.73
C ILE B 89 -3.70 5.28 5.43
N ASP B 90 -4.59 4.65 4.68
CA ASP B 90 -5.44 3.65 5.30
C ASP B 90 -4.64 2.44 5.76
N LEU B 91 -3.65 2.02 4.97
CA LEU B 91 -2.84 0.88 5.37
C LEU B 91 -1.96 1.20 6.57
N TRP B 92 -1.35 2.40 6.59
CA TRP B 92 -0.52 2.77 7.73
C TRP B 92 -1.36 2.91 9.00
N SER B 93 -2.59 3.44 8.87
CA SER B 93 -3.44 3.59 10.05
C SER B 93 -3.86 2.24 10.59
N TYR B 94 -4.12 1.29 9.68
CA TYR B 94 -4.40 -0.07 10.12
C TYR B 94 -3.22 -0.65 10.86
N ASN B 95 -1.99 -0.42 10.36
CA ASN B 95 -0.82 -0.97 11.06
C ASN B 95 -0.67 -0.35 12.44
N ALA B 96 -0.86 0.96 12.55
CA ALA B 96 -0.71 1.60 13.87
C ALA B 96 -1.72 1.02 14.85
N GLU B 97 -2.97 0.85 14.41
CA GLU B 97 -4.02 0.37 15.30
C GLU B 97 -3.72 -1.05 15.76
N LEU B 98 -3.34 -1.92 14.82
CA LEU B 98 -3.10 -3.31 15.16
C LEU B 98 -1.85 -3.46 16.03
N LEU B 99 -0.79 -2.70 15.72
CA LEU B 99 0.42 -2.75 16.52
C LEU B 99 0.15 -2.42 17.97
N VAL B 100 -0.56 -1.31 18.22
CA VAL B 100 -0.76 -0.94 19.62
C VAL B 100 -1.69 -1.94 20.32
N ALA B 101 -2.73 -2.43 19.64
CA ALA B 101 -3.59 -3.44 20.26
C ALA B 101 -2.81 -4.70 20.64
N LEU B 102 -2.00 -5.22 19.70
CA LEU B 102 -1.20 -6.42 19.95
C LEU B 102 -0.22 -6.19 21.08
N GLU B 103 0.54 -5.09 20.99
CA GLU B 103 1.55 -4.80 22.00
C GLU B 103 0.92 -4.69 23.38
N ASN B 104 -0.23 -4.04 23.50
CA ASN B 104 -0.82 -3.87 24.81
C ASN B 104 -1.33 -5.19 25.36
N GLN B 105 -2.03 -5.99 24.53
CA GLN B 105 -2.36 -7.35 24.99
C GLN B 105 -1.13 -8.05 25.56
N HIS B 106 -0.02 -8.02 24.79
CA HIS B 106 1.17 -8.74 25.22
C HIS B 106 1.80 -8.11 26.47
N THR B 107 1.74 -6.79 26.61
CA THR B 107 2.36 -6.16 27.77
C THR B 107 1.63 -6.53 29.05
N ILE B 108 0.29 -6.54 28.97
CA ILE B 108 -0.51 -6.94 30.11
C ILE B 108 -0.20 -8.38 30.49
N ASP B 109 -0.10 -9.27 29.48
CA ASP B 109 0.26 -10.66 29.77
C ASP B 109 1.67 -10.78 30.37
N VAL B 110 2.65 -10.04 29.84
CA VAL B 110 4.01 -10.10 30.36
C VAL B 110 4.06 -9.71 31.84
N THR B 111 3.38 -8.62 32.21
CA THR B 111 3.43 -8.20 33.60
C THR B 111 2.69 -9.19 34.52
N ASP B 112 1.58 -9.76 34.03
CA ASP B 112 0.86 -10.76 34.81
C ASP B 112 1.72 -12.01 35.00
N SER B 113 2.41 -12.40 33.94
CA SER B 113 3.35 -13.52 34.00
C SER B 113 4.47 -13.27 34.99
N GLU B 114 5.01 -12.05 35.05
CA GLU B 114 6.07 -11.78 36.02
C GLU B 114 5.55 -11.85 37.45
N MET B 115 4.34 -11.34 37.70
CA MET B 115 3.72 -11.54 39.00
C MET B 115 3.69 -13.03 39.37
N ASN B 116 3.22 -13.85 38.43
CA ASN B 116 3.07 -15.28 38.71
C ASN B 116 4.43 -15.95 38.91
N LYS B 117 5.45 -15.58 38.13
CA LYS B 117 6.76 -16.17 38.33
C LYS B 117 7.34 -15.82 39.69
N LEU B 118 7.09 -14.61 40.21
CA LEU B 118 7.56 -14.28 41.56
C LEU B 118 6.88 -15.18 42.58
N PHE B 119 5.57 -15.33 42.44
CA PHE B 119 4.81 -16.17 43.36
C PHE B 119 5.32 -17.61 43.36
N GLU B 120 5.61 -18.14 42.17
CA GLU B 120 6.05 -19.53 42.06
C GLU B 120 7.48 -19.71 42.56
N ARG B 121 8.34 -18.70 42.38
CA ARG B 121 9.68 -18.76 42.97
C ARG B 121 9.60 -18.89 44.49
N VAL B 122 8.80 -18.03 45.13
CA VAL B 122 8.70 -18.10 46.59
C VAL B 122 8.11 -19.42 47.04
N ARG B 123 7.07 -19.89 46.35
CA ARG B 123 6.50 -21.20 46.64
C ARG B 123 7.57 -22.28 46.65
N ARG B 124 8.39 -22.33 45.60
CA ARG B 124 9.42 -23.35 45.53
C ARG B 124 10.45 -23.19 46.64
N GLN B 125 10.74 -21.97 47.06
CA GLN B 125 11.64 -21.78 48.20
C GLN B 125 11.05 -22.37 49.49
N LEU B 126 9.77 -22.12 49.73
CA LEU B 126 9.13 -22.51 50.98
C LEU B 126 8.96 -24.01 51.11
N ARG B 127 8.91 -24.74 49.99
CA ARG B 127 8.81 -26.22 49.99
C ARG B 127 7.60 -26.61 50.85
N GLU B 128 7.76 -27.48 51.85
CA GLU B 128 6.65 -27.97 52.65
C GLU B 128 6.39 -27.12 53.90
N ASN B 129 7.07 -25.96 54.01
CA ASN B 129 7.02 -25.17 55.23
C ASN B 129 5.90 -24.15 55.25
N ALA B 130 5.18 -23.98 54.15
CA ALA B 130 4.16 -22.95 54.05
C ALA B 130 3.04 -23.45 53.15
N GLU B 131 1.88 -22.79 53.25
CA GLU B 131 0.75 -23.09 52.39
C GLU B 131 0.23 -21.81 51.74
N ASP B 132 -0.17 -21.94 50.48
CA ASP B 132 -0.77 -20.86 49.69
C ASP B 132 -2.18 -20.61 50.20
N LYS B 133 -2.41 -19.42 50.77
CA LYS B 133 -3.72 -19.04 51.31
C LYS B 133 -4.74 -18.71 50.23
N GLY B 134 -4.32 -18.49 48.99
CA GLY B 134 -5.23 -18.32 47.86
C GLY B 134 -5.35 -16.91 47.32
N ASN B 135 -4.61 -15.94 47.88
CA ASN B 135 -4.74 -14.52 47.57
C ASN B 135 -3.37 -13.89 47.38
N GLY B 136 -2.39 -14.66 46.94
CA GLY B 136 -1.03 -14.19 46.85
C GLY B 136 -0.21 -14.27 48.12
N CYS B 137 -0.74 -14.88 49.19
CA CYS B 137 -0.07 -14.92 50.48
C CYS B 137 0.23 -16.37 50.86
N PHE B 138 1.35 -16.56 51.54
CA PHE B 138 1.72 -17.85 52.10
C PHE B 138 1.61 -17.74 53.61
N GLU B 139 0.89 -18.70 54.22
CA GLU B 139 0.94 -18.91 55.67
C GLU B 139 2.15 -19.79 56.01
N ILE B 140 3.08 -19.27 56.82
CA ILE B 140 4.32 -19.96 57.15
C ILE B 140 4.17 -20.64 58.50
N PHE B 141 4.56 -21.92 58.57
CA PHE B 141 4.21 -22.75 59.70
C PHE B 141 5.36 -22.90 60.70
N HIS B 142 6.27 -21.94 60.71
CA HIS B 142 7.29 -21.80 61.73
C HIS B 142 7.46 -20.31 62.00
N GLN B 143 7.94 -20.00 63.20
CA GLN B 143 8.34 -18.63 63.49
C GLN B 143 9.45 -18.22 62.51
N CYS B 144 9.40 -16.95 62.10
CA CYS B 144 10.30 -16.44 61.04
C CYS B 144 10.53 -14.97 61.38
N ASP B 145 11.60 -14.71 62.12
CA ASP B 145 11.95 -13.34 62.51
C ASP B 145 12.36 -12.53 61.27
N ASN B 146 12.79 -11.28 61.50
CA ASN B 146 13.06 -10.39 60.37
C ASN B 146 14.17 -10.93 59.45
N ASN B 147 15.20 -11.55 60.03
CA ASN B 147 16.27 -12.13 59.23
C ASN B 147 15.76 -13.27 58.35
N CYS B 148 14.83 -14.08 58.87
CA CYS B 148 14.33 -15.20 58.08
C CYS B 148 13.40 -14.69 56.96
N ILE B 149 12.62 -13.63 57.24
CA ILE B 149 11.85 -12.99 56.19
C ILE B 149 12.77 -12.49 55.09
N GLU B 150 13.85 -11.80 55.47
CA GLU B 150 14.76 -11.27 54.45
C GLU B 150 15.42 -12.40 53.67
N SER B 151 15.71 -13.53 54.34
CA SER B 151 16.25 -14.71 53.64
C SER B 151 15.28 -15.22 52.58
N ILE B 152 13.97 -15.15 52.86
CA ILE B 152 13.01 -15.50 51.82
C ILE B 152 13.06 -14.48 50.69
N ARG B 153 13.11 -13.20 51.03
CA ARG B 153 13.17 -12.17 50.01
C ARG B 153 14.44 -12.25 49.18
N ASN B 154 15.59 -12.50 49.80
CA ASN B 154 16.84 -12.50 49.04
C ASN B 154 17.28 -13.88 48.58
N GLY B 155 16.39 -14.89 48.66
CA GLY B 155 16.63 -16.19 48.08
C GLY B 155 17.66 -17.06 48.76
N THR B 156 17.90 -16.86 50.06
CA THR B 156 18.83 -17.69 50.81
C THR B 156 18.11 -18.47 51.93
N TYR B 157 16.79 -18.58 51.86
CA TYR B 157 16.04 -19.33 52.87
C TYR B 157 16.32 -20.82 52.70
N ASP B 158 16.72 -21.49 53.77
CA ASP B 158 17.00 -22.92 53.74
C ASP B 158 15.82 -23.61 54.42
N HIS B 159 14.97 -24.24 53.61
CA HIS B 159 13.76 -24.88 54.12
C HIS B 159 14.06 -26.00 55.12
N ASP B 160 15.21 -26.67 54.94
CA ASP B 160 15.56 -27.80 55.77
C ASP B 160 15.77 -27.40 57.23
N ILE B 161 16.17 -26.17 57.49
CA ILE B 161 16.38 -25.72 58.87
C ILE B 161 15.07 -25.77 59.64
N TYR B 162 13.96 -25.44 58.98
CA TYR B 162 12.67 -25.29 59.63
C TYR B 162 11.69 -26.42 59.36
N ARG B 163 12.04 -27.38 58.50
CA ARG B 163 11.05 -28.32 57.99
C ARG B 163 10.38 -29.11 59.12
N ASP B 164 11.13 -29.54 60.13
CA ASP B 164 10.53 -30.39 61.15
C ASP B 164 9.48 -29.62 61.97
N GLU B 165 9.86 -28.43 62.44
CA GLU B 165 8.92 -27.50 63.04
C GLU B 165 7.67 -27.31 62.19
N ALA B 166 7.87 -26.95 60.91
CA ALA B 166 6.73 -26.55 60.09
C ALA B 166 5.80 -27.72 59.84
N ILE B 167 6.36 -28.89 59.49
CA ILE B 167 5.52 -30.04 59.20
C ILE B 167 4.72 -30.44 60.43
N ASN B 168 5.35 -30.41 61.62
CA ASN B 168 4.61 -30.70 62.83
C ASN B 168 3.47 -29.69 63.06
N ASN B 169 3.71 -28.41 62.79
CA ASN B 169 2.62 -27.43 62.95
C ASN B 169 1.53 -27.64 61.91
N ARG B 170 1.92 -27.94 60.66
CA ARG B 170 0.96 -28.10 59.57
C ARG B 170 -0.01 -29.23 59.85
N PHE B 171 0.50 -30.37 60.32
CA PHE B 171 -0.33 -31.57 60.39
C PHE B 171 -0.61 -32.03 61.81
N GLN B 172 -0.03 -31.38 62.82
CA GLN B 172 -0.15 -31.83 64.21
C GLN B 172 0.30 -33.27 64.40
N ILE B 173 1.61 -33.48 64.46
CA ILE B 173 2.11 -34.79 64.86
C ILE B 173 3.13 -34.60 65.97
N TYR C 8 -15.69 -46.05 43.29
CA TYR C 8 -15.85 -44.72 43.86
C TYR C 8 -15.01 -44.56 45.15
N THR C 9 -14.70 -45.67 45.83
CA THR C 9 -13.89 -45.66 47.06
C THR C 9 -14.51 -44.89 48.22
N GLY C 10 -15.32 -43.87 47.94
CA GLY C 10 -15.97 -43.13 49.02
C GLY C 10 -15.33 -41.82 49.40
N ASN C 11 -14.29 -41.38 48.70
CA ASN C 11 -13.88 -39.99 48.74
C ASN C 11 -14.59 -39.24 47.63
N PRO C 12 -15.32 -38.17 47.92
CA PRO C 12 -15.96 -37.38 46.86
C PRO C 12 -14.95 -36.90 45.83
N VAL C 13 -15.42 -36.76 44.59
CA VAL C 13 -14.63 -36.26 43.48
C VAL C 13 -15.34 -35.06 42.87
N ILE C 14 -14.58 -34.00 42.58
CA ILE C 14 -15.03 -32.88 41.76
C ILE C 14 -14.11 -32.74 40.56
N CYS C 15 -14.71 -32.69 39.37
CA CYS C 15 -14.01 -32.56 38.10
C CYS C 15 -14.36 -31.21 37.50
N LEU C 16 -13.35 -30.51 37.03
CA LEU C 16 -13.57 -29.29 36.27
C LEU C 16 -13.47 -29.65 34.80
N GLY C 17 -14.34 -29.06 34.00
CA GLY C 17 -14.29 -29.33 32.58
C GLY C 17 -14.83 -28.21 31.71
N HIS C 18 -15.05 -28.50 30.43
CA HIS C 18 -15.47 -27.51 29.45
C HIS C 18 -16.40 -28.18 28.46
N HIS C 19 -17.18 -27.36 27.75
CA HIS C 19 -18.21 -27.94 26.91
C HIS C 19 -17.59 -28.43 25.60
N ALA C 20 -18.42 -29.09 24.81
CA ALA C 20 -18.02 -29.57 23.49
C ALA C 20 -19.30 -29.83 22.71
N VAL C 21 -19.15 -29.95 21.40
CA VAL C 21 -20.27 -30.22 20.51
C VAL C 21 -19.87 -31.40 19.62
N PRO C 22 -20.85 -32.08 19.00
CA PRO C 22 -20.49 -33.20 18.12
C PRO C 22 -19.51 -32.82 17.02
N ASN C 23 -19.81 -31.78 16.24
CA ASN C 23 -18.91 -31.33 15.18
C ASN C 23 -18.77 -29.81 15.20
N GLY C 24 -17.53 -29.35 15.21
CA GLY C 24 -17.23 -27.93 15.27
C GLY C 24 -16.90 -27.33 13.90
N THR C 25 -16.20 -26.20 13.94
CA THR C 25 -15.72 -25.48 12.78
C THR C 25 -14.19 -25.49 12.79
N MET C 26 -13.59 -25.70 11.62
CA MET C 26 -12.13 -25.66 11.50
C MET C 26 -11.64 -24.25 11.18
N VAL C 27 -10.58 -23.83 11.87
CA VAL C 27 -10.02 -22.48 11.72
C VAL C 27 -8.52 -22.59 11.51
N LYS C 28 -7.92 -21.45 11.10
CA LYS C 28 -6.48 -21.35 10.90
C LYS C 28 -5.87 -20.58 12.06
N THR C 29 -4.66 -20.96 12.42
CA THR C 29 -3.90 -20.28 13.46
C THR C 29 -2.49 -20.09 12.92
N LEU C 30 -1.62 -19.46 13.74
CA LEU C 30 -0.23 -19.32 13.34
C LEU C 30 0.46 -20.67 13.19
N THR C 31 0.06 -21.67 14.00
CA THR C 31 0.78 -22.93 14.05
C THR C 31 0.06 -24.10 13.40
N ASP C 32 -1.23 -23.99 13.10
CA ASP C 32 -1.96 -25.08 12.49
C ASP C 32 -2.79 -24.55 11.33
N ASP C 33 -2.79 -25.26 10.21
CA ASP C 33 -3.59 -24.79 9.09
C ASP C 33 -5.09 -24.99 9.37
N GLN C 34 -5.46 -26.09 10.01
CA GLN C 34 -6.86 -26.40 10.30
C GLN C 34 -6.94 -27.07 11.66
N ILE C 35 -7.59 -26.41 12.62
CA ILE C 35 -7.82 -27.01 13.93
C ILE C 35 -9.24 -26.70 14.36
N GLU C 36 -9.87 -27.65 15.07
CA GLU C 36 -11.30 -27.61 15.35
C GLU C 36 -11.62 -26.79 16.60
N VAL C 37 -12.61 -25.91 16.48
CA VAL C 37 -13.13 -25.11 17.58
C VAL C 37 -14.65 -25.23 17.59
N VAL C 38 -15.25 -24.83 18.72
CA VAL C 38 -16.69 -25.04 18.94
C VAL C 38 -17.53 -24.17 18.00
N THR C 39 -17.24 -22.87 17.94
CA THR C 39 -17.94 -21.95 17.06
C THR C 39 -16.93 -21.08 16.34
N ALA C 40 -17.27 -20.70 15.11
CA ALA C 40 -16.48 -19.72 14.37
C ALA C 40 -17.41 -18.75 13.66
N GLN C 41 -16.83 -17.70 13.13
CA GLN C 41 -17.58 -16.78 12.32
C GLN C 41 -16.83 -16.37 11.08
N GLU C 42 -17.53 -16.39 9.95
CA GLU C 42 -16.95 -16.11 8.66
C GLU C 42 -16.78 -14.61 8.52
N LEU C 43 -15.60 -14.19 8.09
CA LEU C 43 -15.27 -12.78 7.99
C LEU C 43 -15.27 -12.25 6.56
N VAL C 44 -15.43 -13.12 5.56
CA VAL C 44 -15.41 -12.73 4.15
C VAL C 44 -16.83 -12.84 3.61
N GLU C 45 -17.42 -11.70 3.28
CA GLU C 45 -18.69 -11.72 2.57
C GLU C 45 -18.52 -12.21 1.13
N SER C 46 -19.29 -13.23 0.76
CA SER C 46 -19.27 -13.78 -0.60
C SER C 46 -20.58 -13.60 -1.34
N GLN C 47 -21.66 -13.20 -0.67
CA GLN C 47 -22.99 -13.12 -1.28
C GLN C 47 -23.35 -11.67 -1.51
N HIS C 48 -24.01 -11.41 -2.64
CA HIS C 48 -24.48 -10.08 -3.00
C HIS C 48 -25.92 -10.18 -3.45
N LEU C 49 -26.65 -9.08 -3.30
CA LEU C 49 -27.99 -8.98 -3.88
C LEU C 49 -27.90 -8.85 -5.40
N PRO C 50 -28.93 -9.32 -6.14
CA PRO C 50 -28.91 -9.18 -7.60
C PRO C 50 -29.46 -7.84 -8.04
N GLU C 51 -29.52 -6.88 -7.12
CA GLU C 51 -30.09 -5.57 -7.33
C GLU C 51 -29.13 -4.50 -6.79
N LEU C 52 -29.26 -3.29 -7.30
CA LEU C 52 -28.72 -2.13 -6.61
C LEU C 52 -29.81 -1.51 -5.76
N CYS C 53 -29.46 -1.13 -4.54
CA CYS C 53 -30.45 -0.62 -3.61
C CYS C 53 -30.50 0.91 -3.69
N PRO C 54 -31.68 1.50 -3.86
CA PRO C 54 -31.80 2.95 -4.08
C PRO C 54 -31.82 3.79 -2.82
N SER C 55 -31.57 3.21 -1.65
CA SER C 55 -31.48 3.88 -0.36
C SER C 55 -30.30 3.31 0.41
N PRO C 56 -29.63 4.11 1.25
CA PRO C 56 -29.77 5.55 1.47
C PRO C 56 -29.07 6.46 0.43
N LEU C 57 -28.19 5.90 -0.39
CA LEU C 57 -27.48 6.69 -1.39
C LEU C 57 -28.37 7.00 -2.58
N ARG C 58 -28.25 8.21 -3.12
CA ARG C 58 -29.04 8.63 -4.28
C ARG C 58 -28.43 8.07 -5.56
N LEU C 59 -29.16 7.20 -6.23
CA LEU C 59 -28.72 6.58 -7.48
C LEU C 59 -29.47 7.19 -8.64
N VAL C 60 -28.74 7.63 -9.67
CA VAL C 60 -29.34 8.08 -10.92
C VAL C 60 -28.98 7.09 -12.01
N ASP C 61 -29.99 6.58 -12.71
CA ASP C 61 -29.81 5.62 -13.79
C ASP C 61 -29.69 6.37 -15.11
N GLY C 62 -28.57 6.19 -15.79
CA GLY C 62 -28.36 6.83 -17.09
C GLY C 62 -29.24 6.25 -18.17
N GLN C 63 -29.75 5.03 -17.97
CA GLN C 63 -30.56 4.31 -18.95
C GLN C 63 -29.74 4.23 -20.24
N THR C 64 -30.18 4.77 -21.36
CA THR C 64 -29.39 4.62 -22.58
C THR C 64 -28.34 5.71 -22.77
N CYS C 65 -28.17 6.62 -21.79
CA CYS C 65 -27.21 7.70 -21.89
C CYS C 65 -26.02 7.53 -20.95
N ASP C 66 -24.82 7.44 -21.53
CA ASP C 66 -23.53 7.82 -20.94
C ASP C 66 -23.59 9.01 -20.00
N ILE C 67 -22.62 9.17 -19.10
CA ILE C 67 -22.58 10.44 -18.38
C ILE C 67 -22.14 11.57 -19.30
N VAL C 68 -21.25 11.27 -20.25
CA VAL C 68 -20.75 12.30 -21.14
C VAL C 68 -21.86 12.78 -22.09
N ASN C 69 -22.54 11.84 -22.75
CA ASN C 69 -23.72 12.19 -23.55
C ASN C 69 -24.79 12.91 -22.72
N GLY C 70 -24.94 12.56 -21.45
CA GLY C 70 -25.88 13.28 -20.61
C GLY C 70 -25.47 14.73 -20.40
N ALA C 71 -24.16 14.99 -20.29
CA ALA C 71 -23.70 16.36 -20.15
C ALA C 71 -23.89 17.16 -21.44
N LEU C 72 -23.60 16.53 -22.58
CA LEU C 72 -23.76 17.23 -23.85
C LEU C 72 -25.23 17.42 -24.19
N GLY C 73 -26.12 16.61 -23.63
CA GLY C 73 -27.53 16.75 -23.96
C GLY C 73 -27.90 16.06 -25.26
N SER C 74 -27.44 14.83 -25.44
CA SER C 74 -27.79 14.04 -26.60
C SER C 74 -29.26 13.64 -26.52
N PRO C 75 -29.88 13.30 -27.66
CA PRO C 75 -31.30 12.90 -27.67
C PRO C 75 -31.86 12.05 -26.54
N GLY C 76 -31.25 10.93 -26.17
CA GLY C 76 -31.96 10.13 -25.19
C GLY C 76 -31.79 10.55 -23.73
N CYS C 77 -31.36 11.80 -23.48
CA CYS C 77 -30.79 12.17 -22.19
C CYS C 77 -31.59 13.24 -21.43
N ASP C 78 -32.80 13.61 -21.89
CA ASP C 78 -33.50 14.72 -21.25
C ASP C 78 -33.83 14.44 -19.80
N HIS C 79 -34.06 13.17 -19.45
CA HIS C 79 -34.36 12.77 -18.08
C HIS C 79 -33.22 13.04 -17.10
N LEU C 80 -32.03 13.40 -17.59
CA LEU C 80 -30.92 13.69 -16.70
C LEU C 80 -30.75 15.18 -16.44
N ASN C 81 -31.48 16.04 -17.15
CA ASN C 81 -31.51 17.48 -16.84
C ASN C 81 -31.87 17.73 -15.37
N GLY C 82 -30.98 18.39 -14.64
CA GLY C 82 -31.26 18.73 -13.26
C GLY C 82 -30.99 17.62 -12.26
N ALA C 83 -30.51 16.45 -12.70
CA ALA C 83 -30.33 15.33 -11.80
C ALA C 83 -29.21 15.59 -10.81
N GLU C 84 -29.33 14.97 -9.64
CA GLU C 84 -28.27 14.97 -8.64
C GLU C 84 -28.10 13.53 -8.15
N TRP C 85 -26.85 13.12 -7.91
CA TRP C 85 -26.59 11.75 -7.54
C TRP C 85 -25.44 11.71 -6.55
N ASP C 86 -25.44 10.64 -5.75
CA ASP C 86 -24.23 10.15 -5.11
C ASP C 86 -23.50 9.16 -6.01
N VAL C 87 -24.26 8.36 -6.76
CA VAL C 87 -23.70 7.37 -7.68
C VAL C 87 -24.48 7.44 -8.99
N PHE C 88 -23.80 7.82 -10.07
CA PHE C 88 -24.38 7.75 -11.39
C PHE C 88 -24.26 6.33 -11.89
N ILE C 89 -25.37 5.67 -12.18
CA ILE C 89 -25.32 4.31 -12.70
C ILE C 89 -25.34 4.34 -14.22
N GLU C 90 -24.20 4.02 -14.81
CA GLU C 90 -23.98 4.04 -16.25
C GLU C 90 -24.08 2.62 -16.77
N ARG C 91 -24.77 2.47 -17.90
CA ARG C 91 -25.12 1.19 -18.47
C ARG C 91 -24.19 0.86 -19.63
N PRO C 92 -23.69 -0.37 -19.65
CA PRO C 92 -22.80 -0.78 -20.75
C PRO C 92 -23.51 -0.86 -22.09
N THR C 93 -24.84 -0.89 -22.10
CA THR C 93 -25.65 -0.87 -23.30
C THR C 93 -25.96 0.54 -23.82
N ALA C 94 -25.50 1.58 -23.11
CA ALA C 94 -25.56 2.95 -23.62
C ALA C 94 -25.03 3.05 -25.06
N VAL C 95 -25.68 3.86 -25.88
CA VAL C 95 -25.24 4.06 -27.25
C VAL C 95 -25.24 5.54 -27.60
N ASP C 96 -24.37 5.90 -28.54
CA ASP C 96 -24.34 7.24 -29.09
C ASP C 96 -25.57 7.47 -29.98
N THR C 97 -26.24 8.59 -29.77
CA THR C 97 -27.45 8.93 -30.50
C THR C 97 -27.32 10.23 -31.29
N CYS C 98 -26.12 10.78 -31.40
CA CYS C 98 -25.96 12.15 -31.93
C CYS C 98 -24.71 12.23 -32.80
N TYR C 99 -24.23 13.45 -33.02
CA TYR C 99 -23.09 13.67 -33.91
C TYR C 99 -21.90 12.86 -33.41
N PRO C 100 -21.23 12.08 -34.27
CA PRO C 100 -20.11 11.26 -33.80
C PRO C 100 -19.00 12.16 -33.26
N PHE C 101 -18.57 11.87 -32.04
CA PHE C 101 -17.63 12.71 -31.33
C PHE C 101 -16.57 11.88 -30.63
N ASP C 102 -15.50 12.56 -30.26
CA ASP C 102 -14.51 12.01 -29.33
C ASP C 102 -14.17 13.10 -28.33
N VAL C 103 -13.46 12.72 -27.27
CA VAL C 103 -13.09 13.63 -26.20
C VAL C 103 -11.63 13.30 -25.92
N PRO C 104 -10.69 14.19 -26.25
CA PRO C 104 -9.32 13.98 -25.78
C PRO C 104 -9.31 13.99 -24.26
N ASP C 105 -8.63 13.00 -23.66
CA ASP C 105 -8.66 12.82 -22.20
C ASP C 105 -10.08 12.53 -21.72
N TYR C 106 -10.76 11.65 -22.44
CA TYR C 106 -12.15 11.30 -22.17
C TYR C 106 -12.38 10.93 -20.70
N GLN C 107 -11.49 10.12 -20.14
CA GLN C 107 -11.69 9.63 -18.79
C GLN C 107 -11.68 10.77 -17.79
N SER C 108 -10.98 11.85 -18.10
CA SER C 108 -10.97 13.01 -17.21
C SER C 108 -12.30 13.75 -17.23
N LEU C 109 -12.88 13.94 -18.41
CA LEU C 109 -14.18 14.60 -18.45
C LEU C 109 -15.19 13.75 -17.73
N ARG C 110 -15.15 12.44 -17.97
CA ARG C 110 -16.08 11.55 -17.29
C ARG C 110 -15.88 11.59 -15.77
N SER C 111 -14.63 11.58 -15.31
CA SER C 111 -14.39 11.60 -13.87
C SER C 111 -14.87 12.90 -13.25
N ILE C 112 -14.59 14.05 -13.88
CA ILE C 112 -15.05 15.33 -13.36
C ILE C 112 -16.57 15.37 -13.29
N LEU C 113 -17.24 14.96 -14.37
CA LEU C 113 -18.71 14.99 -14.39
C LEU C 113 -19.29 14.09 -13.32
N ALA C 114 -18.78 12.86 -13.21
CA ALA C 114 -19.30 11.91 -12.23
C ALA C 114 -19.06 12.37 -10.81
N ASN C 115 -17.85 12.89 -10.54
CA ASN C 115 -17.47 13.32 -9.20
C ASN C 115 -18.27 14.54 -8.76
N ASN C 116 -18.57 15.45 -9.70
CA ASN C 116 -19.26 16.68 -9.37
C ASN C 116 -20.67 16.42 -8.83
N GLY C 117 -21.39 15.48 -9.43
CA GLY C 117 -22.57 14.95 -8.77
C GLY C 117 -23.90 15.56 -9.16
N LYS C 118 -23.94 16.37 -10.22
CA LYS C 118 -25.19 16.99 -10.64
C LYS C 118 -25.05 17.56 -12.04
N PHE C 119 -26.18 17.63 -12.74
CA PHE C 119 -26.32 18.33 -14.01
C PHE C 119 -27.23 19.53 -13.77
N GLU C 120 -26.63 20.65 -13.40
CA GLU C 120 -27.36 21.89 -13.20
C GLU C 120 -26.83 22.87 -14.23
N PHE C 121 -27.59 23.07 -15.30
CA PHE C 121 -27.12 23.85 -16.44
C PHE C 121 -27.68 25.24 -16.35
N ILE C 122 -26.81 26.24 -16.48
CA ILE C 122 -27.20 27.64 -16.49
C ILE C 122 -27.02 28.12 -17.92
N ALA C 123 -28.15 28.41 -18.58
CA ALA C 123 -28.12 28.96 -19.91
C ALA C 123 -27.57 30.38 -19.91
N GLU C 124 -26.75 30.67 -20.90
CA GLU C 124 -26.27 32.02 -21.16
C GLU C 124 -26.39 32.24 -22.65
N GLU C 125 -26.84 33.44 -22.98
CA GLU C 125 -27.09 33.89 -24.33
C GLU C 125 -25.78 34.50 -24.82
N PHE C 126 -25.26 33.93 -25.90
CA PHE C 126 -23.99 34.31 -26.48
C PHE C 126 -24.30 35.06 -27.76
N GLN C 127 -23.69 36.22 -27.89
CA GLN C 127 -24.01 37.24 -28.89
C GLN C 127 -23.13 37.03 -30.12
N TRP C 128 -23.25 35.81 -30.70
CA TRP C 128 -22.48 35.53 -31.91
C TRP C 128 -22.95 36.46 -33.02
N ASN C 129 -22.03 36.84 -33.90
CA ASN C 129 -22.36 37.87 -34.88
C ASN C 129 -22.18 37.35 -36.30
N THR C 130 -23.22 37.56 -37.13
CA THR C 130 -23.30 37.22 -38.55
C THR C 130 -23.53 35.73 -38.79
N VAL C 131 -22.74 34.87 -38.13
CA VAL C 131 -22.78 33.42 -38.34
C VAL C 131 -24.20 32.90 -38.16
N LYS C 132 -24.56 31.85 -38.87
CA LYS C 132 -25.80 31.16 -38.55
C LYS C 132 -25.60 30.34 -37.29
N GLN C 133 -26.68 30.12 -36.55
CA GLN C 133 -26.63 29.40 -35.28
C GLN C 133 -27.54 28.19 -35.36
N ASN C 134 -27.48 27.34 -34.35
CA ASN C 134 -28.46 26.28 -34.18
C ASN C 134 -28.40 25.26 -35.32
N GLY C 135 -27.20 25.00 -35.82
CA GLY C 135 -27.05 23.97 -36.84
C GLY C 135 -27.50 22.62 -36.33
N LYS C 136 -28.09 21.82 -37.23
CA LYS C 136 -28.67 20.52 -36.90
C LYS C 136 -28.15 19.48 -37.87
N SER C 137 -28.36 18.20 -37.54
CA SER C 137 -27.74 17.10 -38.28
C SER C 137 -28.62 15.86 -38.38
N GLY C 138 -28.56 15.19 -39.53
CA GLY C 138 -29.15 13.87 -39.69
C GLY C 138 -28.58 12.81 -38.74
N ALA C 139 -27.36 13.01 -38.25
CA ALA C 139 -26.77 12.04 -37.34
C ALA C 139 -27.31 12.15 -35.93
N CYS C 140 -28.26 13.06 -35.68
CA CYS C 140 -28.68 13.45 -34.33
C CYS C 140 -30.17 13.78 -34.40
N LYS C 141 -30.96 12.74 -34.58
CA LYS C 141 -32.40 12.88 -34.67
C LYS C 141 -33.04 13.00 -33.29
N ARG C 142 -34.00 13.90 -33.17
CA ARG C 142 -34.79 14.03 -31.96
C ARG C 142 -36.24 14.08 -32.39
N ALA C 143 -37.09 13.32 -31.69
CA ALA C 143 -38.40 12.97 -32.25
C ALA C 143 -38.01 12.29 -33.55
N ASN C 144 -38.45 12.74 -34.71
CA ASN C 144 -37.94 12.14 -35.95
C ASN C 144 -37.34 13.19 -36.89
N VAL C 145 -36.64 14.18 -36.32
CA VAL C 145 -36.25 15.39 -37.04
C VAL C 145 -34.79 15.68 -36.73
N ASN C 146 -34.07 16.27 -37.70
CA ASN C 146 -32.66 16.58 -37.49
C ASN C 146 -32.51 17.53 -36.31
N ASP C 147 -31.54 17.24 -35.43
CA ASP C 147 -31.34 18.04 -34.23
C ASP C 147 -29.86 17.99 -33.86
N PHE C 148 -29.55 18.29 -32.60
CA PHE C 148 -28.17 18.46 -32.15
C PHE C 148 -28.11 18.27 -30.64
N PHE C 149 -26.90 18.27 -30.10
CA PHE C 149 -26.73 18.30 -28.66
C PHE C 149 -27.46 19.52 -28.10
N ASN C 150 -28.18 19.30 -27.00
CA ASN C 150 -28.96 20.35 -26.34
C ASN C 150 -28.10 21.49 -25.81
N ARG C 151 -26.89 21.20 -25.33
CA ARG C 151 -26.06 22.16 -24.62
C ARG C 151 -25.09 22.84 -25.54
N LEU C 152 -25.21 22.59 -26.84
CA LEU C 152 -24.21 23.06 -27.79
C LEU C 152 -24.94 23.77 -28.90
N ASN C 153 -24.19 24.63 -29.58
CA ASN C 153 -24.74 25.54 -30.58
C ASN C 153 -23.76 25.47 -31.73
N TRP C 154 -24.16 24.78 -32.79
CA TRP C 154 -23.28 24.60 -33.94
C TRP C 154 -23.38 25.84 -34.83
N LEU C 155 -22.32 26.64 -34.88
CA LEU C 155 -22.25 27.86 -35.68
C LEU C 155 -21.67 27.54 -37.05
N THR C 156 -22.26 28.15 -38.10
CA THR C 156 -21.72 28.05 -39.45
C THR C 156 -21.79 29.42 -40.14
N LYS C 157 -21.21 29.50 -41.33
CA LYS C 157 -21.15 30.77 -42.05
C LYS C 157 -22.55 31.23 -42.45
N SER C 158 -22.69 32.54 -42.61
CA SER C 158 -23.96 33.17 -42.99
C SER C 158 -24.33 32.84 -44.44
N ASP C 159 -25.59 33.15 -44.80
CA ASP C 159 -26.05 33.06 -46.18
C ASP C 159 -25.21 33.91 -47.14
N GLY C 160 -24.64 35.01 -46.67
CA GLY C 160 -23.77 35.85 -47.48
C GLY C 160 -22.33 35.38 -47.54
N ASN C 161 -22.06 34.14 -47.10
CA ASN C 161 -20.72 33.57 -47.20
C ASN C 161 -19.71 34.31 -46.33
N ALA C 162 -20.11 34.70 -45.12
CA ALA C 162 -19.22 35.34 -44.15
C ALA C 162 -19.16 34.55 -42.84
N TYR C 163 -17.94 34.42 -42.30
CA TYR C 163 -17.71 33.95 -40.93
C TYR C 163 -16.68 34.89 -40.31
N PRO C 164 -17.12 36.02 -39.75
CA PRO C 164 -16.18 36.97 -39.16
C PRO C 164 -15.56 36.39 -37.90
N LEU C 165 -14.45 36.99 -37.49
CA LEU C 165 -13.84 36.64 -36.22
C LEU C 165 -14.86 36.80 -35.10
N GLN C 166 -14.99 35.76 -34.28
CA GLN C 166 -15.84 35.79 -33.11
C GLN C 166 -14.94 35.93 -31.88
N ASN C 167 -15.33 36.80 -30.97
CA ASN C 167 -14.50 37.16 -29.82
C ASN C 167 -15.48 37.53 -28.70
N LEU C 168 -15.82 36.54 -27.88
CA LEU C 168 -16.86 36.72 -26.87
C LEU C 168 -16.32 36.37 -25.49
N THR C 169 -16.84 37.07 -24.48
CA THR C 169 -16.35 36.96 -23.12
C THR C 169 -17.52 36.70 -22.18
N LYS C 170 -17.31 35.83 -21.22
CA LYS C 170 -18.24 35.73 -20.09
C LYS C 170 -17.45 35.71 -18.79
N VAL C 171 -17.85 36.57 -17.86
CA VAL C 171 -17.14 36.84 -16.62
C VAL C 171 -17.80 36.01 -15.52
N ASN C 172 -16.99 35.32 -14.72
CA ASN C 172 -17.55 34.63 -13.56
C ASN C 172 -17.47 35.55 -12.35
N ASN C 173 -18.56 36.24 -12.08
CA ASN C 173 -18.69 37.08 -10.90
C ASN C 173 -19.64 36.46 -9.88
N GLY C 174 -20.00 35.19 -10.06
CA GLY C 174 -20.87 34.49 -9.14
C GLY C 174 -20.09 33.76 -8.07
N ASP C 175 -20.79 32.83 -7.41
CA ASP C 175 -20.32 32.14 -6.20
C ASP C 175 -19.59 30.84 -6.49
N TYR C 176 -19.70 30.30 -7.70
CA TYR C 176 -19.32 28.92 -7.89
C TYR C 176 -18.46 28.77 -9.13
N ALA C 177 -17.70 27.69 -9.18
CA ALA C 177 -16.90 27.43 -10.37
C ALA C 177 -17.81 26.95 -11.49
N ARG C 178 -17.50 27.37 -12.72
CA ARG C 178 -18.31 27.03 -13.87
C ARG C 178 -17.58 26.06 -14.79
N LEU C 179 -18.31 25.10 -15.35
CA LEU C 179 -17.77 24.14 -16.31
C LEU C 179 -18.39 24.43 -17.67
N TYR C 180 -17.55 24.86 -18.61
CA TYR C 180 -17.96 25.08 -19.99
C TYR C 180 -17.51 23.91 -20.83
N ILE C 181 -18.43 23.34 -21.60
CA ILE C 181 -18.12 22.27 -22.52
C ILE C 181 -18.29 22.79 -23.93
N TRP C 182 -17.24 22.68 -24.75
CA TRP C 182 -17.28 23.21 -26.10
C TRP C 182 -16.59 22.21 -27.02
N GLY C 183 -16.70 22.41 -28.33
CA GLY C 183 -16.16 21.46 -29.27
C GLY C 183 -15.54 22.15 -30.47
N VAL C 184 -14.84 21.34 -31.26
CA VAL C 184 -14.24 21.71 -32.53
C VAL C 184 -14.70 20.69 -33.57
N HIS C 185 -15.31 21.18 -34.63
CA HIS C 185 -15.73 20.36 -35.74
C HIS C 185 -14.55 20.08 -36.69
N HIS C 186 -14.38 18.80 -37.07
CA HIS C 186 -13.39 18.34 -38.02
C HIS C 186 -14.10 17.90 -39.29
N PRO C 187 -14.06 18.69 -40.35
CA PRO C 187 -14.72 18.27 -41.60
C PRO C 187 -13.98 17.13 -42.27
N SER C 188 -14.69 16.45 -43.17
CA SER C 188 -14.09 15.33 -43.87
C SER C 188 -13.26 15.75 -45.09
N THR C 189 -13.53 16.93 -45.70
CA THR C 189 -12.81 17.43 -46.88
C THR C 189 -12.54 18.92 -46.75
N ASP C 190 -11.67 19.44 -47.64
CA ASP C 190 -11.48 20.89 -47.72
C ASP C 190 -12.75 21.60 -48.13
N THR C 191 -13.52 21.01 -49.05
CA THR C 191 -14.69 21.70 -49.53
C THR C 191 -15.79 21.72 -48.49
N GLU C 192 -15.90 20.69 -47.63
CA GLU C 192 -16.84 20.79 -46.52
C GLU C 192 -16.43 21.90 -45.54
N GLN C 193 -15.13 22.05 -45.31
CA GLN C 193 -14.62 23.14 -44.49
C GLN C 193 -15.06 24.51 -45.04
N THR C 194 -14.77 24.78 -46.31
CA THR C 194 -15.20 26.08 -46.85
C THR C 194 -16.72 26.18 -46.96
N ASN C 195 -17.40 25.06 -47.24
CA ASN C 195 -18.87 25.09 -47.31
C ASN C 195 -19.47 25.55 -46.00
N LEU C 196 -18.89 25.12 -44.89
CA LEU C 196 -19.49 25.40 -43.59
C LEU C 196 -19.00 26.72 -42.98
N TYR C 197 -17.69 27.00 -43.10
CA TYR C 197 -17.06 28.05 -42.32
C TYR C 197 -16.34 29.12 -43.15
N LYS C 198 -16.38 29.04 -44.48
CA LYS C 198 -15.71 29.99 -45.39
C LYS C 198 -14.20 29.94 -45.25
N ASN C 199 -13.69 30.23 -44.06
CA ASN C 199 -12.25 30.25 -43.83
C ASN C 199 -11.73 28.83 -43.85
N ASN C 200 -10.55 28.60 -44.48
CA ASN C 200 -10.32 27.17 -44.63
C ASN C 200 -9.58 26.63 -43.42
N PRO C 201 -8.37 27.06 -43.09
CA PRO C 201 -7.94 26.71 -41.73
C PRO C 201 -8.91 27.45 -40.78
N GLY C 202 -9.75 26.68 -40.10
CA GLY C 202 -10.51 27.22 -39.00
C GLY C 202 -9.55 27.39 -37.84
N ARG C 203 -10.08 27.95 -36.75
CA ARG C 203 -9.25 28.18 -35.57
C ARG C 203 -10.16 28.40 -34.39
N VAL C 204 -9.89 27.70 -33.26
CA VAL C 204 -10.65 27.90 -32.02
C VAL C 204 -9.66 28.08 -30.86
N THR C 205 -9.80 29.19 -30.14
CA THR C 205 -8.99 29.48 -28.97
C THR C 205 -9.93 29.83 -27.82
N VAL C 206 -9.78 29.13 -26.71
CA VAL C 206 -10.63 29.32 -25.54
C VAL C 206 -9.70 29.53 -24.35
N SER C 207 -9.82 30.69 -23.70
CA SER C 207 -8.83 31.00 -22.67
C SER C 207 -9.48 31.66 -21.47
N THR C 208 -8.79 31.55 -20.35
CA THR C 208 -9.08 32.23 -19.11
C THR C 208 -7.87 33.12 -18.78
N GLN C 209 -7.86 33.72 -17.60
CA GLN C 209 -6.72 34.51 -17.15
C GLN C 209 -5.43 33.69 -17.19
N THR C 210 -5.48 32.47 -16.67
CA THR C 210 -4.31 31.64 -16.37
C THR C 210 -4.10 30.48 -17.34
N SER C 211 -5.07 30.21 -18.22
CA SER C 211 -5.04 29.03 -19.09
C SER C 211 -5.52 29.42 -20.49
N GLN C 212 -5.06 28.67 -21.48
CA GLN C 212 -5.57 28.80 -22.85
C GLN C 212 -5.43 27.45 -23.55
N THR C 213 -6.55 26.82 -23.91
CA THR C 213 -6.51 25.68 -24.82
C THR C 213 -6.84 26.16 -26.23
N SER C 214 -5.99 25.78 -27.17
CA SER C 214 -6.10 26.22 -28.56
C SER C 214 -6.10 25.01 -29.48
N VAL C 215 -6.92 25.05 -30.55
CA VAL C 215 -7.17 23.87 -31.39
C VAL C 215 -7.32 24.28 -32.85
N VAL C 216 -6.68 23.50 -33.72
CA VAL C 216 -6.79 23.58 -35.18
C VAL C 216 -7.54 22.35 -35.65
N PRO C 217 -8.56 22.49 -36.50
CA PRO C 217 -9.29 21.30 -36.99
C PRO C 217 -8.42 20.41 -37.85
N ASN C 218 -8.73 19.10 -37.83
CA ASN C 218 -8.09 18.11 -38.68
C ASN C 218 -9.08 17.72 -39.78
N ILE C 219 -8.71 17.95 -41.03
CA ILE C 219 -9.57 17.63 -42.16
C ILE C 219 -9.20 16.25 -42.72
N GLY C 220 -10.20 15.38 -42.90
CA GLY C 220 -9.98 14.12 -43.60
C GLY C 220 -11.11 13.12 -43.44
N SER C 221 -11.24 12.14 -44.34
CA SER C 221 -12.32 11.15 -44.22
C SER C 221 -12.05 10.17 -43.08
N ARG C 222 -12.98 10.10 -42.11
CA ARG C 222 -13.06 9.06 -41.09
C ARG C 222 -14.13 8.03 -41.49
N PRO C 223 -14.22 6.89 -40.80
CA PRO C 223 -15.29 5.93 -41.13
C PRO C 223 -16.67 6.54 -40.96
N TRP C 224 -17.57 6.15 -41.86
CA TRP C 224 -18.96 6.58 -41.85
C TRP C 224 -19.64 6.12 -40.56
N VAL C 225 -20.20 7.08 -39.83
CA VAL C 225 -21.03 6.81 -38.65
C VAL C 225 -22.29 7.67 -38.73
N ARG C 226 -23.44 7.02 -38.78
CA ARG C 226 -24.75 7.69 -38.85
C ARG C 226 -24.81 8.78 -39.93
N GLY C 227 -24.29 8.45 -41.11
CA GLY C 227 -24.39 9.35 -42.24
C GLY C 227 -23.16 10.19 -42.50
N LEU C 228 -22.20 10.26 -41.58
CA LEU C 228 -21.15 11.25 -41.65
C LEU C 228 -19.79 10.63 -41.45
N SER C 229 -18.79 11.25 -42.09
CA SER C 229 -17.39 10.93 -41.91
C SER C 229 -16.63 12.08 -41.26
N SER C 230 -17.33 13.13 -40.84
CA SER C 230 -16.75 14.21 -40.06
C SER C 230 -16.89 13.91 -38.57
N ARG C 231 -16.20 14.69 -37.73
CA ARG C 231 -16.20 14.39 -36.27
C ARG C 231 -16.23 15.68 -35.46
N ILE C 232 -16.63 15.56 -34.20
CA ILE C 232 -16.49 16.66 -33.25
C ILE C 232 -15.58 16.19 -32.14
N SER C 233 -14.64 17.04 -31.74
CA SER C 233 -13.81 16.81 -30.56
C SER C 233 -14.25 17.77 -29.47
N PHE C 234 -14.55 17.24 -28.30
CA PHE C 234 -15.04 18.06 -27.19
C PHE C 234 -13.95 18.33 -26.15
N TYR C 235 -13.99 19.55 -25.61
CA TYR C 235 -13.07 20.09 -24.64
C TYR C 235 -13.88 20.71 -23.53
N TRP C 236 -13.21 21.06 -22.44
CA TRP C 236 -13.88 21.70 -21.32
C TRP C 236 -12.96 22.73 -20.70
N THR C 237 -13.55 23.71 -20.03
CA THR C 237 -12.79 24.75 -19.38
C THR C 237 -13.51 25.09 -18.09
N ILE C 238 -12.77 25.12 -16.98
CA ILE C 238 -13.31 25.49 -15.67
C ILE C 238 -12.98 26.96 -15.41
N VAL C 239 -13.99 27.73 -15.08
CA VAL C 239 -13.85 29.16 -14.83
C VAL C 239 -14.15 29.39 -13.36
N GLU C 240 -13.10 29.69 -12.58
CA GLU C 240 -13.20 29.93 -11.15
C GLU C 240 -13.89 31.27 -10.89
N PRO C 241 -14.49 31.47 -9.72
CA PRO C 241 -15.05 32.79 -9.40
C PRO C 241 -13.97 33.85 -9.45
N GLY C 242 -14.30 34.99 -10.08
CA GLY C 242 -13.34 36.04 -10.31
C GLY C 242 -12.60 35.96 -11.63
N ASP C 243 -12.58 34.78 -12.27
CA ASP C 243 -11.92 34.55 -13.55
C ASP C 243 -12.96 34.75 -14.67
N LEU C 244 -12.54 34.61 -15.91
CA LEU C 244 -13.43 34.85 -17.04
C LEU C 244 -12.99 33.99 -18.22
N ILE C 245 -13.86 33.87 -19.22
CA ILE C 245 -13.57 33.01 -20.36
C ILE C 245 -13.78 33.76 -21.66
N VAL C 246 -12.88 33.55 -22.61
CA VAL C 246 -12.93 34.18 -23.93
C VAL C 246 -12.96 33.10 -24.99
N PHE C 247 -13.95 33.17 -25.88
CA PHE C 247 -14.09 32.31 -27.04
C PHE C 247 -13.71 33.11 -28.25
N ASN C 248 -12.66 32.67 -28.95
CA ASN C 248 -12.12 33.36 -30.10
C ASN C 248 -12.04 32.33 -31.21
N THR C 249 -12.78 32.54 -32.30
CA THR C 249 -12.75 31.56 -33.37
C THR C 249 -12.98 32.23 -34.71
N ILE C 250 -12.40 31.64 -35.77
CA ILE C 250 -12.75 32.00 -37.15
C ILE C 250 -13.33 30.81 -37.93
N GLY C 251 -13.87 29.82 -37.25
CA GLY C 251 -14.61 28.73 -37.87
C GLY C 251 -14.38 27.49 -36.99
N ASN C 252 -15.36 26.58 -37.01
CA ASN C 252 -15.31 25.19 -36.49
C ASN C 252 -15.67 25.11 -35.01
N LEU C 253 -15.98 26.23 -34.35
CA LEU C 253 -16.39 26.16 -32.95
C LEU C 253 -17.79 25.58 -32.84
N ILE C 254 -17.95 24.60 -31.96
CA ILE C 254 -19.26 24.14 -31.54
C ILE C 254 -19.45 24.73 -30.14
N ALA C 255 -20.23 25.82 -30.08
CA ALA C 255 -20.26 26.75 -28.97
C ALA C 255 -21.08 26.21 -27.80
N PRO C 256 -20.72 26.56 -26.57
CA PRO C 256 -21.60 26.21 -25.44
C PRO C 256 -22.83 27.09 -25.46
N ARG C 257 -23.87 26.62 -24.77
CA ARG C 257 -25.08 27.41 -24.56
C ARG C 257 -25.17 27.92 -23.14
N GLY C 258 -24.12 27.74 -22.36
CA GLY C 258 -24.11 28.04 -20.94
C GLY C 258 -23.05 27.19 -20.25
N HIS C 259 -23.30 26.90 -18.99
CA HIS C 259 -22.26 26.20 -18.24
C HIS C 259 -22.92 25.34 -17.19
N TYR C 260 -22.19 24.31 -16.77
CA TYR C 260 -22.63 23.51 -15.65
C TYR C 260 -22.07 24.10 -14.35
N LYS C 261 -22.88 24.00 -13.29
CA LYS C 261 -22.42 24.43 -11.97
C LYS C 261 -21.59 23.31 -11.35
N LEU C 262 -20.44 23.67 -10.81
CA LEU C 262 -19.62 22.73 -10.08
C LEU C 262 -19.90 22.92 -8.59
N ASN C 263 -20.23 21.82 -7.91
CA ASN C 263 -20.26 21.84 -6.45
C ASN C 263 -18.87 22.13 -5.90
N SER C 264 -18.80 22.84 -4.79
CA SER C 264 -17.48 23.04 -4.21
C SER C 264 -17.03 21.78 -3.48
N GLN C 265 -17.94 20.96 -2.97
CA GLN C 265 -17.44 19.69 -2.45
C GLN C 265 -17.87 18.61 -3.41
N LYS C 266 -16.89 17.91 -3.97
CA LYS C 266 -17.15 16.89 -4.98
C LYS C 266 -17.03 15.53 -4.30
N LYS C 267 -18.15 14.86 -4.08
CA LYS C 267 -18.12 13.61 -3.32
C LYS C 267 -18.85 12.47 -4.01
N SER C 268 -19.27 12.63 -5.26
CA SER C 268 -20.05 11.63 -5.97
C SER C 268 -19.14 10.76 -6.82
N THR C 269 -19.73 9.72 -7.42
CA THR C 269 -18.97 8.89 -8.33
C THR C 269 -19.90 8.22 -9.33
N ILE C 270 -19.33 7.30 -10.12
CA ILE C 270 -20.02 6.59 -11.18
C ILE C 270 -19.77 5.09 -11.03
N LEU C 271 -20.76 4.29 -11.41
CA LEU C 271 -20.68 2.84 -11.45
C LEU C 271 -21.18 2.41 -12.82
N ASN C 272 -20.43 1.59 -13.50
CA ASN C 272 -20.83 1.11 -14.82
C ASN C 272 -21.29 -0.34 -14.67
N THR C 273 -22.59 -0.58 -14.75
CA THR C 273 -23.09 -1.93 -14.53
C THR C 273 -24.46 -2.12 -15.18
N ALA C 274 -24.77 -3.38 -15.47
CA ALA C 274 -26.07 -3.76 -16.02
C ALA C 274 -27.08 -4.14 -14.92
N VAL C 275 -26.70 -4.06 -13.64
CA VAL C 275 -27.57 -4.56 -12.57
C VAL C 275 -28.75 -3.62 -12.40
N PRO C 276 -29.99 -4.14 -12.37
CA PRO C 276 -31.15 -3.26 -12.19
C PRO C 276 -31.17 -2.61 -10.81
N ILE C 277 -31.88 -1.48 -10.73
CA ILE C 277 -32.16 -0.82 -9.46
C ILE C 277 -33.44 -1.40 -8.88
N GLY C 278 -33.35 -1.93 -7.67
CA GLY C 278 -34.49 -2.54 -7.03
C GLY C 278 -35.10 -1.72 -5.92
N SER C 279 -35.32 -2.35 -4.76
CA SER C 279 -36.15 -1.77 -3.72
C SER C 279 -35.55 -1.92 -2.33
N CYS C 280 -34.34 -2.46 -2.22
CA CYS C 280 -33.75 -2.80 -0.93
C CYS C 280 -33.06 -1.56 -0.35
N VAL C 281 -32.40 -1.74 0.80
CA VAL C 281 -31.63 -0.70 1.49
C VAL C 281 -30.24 -1.27 1.70
N SER C 282 -29.21 -0.50 1.34
CA SER C 282 -27.81 -0.83 1.52
C SER C 282 -26.96 0.36 1.11
N LYS C 283 -25.91 0.62 1.88
CA LYS C 283 -24.96 1.66 1.52
C LYS C 283 -23.64 1.13 0.94
N CYS C 284 -23.66 -0.08 0.36
CA CYS C 284 -22.47 -0.60 -0.31
C CYS C 284 -22.90 -1.22 -1.63
N HIS C 285 -22.32 -0.71 -2.71
CA HIS C 285 -22.65 -1.13 -4.07
C HIS C 285 -21.42 -1.63 -4.80
N THR C 286 -21.57 -2.72 -5.54
CA THR C 286 -20.54 -3.18 -6.44
C THR C 286 -21.11 -3.24 -7.85
N ASP C 287 -20.23 -3.41 -8.83
CA ASP C 287 -20.70 -3.65 -10.20
C ASP C 287 -21.50 -4.95 -10.31
N ARG C 288 -21.52 -5.77 -9.27
CA ARG C 288 -22.30 -6.99 -9.31
C ARG C 288 -23.61 -6.87 -8.54
N GLY C 289 -23.80 -5.77 -7.84
CA GLY C 289 -24.98 -5.53 -7.01
C GLY C 289 -24.57 -5.06 -5.63
N SER C 290 -25.58 -4.68 -4.85
CA SER C 290 -25.30 -4.19 -3.52
C SER C 290 -24.96 -5.36 -2.60
N ILE C 291 -24.33 -5.04 -1.47
CA ILE C 291 -24.10 -6.03 -0.45
C ILE C 291 -24.57 -5.50 0.90
N THR C 292 -25.24 -6.36 1.65
CA THR C 292 -25.70 -6.06 3.00
C THR C 292 -25.01 -7.06 3.92
N THR C 293 -24.10 -6.55 4.74
CA THR C 293 -23.24 -7.41 5.52
C THR C 293 -22.65 -6.60 6.66
N THR C 294 -22.29 -7.31 7.72
CA THR C 294 -21.46 -6.73 8.75
C THR C 294 -20.04 -7.26 8.70
N LYS C 295 -19.76 -8.24 7.84
CA LYS C 295 -18.42 -8.80 7.73
C LYS C 295 -17.43 -7.73 7.27
N PRO C 296 -16.18 -7.78 7.72
CA PRO C 296 -15.21 -6.72 7.37
C PRO C 296 -14.58 -6.88 6.01
N PHE C 297 -14.65 -8.06 5.39
CA PHE C 297 -14.02 -8.30 4.11
C PHE C 297 -15.04 -8.88 3.15
N GLN C 298 -14.68 -8.85 1.87
CA GLN C 298 -15.53 -9.35 0.80
C GLN C 298 -14.64 -9.74 -0.39
N ASN C 299 -15.06 -10.79 -1.08
CA ASN C 299 -14.39 -11.27 -2.27
C ASN C 299 -15.27 -11.11 -3.50
N ILE C 300 -16.27 -10.24 -3.40
CA ILE C 300 -17.23 -10.06 -4.49
C ILE C 300 -16.66 -9.21 -5.61
N SER C 301 -16.16 -8.01 -5.31
CA SER C 301 -15.60 -7.19 -6.39
C SER C 301 -14.64 -6.14 -5.86
N ARG C 302 -13.57 -5.94 -6.64
CA ARG C 302 -12.69 -4.78 -6.69
C ARG C 302 -13.46 -3.45 -6.65
N ILE C 303 -14.57 -3.42 -7.38
CA ILE C 303 -15.30 -2.19 -7.64
C ILE C 303 -16.40 -2.08 -6.61
N SER C 304 -16.17 -1.27 -5.57
CA SER C 304 -17.15 -1.10 -4.50
C SER C 304 -17.22 0.38 -4.15
N ILE C 305 -18.44 0.85 -3.88
CA ILE C 305 -18.74 2.24 -3.59
C ILE C 305 -19.62 2.29 -2.35
N GLY C 306 -19.24 3.16 -1.41
CA GLY C 306 -20.03 3.39 -0.22
C GLY C 306 -19.32 2.92 1.04
N ASP C 307 -20.08 2.34 1.95
CA ASP C 307 -19.55 1.88 3.23
C ASP C 307 -19.43 0.36 3.10
N CYS C 308 -18.24 -0.08 2.69
CA CYS C 308 -18.04 -1.41 2.13
C CYS C 308 -16.98 -2.18 2.89
N PRO C 309 -17.09 -3.49 2.93
CA PRO C 309 -15.97 -4.31 3.39
C PRO C 309 -14.79 -4.19 2.45
N LYS C 310 -13.60 -4.48 2.96
CA LYS C 310 -12.39 -4.42 2.16
C LYS C 310 -12.32 -5.61 1.21
N TYR C 311 -12.02 -5.36 -0.05
CA TYR C 311 -11.91 -6.44 -1.02
C TYR C 311 -10.63 -7.24 -0.79
N VAL C 312 -10.77 -8.55 -0.64
CA VAL C 312 -9.62 -9.41 -0.48
C VAL C 312 -9.75 -10.61 -1.41
N LYS C 313 -8.60 -11.27 -1.63
CA LYS C 313 -8.48 -12.42 -2.52
C LYS C 313 -9.14 -13.69 -1.94
N GLN C 314 -9.06 -13.87 -0.62
CA GLN C 314 -9.50 -15.12 0.02
C GLN C 314 -11.01 -15.31 -0.09
N GLY C 315 -11.42 -16.53 -0.41
CA GLY C 315 -12.83 -16.88 -0.37
C GLY C 315 -13.38 -17.09 1.03
N SER C 316 -12.51 -17.30 2.02
CA SER C 316 -13.02 -17.65 3.35
C SER C 316 -11.96 -17.36 4.41
N LEU C 317 -12.39 -16.71 5.49
CA LEU C 317 -11.56 -16.48 6.67
C LEU C 317 -12.45 -16.65 7.88
N LYS C 318 -12.28 -17.74 8.61
CA LYS C 318 -13.11 -18.03 9.77
C LYS C 318 -12.38 -17.62 11.05
N LEU C 319 -13.00 -16.70 11.80
CA LEU C 319 -12.57 -16.27 13.13
C LEU C 319 -13.13 -17.19 14.21
N ALA C 320 -12.27 -17.76 15.04
CA ALA C 320 -12.76 -18.58 16.13
C ALA C 320 -13.50 -17.71 17.16
N THR C 321 -14.66 -18.19 17.61
CA THR C 321 -15.41 -17.53 18.67
C THR C 321 -15.65 -18.51 19.83
N GLY C 322 -14.85 -19.56 19.93
CA GLY C 322 -14.92 -20.47 21.06
C GLY C 322 -13.64 -21.28 21.18
N MET C 323 -13.64 -22.15 22.18
CA MET C 323 -12.46 -22.95 22.49
C MET C 323 -12.32 -24.11 21.51
N ARG C 324 -11.21 -24.83 21.66
CA ARG C 324 -11.03 -26.05 20.90
C ARG C 324 -12.17 -27.00 21.22
N ASN C 325 -12.64 -27.72 20.19
CA ASN C 325 -13.74 -28.66 20.32
C ASN C 325 -13.16 -30.07 20.38
N ILE C 326 -13.35 -30.73 21.53
CA ILE C 326 -12.84 -32.08 21.75
C ILE C 326 -13.97 -32.92 22.33
N PRO C 327 -14.78 -33.58 21.49
CA PRO C 327 -16.07 -34.22 21.85
C PRO C 327 -15.89 -35.58 22.53
N GLY D 1 -3.03 -25.38 23.32
CA GLY D 1 -2.82 -24.07 23.94
C GLY D 1 -1.58 -23.98 24.79
N LEU D 2 -1.25 -22.76 25.22
CA LEU D 2 -0.05 -22.54 26.02
C LEU D 2 -0.14 -23.18 27.39
N PHE D 3 -1.35 -23.35 27.93
CA PHE D 3 -1.55 -23.78 29.31
C PHE D 3 -1.77 -25.27 29.47
N GLY D 4 -2.05 -26.00 28.39
CA GLY D 4 -2.17 -27.44 28.45
C GLY D 4 -3.32 -27.98 29.28
N ALA D 5 -4.41 -27.22 29.41
CA ALA D 5 -5.60 -27.68 30.13
C ALA D 5 -6.59 -28.24 29.12
N ILE D 6 -7.16 -27.38 28.27
CA ILE D 6 -7.97 -27.86 27.16
C ILE D 6 -7.05 -28.57 26.18
N ALA D 7 -7.48 -29.73 25.68
CA ALA D 7 -6.64 -30.56 24.82
C ALA D 7 -5.32 -30.89 25.51
N GLY D 8 -5.37 -31.10 26.82
CA GLY D 8 -4.17 -31.33 27.61
C GLY D 8 -4.42 -32.23 28.81
N PHE D 9 -4.33 -31.70 30.02
CA PHE D 9 -4.58 -32.59 31.15
C PHE D 9 -6.07 -32.84 31.34
N ILE D 10 -6.92 -31.97 30.79
CA ILE D 10 -8.33 -32.28 30.65
C ILE D 10 -8.51 -32.94 29.30
N GLU D 11 -8.95 -34.21 29.31
CA GLU D 11 -8.76 -35.06 28.14
C GLU D 11 -9.77 -34.77 27.03
N ASN D 12 -11.00 -34.39 27.38
CA ASN D 12 -12.00 -34.02 26.38
C ASN D 12 -12.97 -33.05 27.02
N GLY D 13 -13.85 -32.51 26.18
CA GLY D 13 -14.95 -31.69 26.66
C GLY D 13 -16.21 -32.50 26.93
N TRP D 14 -17.21 -31.80 27.45
CA TRP D 14 -18.47 -32.39 27.86
C TRP D 14 -19.58 -31.92 26.93
N GLN D 15 -20.19 -32.85 26.20
CA GLN D 15 -21.33 -32.47 25.37
C GLN D 15 -22.56 -32.16 26.21
N GLY D 16 -22.65 -32.71 27.42
CA GLY D 16 -23.80 -32.47 28.28
C GLY D 16 -23.85 -31.09 28.91
N LEU D 17 -22.72 -30.38 28.96
CA LEU D 17 -22.65 -29.05 29.54
C LEU D 17 -23.16 -28.08 28.48
N ILE D 18 -24.42 -27.67 28.60
CA ILE D 18 -25.10 -26.88 27.58
C ILE D 18 -25.40 -25.45 28.02
N ASP D 19 -25.29 -25.13 29.30
CA ASP D 19 -25.56 -23.76 29.76
C ASP D 19 -24.32 -23.07 30.32
N GLY D 20 -23.14 -23.44 29.81
CA GLY D 20 -21.92 -22.75 30.17
C GLY D 20 -20.80 -23.28 29.30
N TRP D 21 -19.68 -22.56 29.33
CA TRP D 21 -18.51 -23.04 28.61
C TRP D 21 -17.63 -23.91 29.49
N TYR D 22 -17.67 -23.66 30.81
CA TYR D 22 -16.91 -24.39 31.81
C TYR D 22 -17.85 -24.78 32.94
N GLY D 23 -17.56 -25.91 33.58
CA GLY D 23 -18.38 -26.34 34.70
C GLY D 23 -17.74 -27.39 35.57
N PHE D 24 -18.51 -27.81 36.58
CA PHE D 24 -18.12 -28.80 37.56
C PHE D 24 -18.95 -30.05 37.40
N ARG D 25 -18.30 -31.19 37.52
CA ARG D 25 -18.95 -32.47 37.67
C ARG D 25 -18.50 -33.08 38.97
N HIS D 26 -19.44 -33.64 39.73
CA HIS D 26 -19.09 -34.23 41.02
C HIS D 26 -19.75 -35.59 41.19
N GLN D 27 -19.12 -36.37 42.07
CA GLN D 27 -19.67 -37.60 42.63
C GLN D 27 -19.44 -37.57 44.13
N ASN D 28 -20.52 -37.70 44.88
CA ASN D 28 -20.40 -37.85 46.33
C ASN D 28 -21.31 -38.98 46.81
N ALA D 29 -21.41 -39.13 48.14
CA ALA D 29 -22.28 -40.15 48.68
C ALA D 29 -23.69 -39.99 48.17
N GLU D 30 -24.13 -38.73 47.98
CA GLU D 30 -25.54 -38.56 47.62
C GLU D 30 -25.80 -38.78 46.14
N GLY D 31 -24.78 -38.82 45.24
CA GLY D 31 -25.04 -39.02 43.82
C GLY D 31 -24.06 -38.24 42.97
N THR D 32 -24.40 -38.02 41.70
CA THR D 32 -23.58 -37.26 40.76
C THR D 32 -24.31 -36.01 40.30
N GLY D 33 -23.56 -35.11 39.67
CA GLY D 33 -24.19 -33.91 39.16
C GLY D 33 -23.22 -33.08 38.37
N THR D 34 -23.77 -32.09 37.67
CA THR D 34 -23.02 -31.18 36.82
C THR D 34 -23.67 -29.81 36.90
N ALA D 35 -22.85 -28.77 37.05
CA ALA D 35 -23.35 -27.41 36.95
C ALA D 35 -22.35 -26.54 36.21
N ALA D 36 -22.84 -25.47 35.60
CA ALA D 36 -21.96 -24.55 34.88
C ALA D 36 -21.35 -23.55 35.85
N ASP D 37 -20.17 -23.05 35.50
CA ASP D 37 -19.53 -21.96 36.24
C ASP D 37 -19.70 -20.65 35.48
N LEU D 38 -20.43 -19.70 36.07
CA LEU D 38 -20.79 -18.50 35.32
C LEU D 38 -19.63 -17.53 35.16
N LYS D 39 -18.75 -17.41 36.15
CA LYS D 39 -17.72 -16.37 36.09
C LYS D 39 -16.69 -16.68 35.01
N SER D 40 -16.23 -17.95 34.95
CA SER D 40 -15.29 -18.39 33.92
C SER D 40 -15.89 -18.22 32.54
N THR D 41 -17.13 -18.65 32.38
CA THR D 41 -17.81 -18.57 31.10
C THR D 41 -17.97 -17.12 30.66
N GLN D 42 -18.38 -16.24 31.58
CA GLN D 42 -18.62 -14.85 31.18
C GLN D 42 -17.32 -14.13 30.85
N THR D 43 -16.24 -14.40 31.58
CA THR D 43 -15.00 -13.71 31.24
C THR D 43 -14.49 -14.16 29.87
N ALA D 44 -14.63 -15.45 29.54
CA ALA D 44 -14.18 -15.88 28.22
C ALA D 44 -15.06 -15.30 27.11
N ILE D 45 -16.39 -15.31 27.32
CA ILE D 45 -17.31 -14.73 26.33
C ILE D 45 -17.05 -13.24 26.13
N ASP D 46 -16.80 -12.50 27.21
CA ASP D 46 -16.56 -11.07 27.10
C ASP D 46 -15.27 -10.78 26.34
N GLN D 47 -14.20 -11.55 26.58
CA GLN D 47 -12.97 -11.32 25.81
C GLN D 47 -13.18 -11.59 24.31
N ILE D 48 -13.87 -12.69 23.98
CA ILE D 48 -14.10 -12.98 22.57
C ILE D 48 -15.02 -11.95 21.91
N ASN D 49 -16.10 -11.56 22.61
CA ASN D 49 -16.98 -10.47 22.14
C ASN D 49 -16.19 -9.19 21.90
N GLY D 50 -15.18 -8.94 22.72
CA GLY D 50 -14.34 -7.77 22.50
C GLY D 50 -13.60 -7.82 21.18
N LYS D 51 -13.08 -9.00 20.80
CA LYS D 51 -12.40 -9.04 19.50
C LYS D 51 -13.40 -8.89 18.35
N LEU D 52 -14.57 -9.52 18.48
CA LEU D 52 -15.62 -9.32 17.49
C LEU D 52 -15.97 -7.85 17.33
N ASN D 53 -16.16 -7.15 18.45
CA ASN D 53 -16.43 -5.71 18.40
C ASN D 53 -15.34 -4.96 17.67
N ARG D 54 -14.08 -5.32 17.92
CA ARG D 54 -12.98 -4.66 17.25
C ARG D 54 -12.98 -4.91 15.74
N LEU D 55 -13.58 -6.01 15.28
CA LEU D 55 -13.55 -6.27 13.84
C LEU D 55 -14.75 -5.69 13.10
N ILE D 56 -15.97 -6.03 13.53
CA ILE D 56 -17.17 -5.45 12.95
C ILE D 56 -17.34 -4.00 13.42
N GLU D 57 -16.47 -3.13 12.92
CA GLU D 57 -16.38 -1.71 13.28
C GLU D 57 -16.06 -1.00 11.96
N LYS D 58 -17.10 -0.74 11.17
CA LYS D 58 -16.87 -0.43 9.77
C LYS D 58 -16.53 1.05 9.64
N THR D 59 -15.28 1.29 9.26
CA THR D 59 -14.68 2.61 9.13
C THR D 59 -13.79 2.46 7.89
N ASN D 60 -14.37 2.78 6.72
CA ASN D 60 -13.79 2.54 5.40
C ASN D 60 -14.83 2.97 4.37
N GLU D 61 -15.04 4.27 4.23
CA GLU D 61 -16.14 4.82 3.41
C GLU D 61 -15.56 5.61 2.23
N LYS D 62 -15.66 5.03 1.02
CA LYS D 62 -15.01 5.56 -0.18
C LYS D 62 -16.02 5.78 -1.30
N TYR D 63 -15.88 6.89 -2.01
CA TYR D 63 -16.78 7.17 -3.11
C TYR D 63 -16.00 7.19 -4.40
N HIS D 64 -15.45 8.33 -4.83
CA HIS D 64 -14.77 8.42 -6.11
C HIS D 64 -13.36 7.88 -5.96
N GLN D 65 -13.01 6.89 -6.76
CA GLN D 65 -11.73 6.20 -6.63
C GLN D 65 -11.01 6.25 -7.97
N ILE D 66 -10.61 5.10 -8.51
CA ILE D 66 -10.06 5.02 -9.86
C ILE D 66 -10.83 3.95 -10.61
N GLU D 67 -10.71 3.99 -11.95
CA GLU D 67 -11.20 2.90 -12.77
C GLU D 67 -10.40 1.63 -12.51
N LYS D 68 -11.10 0.50 -12.47
CA LYS D 68 -10.48 -0.76 -12.12
C LYS D 68 -10.65 -1.88 -13.15
N GLU D 69 -11.44 -1.67 -14.23
CA GLU D 69 -11.50 -2.59 -15.37
C GLU D 69 -11.33 -1.80 -16.66
N PHE D 70 -10.79 -2.46 -17.67
CA PHE D 70 -10.39 -1.78 -18.91
C PHE D 70 -10.73 -2.68 -20.08
N GLU D 71 -11.37 -2.11 -21.09
CA GLU D 71 -11.75 -2.98 -22.20
C GLU D 71 -10.53 -3.37 -23.03
N GLN D 72 -9.67 -2.41 -23.40
CA GLN D 72 -8.39 -2.77 -24.00
C GLN D 72 -7.21 -2.01 -23.37
N VAL D 73 -6.04 -2.64 -23.47
CA VAL D 73 -4.71 -2.05 -23.30
C VAL D 73 -4.60 -0.62 -23.82
N GLU D 74 -3.89 0.20 -23.06
CA GLU D 74 -3.77 1.63 -23.31
C GLU D 74 -2.38 2.17 -23.08
N GLY D 75 -1.56 1.54 -22.25
CA GLY D 75 -0.16 1.90 -22.08
C GLY D 75 0.14 2.28 -20.63
N ARG D 76 0.91 3.35 -20.47
CA ARG D 76 1.62 3.63 -19.21
C ARG D 76 0.67 3.90 -18.04
N ILE D 77 -0.34 4.76 -18.25
CA ILE D 77 -1.15 5.13 -17.10
C ILE D 77 -2.08 4.01 -16.69
N GLN D 78 -2.60 3.25 -17.66
CA GLN D 78 -3.41 2.11 -17.29
C GLN D 78 -2.59 1.08 -16.51
N ASP D 79 -1.33 0.84 -16.93
CA ASP D 79 -0.48 -0.04 -16.16
C ASP D 79 -0.32 0.45 -14.72
N LEU D 80 -0.12 1.76 -14.55
CA LEU D 80 0.04 2.26 -13.19
C LEU D 80 -1.23 2.05 -12.38
N GLU D 81 -2.40 2.27 -13.01
CA GLU D 81 -3.66 2.12 -12.28
C GLU D 81 -3.87 0.65 -11.84
N LYS D 82 -3.62 -0.29 -12.76
CA LYS D 82 -3.68 -1.72 -12.38
C LYS D 82 -2.69 -2.06 -11.28
N TYR D 83 -1.47 -1.54 -11.36
CA TYR D 83 -0.44 -1.91 -10.39
C TYR D 83 -0.77 -1.37 -9.00
N VAL D 84 -1.30 -0.16 -8.93
CA VAL D 84 -1.74 0.42 -7.65
C VAL D 84 -2.83 -0.45 -7.03
N GLU D 85 -3.82 -0.86 -7.84
CA GLU D 85 -4.93 -1.60 -7.25
C GLU D 85 -4.51 -3.02 -6.84
N ASP D 86 -3.62 -3.65 -7.63
CA ASP D 86 -3.10 -4.95 -7.23
C ASP D 86 -2.17 -4.88 -6.00
N THR D 87 -1.48 -3.75 -5.82
CA THR D 87 -0.65 -3.61 -4.62
C THR D 87 -1.54 -3.50 -3.41
N LYS D 88 -2.58 -2.63 -3.51
CA LYS D 88 -3.55 -2.48 -2.42
C LYS D 88 -4.20 -3.81 -2.04
N ILE D 89 -4.65 -4.58 -3.04
CA ILE D 89 -5.36 -5.82 -2.77
C ILE D 89 -4.46 -6.83 -2.08
N ASP D 90 -3.20 -6.95 -2.53
CA ASP D 90 -2.30 -7.91 -1.89
C ASP D 90 -1.99 -7.52 -0.45
N LEU D 91 -1.81 -6.22 -0.18
CA LEU D 91 -1.54 -5.82 1.19
C LEU D 91 -2.76 -6.07 2.10
N TRP D 92 -3.98 -5.74 1.63
CA TRP D 92 -5.17 -5.98 2.45
C TRP D 92 -5.40 -7.48 2.66
N SER D 93 -5.12 -8.30 1.64
CA SER D 93 -5.30 -9.75 1.78
C SER D 93 -4.33 -10.32 2.80
N TYR D 94 -3.08 -9.82 2.79
CA TYR D 94 -2.10 -10.23 3.78
C TYR D 94 -2.56 -9.83 5.18
N ASN D 95 -3.11 -8.62 5.30
CA ASN D 95 -3.59 -8.18 6.61
C ASN D 95 -4.72 -9.07 7.12
N ALA D 96 -5.67 -9.42 6.25
CA ALA D 96 -6.78 -10.27 6.67
C ALA D 96 -6.29 -11.65 7.11
N GLU D 97 -5.33 -12.22 6.36
CA GLU D 97 -4.82 -13.56 6.70
C GLU D 97 -4.09 -13.52 8.04
N LEU D 98 -3.25 -12.52 8.24
CA LEU D 98 -2.47 -12.44 9.47
C LEU D 98 -3.37 -12.12 10.65
N LEU D 99 -4.33 -11.20 10.48
CA LEU D 99 -5.27 -10.91 11.57
C LEU D 99 -5.97 -12.16 12.04
N VAL D 100 -6.54 -12.92 11.10
CA VAL D 100 -7.32 -14.07 11.52
C VAL D 100 -6.44 -15.13 12.20
N ALA D 101 -5.26 -15.42 11.63
CA ALA D 101 -4.34 -16.37 12.25
C ALA D 101 -3.95 -15.96 13.67
N LEU D 102 -3.59 -14.69 13.86
CA LEU D 102 -3.21 -14.20 15.19
C LEU D 102 -4.38 -14.28 16.16
N GLU D 103 -5.52 -13.74 15.76
CA GLU D 103 -6.68 -13.74 16.64
C GLU D 103 -7.05 -15.15 17.07
N ASN D 104 -6.99 -16.11 16.14
CA ASN D 104 -7.39 -17.46 16.48
C ASN D 104 -6.41 -18.11 17.45
N GLN D 105 -5.09 -17.99 17.18
CA GLN D 105 -4.11 -18.44 18.18
C GLN D 105 -4.42 -17.87 19.56
N HIS D 106 -4.67 -16.57 19.63
CA HIS D 106 -4.91 -15.93 20.91
C HIS D 106 -6.23 -16.38 21.55
N THR D 107 -7.26 -16.61 20.73
CA THR D 107 -8.55 -17.01 21.29
C THR D 107 -8.46 -18.40 21.89
N ILE D 108 -7.74 -19.29 21.21
CA ILE D 108 -7.50 -20.62 21.75
C ILE D 108 -6.72 -20.53 23.05
N ASP D 109 -5.69 -19.67 23.10
CA ASP D 109 -4.94 -19.51 24.35
C ASP D 109 -5.79 -18.91 25.47
N VAL D 110 -6.61 -17.92 25.16
CA VAL D 110 -7.51 -17.33 26.15
C VAL D 110 -8.45 -18.37 26.77
N THR D 111 -9.09 -19.19 25.92
CA THR D 111 -10.05 -20.16 26.47
C THR D 111 -9.35 -21.24 27.28
N ASP D 112 -8.15 -21.65 26.85
CA ASP D 112 -7.37 -22.61 27.61
C ASP D 112 -6.94 -22.00 28.95
N SER D 113 -6.53 -20.73 28.93
CA SER D 113 -6.16 -20.04 30.16
C SER D 113 -7.32 -19.97 31.15
N GLU D 114 -8.54 -19.69 30.66
CA GLU D 114 -9.70 -19.62 31.57
C GLU D 114 -10.02 -20.98 32.18
N MET D 115 -9.91 -22.05 31.39
CA MET D 115 -10.00 -23.40 31.98
C MET D 115 -9.02 -23.53 33.14
N ASN D 116 -7.77 -23.13 32.90
CA ASN D 116 -6.72 -23.29 33.92
C ASN D 116 -6.97 -22.43 35.16
N LYS D 117 -7.43 -21.21 34.96
CA LYS D 117 -7.72 -20.32 36.10
C LYS D 117 -8.86 -20.85 36.95
N LEU D 118 -9.86 -21.48 36.33
CA LEU D 118 -10.92 -22.13 37.11
C LEU D 118 -10.33 -23.27 37.93
N PHE D 119 -9.47 -24.09 37.31
CA PHE D 119 -8.84 -25.19 38.02
C PHE D 119 -8.04 -24.71 39.23
N GLU D 120 -7.29 -23.61 39.06
CA GLU D 120 -6.41 -23.14 40.11
C GLU D 120 -7.21 -22.48 41.22
N ARG D 121 -8.31 -21.80 40.88
CA ARG D 121 -9.21 -21.28 41.90
C ARG D 121 -9.71 -22.39 42.80
N VAL D 122 -10.21 -23.48 42.21
CA VAL D 122 -10.75 -24.57 43.04
C VAL D 122 -9.66 -25.19 43.90
N ARG D 123 -8.48 -25.43 43.32
CA ARG D 123 -7.34 -25.94 44.08
C ARG D 123 -7.06 -25.09 45.33
N ARG D 124 -6.99 -23.77 45.15
CA ARG D 124 -6.71 -22.89 46.27
C ARG D 124 -7.83 -22.91 47.32
N GLN D 125 -9.07 -23.12 46.89
CA GLN D 125 -10.16 -23.24 47.88
C GLN D 125 -10.00 -24.51 48.71
N LEU D 126 -9.65 -25.61 48.07
CA LEU D 126 -9.57 -26.89 48.75
C LEU D 126 -8.40 -26.97 49.70
N ARG D 127 -7.35 -26.16 49.48
CA ARG D 127 -6.20 -26.18 50.38
C ARG D 127 -5.64 -27.60 50.55
N GLU D 128 -5.54 -28.09 51.78
CA GLU D 128 -4.97 -29.41 52.07
C GLU D 128 -6.02 -30.53 52.08
N ASN D 129 -7.27 -30.23 51.74
CA ASN D 129 -8.35 -31.18 51.93
C ASN D 129 -8.58 -32.06 50.73
N ALA D 130 -7.86 -31.82 49.63
CA ALA D 130 -8.11 -32.54 48.39
C ALA D 130 -6.79 -32.67 47.65
N GLU D 131 -6.74 -33.62 46.74
CA GLU D 131 -5.57 -33.85 45.92
C GLU D 131 -5.95 -33.84 44.45
N ASP D 132 -5.07 -33.30 43.62
CA ASP D 132 -5.25 -33.26 42.17
C ASP D 132 -5.01 -34.66 41.62
N LYS D 133 -6.06 -35.27 41.08
CA LYS D 133 -5.97 -36.60 40.48
C LYS D 133 -5.27 -36.60 39.13
N GLY D 134 -5.11 -35.44 38.49
CA GLY D 134 -4.32 -35.34 37.28
C GLY D 134 -5.09 -35.16 35.98
N ASN D 135 -6.42 -35.08 36.04
CA ASN D 135 -7.24 -35.05 34.83
C ASN D 135 -8.31 -33.97 34.94
N GLY D 136 -8.03 -32.93 35.69
CA GLY D 136 -9.02 -31.92 35.98
C GLY D 136 -9.93 -32.21 37.14
N CYS D 137 -9.70 -33.31 37.88
CA CYS D 137 -10.56 -33.76 38.97
C CYS D 137 -9.78 -33.70 40.28
N PHE D 138 -10.48 -33.38 41.37
CA PHE D 138 -9.92 -33.38 42.71
C PHE D 138 -10.54 -34.51 43.51
N GLU D 139 -9.69 -35.34 44.13
CA GLU D 139 -10.16 -36.27 45.15
C GLU D 139 -10.24 -35.58 46.53
N ILE D 140 -11.44 -35.54 47.09
CA ILE D 140 -11.72 -34.83 48.34
C ILE D 140 -11.72 -35.82 49.50
N PHE D 141 -10.96 -35.51 50.56
CA PHE D 141 -10.67 -36.50 51.59
C PHE D 141 -11.56 -36.34 52.80
N HIS D 142 -12.73 -35.75 52.62
CA HIS D 142 -13.80 -35.73 53.62
C HIS D 142 -15.11 -35.93 52.88
N GLN D 143 -16.10 -36.44 53.60
CA GLN D 143 -17.44 -36.50 53.03
C GLN D 143 -17.93 -35.09 52.71
N CYS D 144 -18.71 -34.96 51.63
CA CYS D 144 -19.08 -33.65 51.08
C CYS D 144 -20.48 -33.81 50.47
N ASP D 145 -21.50 -33.51 51.28
CA ASP D 145 -22.87 -33.57 50.79
C ASP D 145 -23.11 -32.48 49.73
N ASN D 146 -24.34 -32.41 49.23
CA ASN D 146 -24.62 -31.51 48.11
C ASN D 146 -24.39 -30.04 48.49
N ASN D 147 -24.70 -29.68 49.74
CA ASN D 147 -24.44 -28.32 50.20
C ASN D 147 -22.95 -28.02 50.17
N CYS D 148 -22.12 -29.00 50.51
CA CYS D 148 -20.68 -28.80 50.52
C CYS D 148 -20.12 -28.69 49.10
N ILE D 149 -20.69 -29.48 48.17
CA ILE D 149 -20.30 -29.35 46.76
C ILE D 149 -20.62 -27.96 46.24
N GLU D 150 -21.84 -27.49 46.52
CA GLU D 150 -22.25 -26.16 46.05
C GLU D 150 -21.39 -25.08 46.69
N SER D 151 -21.01 -25.25 47.97
CA SER D 151 -20.13 -24.29 48.62
C SER D 151 -18.79 -24.21 47.91
N ILE D 152 -18.30 -25.35 47.41
CA ILE D 152 -17.10 -25.29 46.57
C ILE D 152 -17.43 -24.54 45.27
N ARG D 153 -18.58 -24.85 44.68
CA ARG D 153 -18.94 -24.20 43.42
C ARG D 153 -19.14 -22.70 43.59
N ASN D 154 -19.78 -22.26 44.67
CA ASN D 154 -20.09 -20.84 44.80
C ASN D 154 -19.06 -20.05 45.61
N GLY D 155 -17.90 -20.62 45.89
CA GLY D 155 -16.80 -19.92 46.55
C GLY D 155 -16.96 -19.65 48.03
N THR D 156 -17.76 -20.42 48.76
CA THR D 156 -17.91 -20.23 50.20
C THR D 156 -17.43 -21.44 51.00
N TYR D 157 -16.67 -22.34 50.37
CA TYR D 157 -16.15 -23.50 51.09
C TYR D 157 -15.09 -23.08 52.09
N ASP D 158 -15.27 -23.47 53.34
CA ASP D 158 -14.32 -23.13 54.41
C ASP D 158 -13.50 -24.40 54.68
N HIS D 159 -12.26 -24.41 54.22
CA HIS D 159 -11.41 -25.60 54.37
C HIS D 159 -11.16 -25.97 55.82
N ASP D 160 -11.12 -24.98 56.72
CA ASP D 160 -10.78 -25.24 58.12
C ASP D 160 -11.81 -26.13 58.79
N ILE D 161 -13.06 -26.10 58.33
CA ILE D 161 -14.09 -26.94 58.93
C ILE D 161 -13.74 -28.42 58.74
N TYR D 162 -13.16 -28.77 57.58
CA TYR D 162 -12.93 -30.16 57.24
C TYR D 162 -11.48 -30.58 57.35
N ARG D 163 -10.56 -29.64 57.61
CA ARG D 163 -9.13 -29.90 57.47
C ARG D 163 -8.66 -31.12 58.28
N ASP D 164 -9.11 -31.25 59.52
CA ASP D 164 -8.56 -32.30 60.36
C ASP D 164 -9.01 -33.69 59.89
N GLU D 165 -10.31 -33.85 59.62
CA GLU D 165 -10.80 -35.05 58.94
C GLU D 165 -9.99 -35.35 57.67
N ALA D 166 -9.82 -34.33 56.81
CA ALA D 166 -9.20 -34.58 55.50
C ALA D 166 -7.74 -34.99 55.64
N ILE D 167 -6.99 -34.30 56.50
CA ILE D 167 -5.57 -34.62 56.70
C ILE D 167 -5.40 -36.01 57.30
N ASN D 168 -6.25 -36.37 58.25
CA ASN D 168 -6.17 -37.71 58.79
C ASN D 168 -6.48 -38.76 57.71
N ASN D 169 -7.44 -38.48 56.82
CA ASN D 169 -7.68 -39.49 55.78
C ASN D 169 -6.55 -39.53 54.78
N ARG D 170 -5.99 -38.38 54.41
CA ARG D 170 -4.92 -38.31 53.42
C ARG D 170 -3.69 -39.09 53.87
N PHE D 171 -3.30 -38.94 55.13
CA PHE D 171 -2.03 -39.47 55.60
C PHE D 171 -2.15 -40.59 56.61
N GLN D 172 -3.36 -40.93 57.06
CA GLN D 172 -3.54 -41.89 58.14
C GLN D 172 -2.76 -41.48 59.37
N ILE D 173 -3.31 -40.57 60.17
CA ILE D 173 -2.72 -40.25 61.46
C ILE D 173 -3.79 -40.40 62.52
N TYR E 8 23.82 -37.17 47.54
CA TYR E 8 22.69 -37.86 46.93
C TYR E 8 21.60 -38.19 47.97
N THR E 9 21.98 -38.31 49.25
CA THR E 9 21.06 -38.59 50.37
C THR E 9 20.36 -39.95 50.30
N GLY E 10 20.12 -40.47 49.10
CA GLY E 10 19.44 -41.75 48.96
C GLY E 10 17.96 -41.67 48.63
N ASN E 11 17.41 -40.47 48.46
CA ASN E 11 16.12 -40.33 47.78
C ASN E 11 16.36 -40.15 46.29
N PRO E 12 15.77 -40.98 45.44
CA PRO E 12 15.89 -40.79 44.00
C PRO E 12 15.49 -39.39 43.52
N VAL E 13 16.15 -38.93 42.46
CA VAL E 13 15.88 -37.64 41.85
C VAL E 13 15.60 -37.86 40.37
N ILE E 14 14.56 -37.18 39.86
CA ILE E 14 14.30 -37.06 38.42
C ILE E 14 14.25 -35.59 38.04
N CYS E 15 15.08 -35.20 37.08
CA CYS E 15 15.15 -33.82 36.62
C CYS E 15 14.60 -33.77 35.22
N LEU E 16 13.76 -32.76 34.99
CA LEU E 16 13.29 -32.41 33.66
C LEU E 16 14.15 -31.28 33.11
N GLY E 17 14.47 -31.36 31.82
CA GLY E 17 15.26 -30.31 31.20
C GLY E 17 15.05 -30.29 29.70
N HIS E 18 15.91 -29.52 29.04
CA HIS E 18 15.79 -29.27 27.62
C HIS E 18 17.18 -29.18 27.03
N HIS E 19 17.26 -29.34 25.71
CA HIS E 19 18.58 -29.39 25.12
C HIS E 19 19.15 -27.98 24.94
N ALA E 20 20.41 -27.94 24.52
CA ALA E 20 21.12 -26.71 24.22
C ALA E 20 22.27 -27.05 23.29
N VAL E 21 22.85 -26.03 22.66
CA VAL E 21 24.01 -26.24 21.81
C VAL E 21 25.07 -25.25 22.23
N PRO E 22 26.35 -25.49 21.89
CA PRO E 22 27.40 -24.54 22.31
C PRO E 22 27.13 -23.12 21.87
N ASN E 23 26.84 -22.88 20.59
CA ASN E 23 26.53 -21.55 20.10
C ASN E 23 25.28 -21.60 19.23
N GLY E 24 24.30 -20.75 19.56
CA GLY E 24 23.07 -20.67 18.82
C GLY E 24 23.08 -19.53 17.82
N THR E 25 21.88 -19.12 17.41
CA THR E 25 21.67 -17.98 16.52
C THR E 25 20.86 -16.90 17.23
N MET E 26 21.21 -15.63 17.01
CA MET E 26 20.48 -14.52 17.61
C MET E 26 19.30 -14.11 16.71
N VAL E 27 18.14 -13.88 17.33
CA VAL E 27 16.93 -13.46 16.61
C VAL E 27 16.36 -12.24 17.33
N LYS E 28 15.44 -11.54 16.66
CA LYS E 28 14.67 -10.46 17.27
C LYS E 28 13.26 -10.85 17.61
N THR E 29 12.77 -10.21 18.66
CA THR E 29 11.42 -10.40 19.14
C THR E 29 10.80 -9.03 19.40
N LEU E 30 9.55 -9.03 19.88
CA LEU E 30 8.89 -7.79 20.25
C LEU E 30 9.59 -7.09 21.41
N THR E 31 10.17 -7.87 22.33
CA THR E 31 10.75 -7.33 23.57
C THR E 31 12.27 -7.33 23.59
N ASP E 32 12.94 -8.03 22.67
CA ASP E 32 14.39 -8.14 22.67
C ASP E 32 14.91 -7.93 21.25
N ASP E 33 15.91 -7.07 21.11
CA ASP E 33 16.50 -6.85 19.80
C ASP E 33 17.30 -8.05 19.34
N GLN E 34 18.03 -8.68 20.26
CA GLN E 34 18.87 -9.83 19.96
C GLN E 34 18.80 -10.79 21.13
N ILE E 35 18.23 -11.98 20.90
CA ILE E 35 18.19 -13.02 21.93
C ILE E 35 18.49 -14.36 21.27
N GLU E 36 19.21 -15.22 21.99
CA GLU E 36 19.80 -16.42 21.42
C GLU E 36 18.82 -17.59 21.44
N VAL E 37 18.70 -18.29 20.30
CA VAL E 37 17.90 -19.50 20.19
C VAL E 37 18.76 -20.60 19.57
N VAL E 38 18.23 -21.82 19.65
CA VAL E 38 18.97 -23.02 19.27
C VAL E 38 19.17 -23.10 17.76
N THR E 39 18.09 -22.91 17.00
CA THR E 39 18.13 -22.87 15.54
C THR E 39 17.30 -21.70 15.02
N ALA E 40 17.75 -21.14 13.90
CA ALA E 40 16.94 -20.16 13.16
C ALA E 40 17.03 -20.45 11.67
N GLN E 41 16.16 -19.79 10.93
CA GLN E 41 16.09 -19.88 9.48
C GLN E 41 16.01 -18.47 8.91
N GLU E 42 16.84 -18.19 7.93
CA GLU E 42 16.87 -16.87 7.30
C GLU E 42 15.69 -16.74 6.35
N LEU E 43 14.98 -15.62 6.41
CA LEU E 43 13.79 -15.40 5.62
C LEU E 43 14.00 -14.47 4.42
N VAL E 44 15.17 -13.83 4.31
CA VAL E 44 15.48 -12.88 3.23
C VAL E 44 16.52 -13.50 2.32
N GLU E 45 16.14 -13.80 1.09
CA GLU E 45 17.11 -14.23 0.10
C GLU E 45 18.00 -13.08 -0.35
N SER E 46 19.31 -13.27 -0.26
CA SER E 46 20.28 -12.27 -0.69
C SER E 46 21.13 -12.70 -1.87
N GLN E 47 21.09 -13.96 -2.26
CA GLN E 47 21.96 -14.46 -3.32
C GLN E 47 21.14 -14.71 -4.58
N HIS E 48 21.76 -14.41 -5.72
CA HIS E 48 21.15 -14.60 -7.03
C HIS E 48 22.12 -15.33 -7.94
N LEU E 49 21.55 -16.03 -8.92
CA LEU E 49 22.36 -16.61 -9.99
C LEU E 49 22.88 -15.51 -10.92
N PRO E 50 24.05 -15.72 -11.54
CA PRO E 50 24.58 -14.72 -12.46
C PRO E 50 24.06 -14.87 -13.89
N GLU E 51 22.99 -15.65 -14.06
CA GLU E 51 22.37 -15.91 -15.35
C GLU E 51 20.87 -15.80 -15.20
N LEU E 52 20.17 -15.59 -16.32
CA LEU E 52 18.72 -15.78 -16.36
C LEU E 52 18.42 -17.21 -16.82
N CYS E 53 17.45 -17.84 -16.16
CA CYS E 53 17.21 -19.25 -16.48
C CYS E 53 16.13 -19.34 -17.54
N PRO E 54 16.32 -20.12 -18.61
CA PRO E 54 15.37 -20.15 -19.73
C PRO E 54 14.18 -21.09 -19.59
N SER E 55 13.99 -21.70 -18.43
CA SER E 55 12.83 -22.53 -18.14
C SER E 55 12.42 -22.28 -16.70
N PRO E 56 11.14 -22.44 -16.36
CA PRO E 56 10.03 -22.81 -17.26
C PRO E 56 9.47 -21.65 -18.10
N LEU E 57 9.85 -20.40 -17.79
CA LEU E 57 9.36 -19.23 -18.53
C LEU E 57 10.06 -19.11 -19.87
N ARG E 58 9.30 -18.73 -20.90
CA ARG E 58 9.80 -18.53 -22.25
C ARG E 58 10.48 -17.16 -22.38
N LEU E 59 11.79 -17.15 -22.54
CA LEU E 59 12.56 -15.93 -22.64
C LEU E 59 12.96 -15.70 -24.10
N VAL E 60 12.71 -14.49 -24.60
CA VAL E 60 13.23 -14.09 -25.91
C VAL E 60 14.26 -12.99 -25.71
N ASP E 61 15.45 -13.21 -26.25
CA ASP E 61 16.56 -12.28 -26.12
C ASP E 61 16.55 -11.33 -27.31
N GLY E 62 16.39 -10.04 -27.04
CA GLY E 62 16.39 -9.08 -28.12
C GLY E 62 17.74 -8.91 -28.79
N GLN E 63 18.81 -9.27 -28.08
CA GLN E 63 20.18 -9.09 -28.57
C GLN E 63 20.33 -7.61 -28.90
N THR E 64 20.59 -7.22 -30.14
CA THR E 64 20.83 -5.82 -30.46
C THR E 64 19.57 -5.02 -30.77
N CYS E 65 18.39 -5.63 -30.70
CA CYS E 65 17.13 -4.93 -30.97
C CYS E 65 16.31 -4.76 -29.71
N ASP E 66 16.03 -3.49 -29.36
CA ASP E 66 14.87 -3.00 -28.63
C ASP E 66 13.60 -3.77 -28.96
N ILE E 67 12.61 -3.76 -28.07
CA ILE E 67 11.31 -4.30 -28.47
C ILE E 67 10.66 -3.39 -29.52
N VAL E 68 10.87 -2.08 -29.43
CA VAL E 68 10.20 -1.18 -30.37
C VAL E 68 10.79 -1.37 -31.78
N ASN E 69 12.13 -1.34 -31.88
CA ASN E 69 12.80 -1.65 -33.15
C ASN E 69 12.43 -3.04 -33.67
N GLY E 70 12.23 -3.99 -32.76
CA GLY E 70 11.79 -5.31 -33.16
C GLY E 70 10.39 -5.30 -33.74
N ALA E 71 9.51 -4.45 -33.20
CA ALA E 71 8.17 -4.29 -33.80
C ALA E 71 8.23 -3.61 -35.16
N LEU E 72 9.09 -2.59 -35.29
CA LEU E 72 9.17 -1.87 -36.56
C LEU E 72 9.85 -2.68 -37.65
N GLY E 73 10.66 -3.67 -37.29
CA GLY E 73 11.39 -4.47 -38.26
C GLY E 73 12.67 -3.80 -38.73
N SER E 74 13.44 -3.26 -37.79
CA SER E 74 14.72 -2.68 -38.12
C SER E 74 15.74 -3.77 -38.45
N PRO E 75 16.80 -3.43 -39.22
CA PRO E 75 17.81 -4.41 -39.65
C PRO E 75 18.24 -5.52 -38.71
N GLY E 76 18.64 -5.24 -37.47
CA GLY E 76 19.16 -6.36 -36.71
C GLY E 76 18.12 -7.25 -36.06
N CYS E 77 16.86 -7.20 -36.50
CA CYS E 77 15.74 -7.71 -35.72
C CYS E 77 14.99 -8.88 -36.34
N ASP E 78 15.47 -9.44 -37.46
CA ASP E 78 14.67 -10.47 -38.14
C ASP E 78 14.48 -11.71 -37.27
N HIS E 79 15.43 -12.00 -36.39
CA HIS E 79 15.28 -13.15 -35.49
C HIS E 79 14.08 -13.03 -34.55
N LEU E 80 13.42 -11.87 -34.50
CA LEU E 80 12.25 -11.69 -33.64
C LEU E 80 10.93 -11.82 -34.37
N ASN E 81 10.95 -11.91 -35.70
CA ASN E 81 9.76 -12.28 -36.48
C ASN E 81 9.17 -13.59 -35.96
N GLY E 82 7.91 -13.56 -35.55
CA GLY E 82 7.23 -14.75 -35.09
C GLY E 82 7.49 -15.13 -33.65
N ALA E 83 8.29 -14.33 -32.92
CA ALA E 83 8.67 -14.69 -31.56
C ALA E 83 7.48 -14.63 -30.62
N GLU E 84 7.52 -15.48 -29.59
CA GLU E 84 6.57 -15.45 -28.49
C GLU E 84 7.33 -15.54 -27.18
N TRP E 85 6.89 -14.81 -26.16
CA TRP E 85 7.65 -14.76 -24.93
C TRP E 85 6.71 -14.62 -23.74
N ASP E 86 7.17 -15.10 -22.59
CA ASP E 86 6.67 -14.64 -21.31
C ASP E 86 7.42 -13.40 -20.87
N VAL E 87 8.73 -13.36 -21.12
CA VAL E 87 9.56 -12.22 -20.79
C VAL E 87 10.46 -11.89 -21.97
N PHE E 88 10.31 -10.68 -22.50
CA PHE E 88 11.23 -10.16 -23.51
C PHE E 88 12.46 -9.63 -22.79
N ILE E 89 13.64 -10.17 -23.11
CA ILE E 89 14.87 -9.68 -22.49
C ILE E 89 15.49 -8.61 -23.38
N GLU E 90 15.43 -7.37 -22.91
CA GLU E 90 15.91 -6.23 -23.67
C GLU E 90 17.29 -5.84 -23.14
N ARG E 91 18.23 -5.60 -24.05
CA ARG E 91 19.61 -5.34 -23.66
C ARG E 91 19.90 -3.84 -23.69
N PRO E 92 20.56 -3.32 -22.66
CA PRO E 92 20.90 -1.90 -22.64
C PRO E 92 21.91 -1.50 -23.70
N THR E 93 22.60 -2.45 -24.31
CA THR E 93 23.49 -2.17 -25.44
C THR E 93 22.78 -2.16 -26.78
N ALA E 94 21.48 -2.43 -26.84
CA ALA E 94 20.72 -2.24 -28.07
C ALA E 94 20.97 -0.87 -28.66
N VAL E 95 21.06 -0.79 -29.99
CA VAL E 95 21.22 0.49 -30.67
C VAL E 95 20.29 0.57 -31.87
N ASP E 96 19.95 1.81 -32.23
CA ASP E 96 19.18 2.07 -33.44
C ASP E 96 20.02 1.80 -34.68
N THR E 97 19.44 1.09 -35.64
CA THR E 97 20.11 0.70 -36.87
C THR E 97 19.40 1.24 -38.11
N CYS E 98 18.40 2.10 -37.95
CA CYS E 98 17.54 2.45 -39.07
C CYS E 98 17.25 3.95 -38.99
N TYR E 99 16.18 4.36 -39.69
CA TYR E 99 15.83 5.79 -39.77
C TYR E 99 15.63 6.37 -38.37
N PRO E 100 16.24 7.51 -38.04
CA PRO E 100 16.08 8.07 -36.70
C PRO E 100 14.62 8.42 -36.46
N PHE E 101 14.07 7.92 -35.36
CA PHE E 101 12.66 8.08 -35.08
C PHE E 101 12.46 8.41 -33.61
N ASP E 102 11.26 8.89 -33.31
CA ASP E 102 10.78 8.99 -31.94
C ASP E 102 9.36 8.46 -31.91
N VAL E 103 8.87 8.26 -30.69
CA VAL E 103 7.52 7.74 -30.45
C VAL E 103 6.93 8.59 -29.34
N PRO E 104 5.95 9.44 -29.64
CA PRO E 104 5.24 10.12 -28.54
C PRO E 104 4.57 9.06 -27.69
N ASP E 105 4.72 9.18 -26.36
CA ASP E 105 4.25 8.14 -25.44
C ASP E 105 4.97 6.81 -25.68
N TYR E 106 6.30 6.89 -25.79
CA TYR E 106 7.13 5.74 -26.12
C TYR E 106 6.88 4.57 -25.18
N GLN E 107 6.82 4.85 -23.87
CA GLN E 107 6.68 3.80 -22.89
C GLN E 107 5.36 3.05 -23.04
N SER E 108 4.33 3.73 -23.53
CA SER E 108 3.06 3.05 -23.75
C SER E 108 3.16 2.03 -24.89
N LEU E 109 3.83 2.40 -25.98
CA LEU E 109 4.00 1.41 -27.05
C LEU E 109 4.85 0.27 -26.55
N ARG E 110 5.92 0.59 -25.82
CA ARG E 110 6.79 -0.46 -25.31
C ARG E 110 6.01 -1.42 -24.42
N SER E 111 5.17 -0.87 -23.54
CA SER E 111 4.38 -1.69 -22.62
C SER E 111 3.36 -2.53 -23.38
N ILE E 112 2.65 -1.96 -24.34
CA ILE E 112 1.68 -2.75 -25.09
C ILE E 112 2.37 -3.91 -25.81
N LEU E 113 3.48 -3.62 -26.48
CA LEU E 113 4.21 -4.67 -27.19
C LEU E 113 4.69 -5.75 -26.24
N ALA E 114 5.29 -5.35 -25.11
CA ALA E 114 5.85 -6.32 -24.17
C ALA E 114 4.76 -7.16 -23.53
N ASN E 115 3.67 -6.51 -23.14
CA ASN E 115 2.58 -7.20 -22.47
C ASN E 115 1.89 -8.17 -23.41
N ASN E 116 1.74 -7.79 -24.69
CA ASN E 116 1.00 -8.63 -25.62
C ASN E 116 1.66 -10.00 -25.82
N GLY E 117 2.99 -10.05 -25.95
CA GLY E 117 3.71 -11.29 -25.84
C GLY E 117 4.08 -12.00 -27.13
N LYS E 118 3.92 -11.36 -28.29
CA LYS E 118 4.30 -12.02 -29.54
C LYS E 118 4.38 -10.99 -30.63
N PHE E 119 5.22 -11.29 -31.61
CA PHE E 119 5.31 -10.57 -32.87
C PHE E 119 4.74 -11.52 -33.91
N GLU E 120 3.44 -11.45 -34.14
CA GLU E 120 2.82 -12.20 -35.20
C GLU E 120 2.27 -11.17 -36.20
N PHE E 121 2.96 -11.00 -37.32
CA PHE E 121 2.62 -9.94 -38.27
C PHE E 121 1.81 -10.52 -39.42
N ILE E 122 0.69 -9.90 -39.71
CA ILE E 122 -0.18 -10.30 -40.81
C ILE E 122 -0.02 -9.23 -41.89
N ALA E 123 0.59 -9.62 -43.00
CA ALA E 123 0.72 -8.74 -44.15
C ALA E 123 -0.62 -8.47 -44.79
N GLU E 124 -0.83 -7.22 -45.17
CA GLU E 124 -2.00 -6.80 -45.91
C GLU E 124 -1.51 -5.90 -47.03
N GLU E 125 -2.10 -6.07 -48.20
CA GLU E 125 -1.70 -5.25 -49.32
C GLU E 125 -2.56 -4.00 -49.35
N PHE E 126 -1.90 -2.85 -49.36
CA PHE E 126 -2.54 -1.55 -49.35
C PHE E 126 -2.38 -1.00 -50.75
N GLN E 127 -3.49 -0.64 -51.38
CA GLN E 127 -3.45 -0.26 -52.79
C GLN E 127 -3.34 1.26 -52.88
N TRP E 128 -2.16 1.75 -52.47
CA TRP E 128 -1.83 3.15 -52.63
C TRP E 128 -1.83 3.49 -54.11
N ASN E 129 -2.20 4.72 -54.43
CA ASN E 129 -2.41 5.07 -55.83
C ASN E 129 -1.47 6.21 -56.24
N THR E 130 -0.79 6.00 -57.38
CA THR E 130 0.13 6.95 -58.03
C THR E 130 1.46 7.03 -57.29
N VAL E 131 1.42 7.23 -55.98
CA VAL E 131 2.61 7.48 -55.16
C VAL E 131 3.64 6.37 -55.36
N LYS E 132 4.93 6.69 -55.26
CA LYS E 132 5.94 5.63 -55.23
C LYS E 132 5.94 4.98 -53.85
N GLN E 133 6.39 3.72 -53.81
CA GLN E 133 6.36 2.91 -52.60
C GLN E 133 7.74 2.37 -52.27
N ASN E 134 7.88 1.82 -51.06
CA ASN E 134 9.09 1.10 -50.66
C ASN E 134 10.31 2.02 -50.67
N GLY E 135 10.12 3.28 -50.28
CA GLY E 135 11.25 4.18 -50.17
C GLY E 135 12.30 3.61 -49.22
N LYS E 136 13.56 3.88 -49.54
CA LYS E 136 14.70 3.34 -48.79
C LYS E 136 15.65 4.47 -48.41
N SER E 137 16.54 4.19 -47.45
CA SER E 137 17.39 5.24 -46.90
C SER E 137 18.78 4.74 -46.53
N GLY E 138 19.78 5.60 -46.76
CA GLY E 138 21.13 5.38 -46.27
C GLY E 138 21.25 5.27 -44.76
N ALA E 139 20.29 5.80 -44.01
CA ALA E 139 20.36 5.71 -42.56
C ALA E 139 19.97 4.34 -42.02
N CYS E 140 19.65 3.40 -42.92
CA CYS E 140 19.00 2.15 -42.57
C CYS E 140 19.48 1.09 -43.56
N LYS E 141 20.75 0.72 -43.41
CA LYS E 141 21.36 -0.26 -44.29
C LYS E 141 21.03 -1.68 -43.86
N ARG E 142 20.73 -2.52 -44.84
CA ARG E 142 20.48 -3.94 -44.65
C ARG E 142 21.37 -4.68 -45.64
N ALA E 143 22.05 -5.73 -45.16
CA ALA E 143 23.24 -6.23 -45.86
C ALA E 143 24.13 -5.00 -45.94
N ASN E 144 24.54 -4.54 -47.12
CA ASN E 144 25.25 -3.28 -47.19
C ASN E 144 24.53 -2.29 -48.11
N VAL E 145 23.19 -2.28 -48.07
CA VAL E 145 22.39 -1.62 -49.09
C VAL E 145 21.28 -0.83 -48.40
N ASN E 146 20.93 0.32 -48.99
CA ASN E 146 19.91 1.18 -48.41
C ASN E 146 18.62 0.40 -48.30
N ASP E 147 17.97 0.50 -47.15
CA ASP E 147 16.75 -0.26 -46.90
C ASP E 147 15.89 0.55 -45.93
N PHE E 148 14.99 -0.14 -45.23
CA PHE E 148 13.99 0.54 -44.41
C PHE E 148 13.44 -0.44 -43.38
N PHE E 149 12.61 0.07 -42.47
CA PHE E 149 11.87 -0.79 -41.58
C PHE E 149 11.06 -1.82 -42.39
N ASN E 150 11.12 -3.08 -41.94
CA ASN E 150 10.46 -4.21 -42.60
C ASN E 150 8.95 -4.06 -42.65
N ARG E 151 8.35 -3.46 -41.63
CA ARG E 151 6.91 -3.43 -41.43
C ARG E 151 6.28 -2.16 -41.92
N LEU E 152 7.05 -1.30 -42.57
CA LEU E 152 6.60 0.02 -42.96
C LEU E 152 6.94 0.22 -44.42
N ASN E 153 6.22 1.15 -45.04
CA ASN E 153 6.27 1.38 -46.49
C ASN E 153 6.33 2.89 -46.65
N TRP E 154 7.50 3.40 -46.98
CA TRP E 154 7.68 4.84 -47.08
C TRP E 154 7.18 5.29 -48.45
N LEU E 155 6.05 6.00 -48.47
CA LEU E 155 5.45 6.49 -49.69
C LEU E 155 6.00 7.88 -50.03
N THR E 156 6.28 8.11 -51.31
CA THR E 156 6.69 9.43 -51.79
C THR E 156 5.96 9.71 -53.09
N LYS E 157 6.14 10.94 -53.58
CA LYS E 157 5.47 11.38 -54.79
C LYS E 157 5.99 10.64 -56.02
N SER E 158 5.13 10.55 -57.04
CA SER E 158 5.47 9.88 -58.30
C SER E 158 6.52 10.65 -59.09
N ASP E 159 7.09 9.97 -60.10
CA ASP E 159 7.98 10.60 -61.07
C ASP E 159 7.35 11.80 -61.76
N GLY E 160 6.02 11.78 -61.93
CA GLY E 160 5.28 12.88 -62.52
C GLY E 160 4.93 13.98 -61.54
N ASN E 161 5.53 13.97 -60.35
CA ASN E 161 5.34 15.04 -59.38
C ASN E 161 3.89 15.11 -58.90
N ALA E 162 3.27 13.95 -58.63
CA ALA E 162 1.94 13.89 -58.03
C ALA E 162 1.94 13.12 -56.71
N TYR E 163 1.19 13.64 -55.74
CA TYR E 163 0.85 12.91 -54.53
C TYR E 163 -0.63 13.16 -54.29
N PRO E 164 -1.51 12.38 -54.93
CA PRO E 164 -2.95 12.57 -54.74
C PRO E 164 -3.36 12.11 -53.35
N LEU E 165 -4.55 12.59 -52.94
CA LEU E 165 -5.14 12.16 -51.70
C LEU E 165 -5.24 10.63 -51.63
N GLN E 166 -4.73 10.05 -50.54
CA GLN E 166 -4.82 8.62 -50.30
C GLN E 166 -5.90 8.41 -49.25
N ASN E 167 -6.74 7.41 -49.47
CA ASN E 167 -7.91 7.21 -48.63
C ASN E 167 -8.23 5.72 -48.66
N LEU E 168 -7.64 4.97 -47.73
CA LEU E 168 -7.74 3.52 -47.77
C LEU E 168 -8.30 2.98 -46.45
N THR E 169 -9.04 1.89 -46.55
CA THR E 169 -9.79 1.31 -45.44
C THR E 169 -9.40 -0.15 -45.30
N LYS E 170 -9.26 -0.60 -44.05
CA LYS E 170 -9.19 -2.03 -43.78
C LYS E 170 -10.20 -2.33 -42.69
N VAL E 171 -11.04 -3.34 -42.94
CA VAL E 171 -12.11 -3.74 -42.04
C VAL E 171 -11.60 -4.87 -41.18
N ASN E 172 -11.86 -4.83 -39.88
CA ASN E 172 -11.54 -5.97 -39.02
C ASN E 172 -12.78 -6.84 -38.93
N ASN E 173 -12.81 -7.88 -39.76
CA ASN E 173 -13.86 -8.89 -39.82
C ASN E 173 -13.40 -10.20 -39.21
N GLY E 174 -12.23 -10.19 -38.56
CA GLY E 174 -11.64 -11.36 -37.95
C GLY E 174 -11.97 -11.53 -36.49
N ASP E 175 -11.16 -12.36 -35.84
CA ASP E 175 -11.38 -12.90 -34.50
C ASP E 175 -10.66 -12.14 -33.40
N TYR E 176 -9.73 -11.26 -33.74
CA TYR E 176 -8.78 -10.72 -32.79
C TYR E 176 -8.60 -9.23 -33.03
N ALA E 177 -8.12 -8.52 -32.01
CA ALA E 177 -7.77 -7.12 -32.17
C ALA E 177 -6.46 -6.98 -32.94
N ARG E 178 -6.39 -5.95 -33.76
CA ARG E 178 -5.24 -5.70 -34.62
C ARG E 178 -4.48 -4.49 -34.14
N LEU E 179 -3.15 -4.53 -34.24
CA LEU E 179 -2.31 -3.39 -33.92
C LEU E 179 -1.67 -2.89 -35.20
N TYR E 180 -1.98 -1.67 -35.60
CA TYR E 180 -1.33 -1.03 -36.72
C TYR E 180 -0.32 -0.02 -36.19
N ILE E 181 0.91 -0.12 -36.68
CA ILE E 181 1.96 0.85 -36.39
C ILE E 181 2.23 1.63 -37.67
N TRP E 182 2.16 2.95 -37.57
CA TRP E 182 2.34 3.80 -38.73
C TRP E 182 3.18 5.00 -38.31
N GLY E 183 3.58 5.84 -39.28
CA GLY E 183 4.46 6.94 -38.97
C GLY E 183 4.15 8.19 -39.76
N VAL E 184 4.79 9.28 -39.33
CA VAL E 184 4.74 10.57 -40.00
C VAL E 184 6.18 11.03 -40.17
N HIS E 185 6.56 11.32 -41.40
CA HIS E 185 7.88 11.86 -41.70
C HIS E 185 7.93 13.38 -41.45
N HIS E 186 8.94 13.84 -40.72
CA HIS E 186 9.21 15.25 -40.48
C HIS E 186 10.48 15.63 -41.24
N PRO E 187 10.37 16.30 -42.38
CA PRO E 187 11.57 16.69 -43.14
C PRO E 187 12.31 17.81 -42.44
N SER E 188 13.56 17.98 -42.84
CA SER E 188 14.38 19.02 -42.24
C SER E 188 14.17 20.41 -42.88
N THR E 189 13.69 20.50 -44.13
CA THR E 189 13.47 21.78 -44.80
C THR E 189 12.16 21.75 -45.57
N ASP E 190 11.71 22.95 -46.00
CA ASP E 190 10.53 23.03 -46.88
C ASP E 190 10.82 22.40 -48.24
N THR E 191 12.04 22.55 -48.75
CA THR E 191 12.28 22.01 -50.08
C THR E 191 12.39 20.49 -50.04
N GLU E 192 12.84 19.91 -48.93
CA GLU E 192 12.76 18.46 -48.78
C GLU E 192 11.31 18.00 -48.75
N GLN E 193 10.46 18.78 -48.09
CA GLN E 193 9.03 18.49 -48.04
C GLN E 193 8.42 18.42 -49.44
N THR E 194 8.63 19.47 -50.26
CA THR E 194 8.08 19.44 -51.62
C THR E 194 8.78 18.41 -52.51
N ASN E 195 10.10 18.21 -52.34
CA ASN E 195 10.82 17.19 -53.10
C ASN E 195 10.23 15.81 -52.88
N LEU E 196 9.82 15.51 -51.65
CA LEU E 196 9.37 14.16 -51.30
C LEU E 196 7.88 13.97 -51.53
N TYR E 197 7.07 14.98 -51.24
CA TYR E 197 5.63 14.83 -51.12
C TYR E 197 4.79 15.80 -51.96
N LYS E 198 5.42 16.69 -52.74
CA LYS E 198 4.73 17.72 -53.54
C LYS E 198 3.96 18.71 -52.68
N ASN E 199 2.97 18.24 -51.92
CA ASN E 199 2.15 19.12 -51.09
C ASN E 199 2.96 19.63 -49.91
N ASN E 200 2.82 20.92 -49.56
CA ASN E 200 3.88 21.31 -48.64
C ASN E 200 3.42 21.07 -47.21
N PRO E 201 2.36 21.69 -46.71
CA PRO E 201 1.83 21.08 -45.48
C PRO E 201 1.35 19.69 -45.90
N GLY E 202 2.02 18.67 -45.43
CA GLY E 202 1.50 17.32 -45.55
C GLY E 202 0.41 17.17 -44.52
N ARG E 203 -0.21 15.97 -44.51
CA ARG E 203 -1.30 15.74 -43.58
C ARG E 203 -1.54 14.24 -43.47
N VAL E 204 -1.61 13.73 -42.23
CA VAL E 204 -1.92 12.32 -42.00
C VAL E 204 -3.05 12.22 -41.00
N THR E 205 -4.11 11.50 -41.36
CA THR E 205 -5.22 11.25 -40.46
C THR E 205 -5.51 9.75 -40.45
N VAL E 206 -5.56 9.17 -39.25
CA VAL E 206 -5.78 7.75 -39.12
C VAL E 206 -6.91 7.57 -38.12
N SER E 207 -8.00 6.93 -38.56
CA SER E 207 -9.17 6.88 -37.69
C SER E 207 -9.87 5.53 -37.72
N THR E 208 -10.61 5.27 -36.65
CA THR E 208 -11.53 4.15 -36.52
C THR E 208 -12.93 4.72 -36.30
N GLN E 209 -13.89 3.83 -36.01
CA GLN E 209 -15.25 4.28 -35.69
C GLN E 209 -15.26 5.28 -34.56
N THR E 210 -14.54 4.98 -33.49
CA THR E 210 -14.62 5.68 -32.22
C THR E 210 -13.44 6.59 -31.91
N SER E 211 -12.34 6.51 -32.68
CA SER E 211 -11.13 7.28 -32.38
C SER E 211 -10.53 7.81 -33.68
N GLN E 212 -9.77 8.90 -33.56
CA GLN E 212 -9.04 9.49 -34.69
C GLN E 212 -7.78 10.18 -34.17
N THR E 213 -6.59 9.69 -34.53
CA THR E 213 -5.37 10.47 -34.31
C THR E 213 -4.96 11.15 -35.61
N SER E 214 -4.71 12.45 -35.54
CA SER E 214 -4.38 13.25 -36.70
C SER E 214 -3.11 14.05 -36.43
N VAL E 215 -2.26 14.19 -37.46
CA VAL E 215 -0.89 14.68 -37.29
C VAL E 215 -0.50 15.57 -38.46
N VAL E 216 0.10 16.71 -38.13
CA VAL E 216 0.71 17.64 -39.09
C VAL E 216 2.22 17.52 -38.93
N PRO E 217 2.98 17.36 -40.02
CA PRO E 217 4.44 17.25 -39.87
C PRO E 217 5.06 18.56 -39.38
N ASN E 218 6.19 18.43 -38.67
CA ASN E 218 6.98 19.57 -38.23
C ASN E 218 8.23 19.65 -39.09
N ILE E 219 8.43 20.77 -39.75
CA ILE E 219 9.62 20.96 -40.58
C ILE E 219 10.68 21.69 -39.78
N GLY E 220 11.91 21.18 -39.81
CA GLY E 220 13.06 21.89 -39.27
C GLY E 220 14.29 21.02 -39.14
N SER E 221 15.48 21.65 -39.08
CA SER E 221 16.72 20.89 -38.92
C SER E 221 16.87 20.40 -37.49
N ARG E 222 16.99 19.07 -37.33
CA ARG E 222 17.38 18.36 -36.11
C ARG E 222 18.85 17.97 -36.18
N PRO E 223 19.44 17.49 -35.08
CA PRO E 223 20.83 17.02 -35.17
C PRO E 223 20.96 15.86 -36.16
N TRP E 224 22.10 15.86 -36.85
CA TRP E 224 22.45 14.84 -37.82
C TRP E 224 22.64 13.50 -37.12
N VAL E 225 21.88 12.49 -37.54
CA VAL E 225 22.04 11.12 -37.07
C VAL E 225 22.02 10.19 -38.28
N ARG E 226 23.09 9.42 -38.45
CA ARG E 226 23.24 8.47 -39.55
C ARG E 226 22.90 9.07 -40.90
N GLY E 227 23.43 10.27 -41.15
CA GLY E 227 23.29 10.91 -42.45
C GLY E 227 22.18 11.93 -42.58
N LEU E 228 21.27 12.00 -41.63
CA LEU E 228 20.03 12.73 -41.81
C LEU E 228 19.70 13.61 -40.62
N SER E 229 19.03 14.73 -40.92
CA SER E 229 18.46 15.62 -39.91
C SER E 229 16.94 15.62 -39.94
N SER E 230 16.33 14.75 -40.73
CA SER E 230 14.90 14.55 -40.67
C SER E 230 14.57 13.44 -39.65
N ARG E 231 13.28 13.30 -39.32
CA ARG E 231 12.85 12.33 -38.31
C ARG E 231 11.53 11.66 -38.70
N ILE E 232 11.26 10.52 -38.08
CA ILE E 232 9.95 9.89 -38.17
C ILE E 232 9.39 9.78 -36.77
N SER E 233 8.10 10.11 -36.61
CA SER E 233 7.36 9.85 -35.39
C SER E 233 6.38 8.74 -35.63
N PHE E 234 6.39 7.72 -34.78
CA PHE E 234 5.54 6.56 -34.93
C PHE E 234 4.34 6.62 -34.00
N TYR E 235 3.21 6.18 -34.51
CA TYR E 235 1.95 6.12 -33.79
C TYR E 235 1.41 4.71 -33.95
N TRP E 236 0.37 4.41 -33.18
CA TRP E 236 -0.29 3.12 -33.27
C TRP E 236 -1.79 3.28 -33.12
N THR E 237 -2.51 2.32 -33.68
CA THR E 237 -3.96 2.29 -33.64
C THR E 237 -4.37 0.84 -33.42
N ILE E 238 -5.26 0.63 -32.47
CA ILE E 238 -5.80 -0.70 -32.19
C ILE E 238 -7.17 -0.80 -32.86
N VAL E 239 -7.40 -1.87 -33.59
CA VAL E 239 -8.65 -2.07 -34.31
C VAL E 239 -9.33 -3.31 -33.74
N GLU E 240 -10.44 -3.10 -33.03
CA GLU E 240 -11.21 -4.17 -32.40
C GLU E 240 -11.98 -4.93 -33.48
N PRO E 241 -12.32 -6.21 -33.25
CA PRO E 241 -13.15 -6.91 -34.24
C PRO E 241 -14.48 -6.19 -34.42
N GLY E 242 -14.90 -6.05 -35.67
CA GLY E 242 -16.10 -5.30 -36.00
C GLY E 242 -15.85 -3.85 -36.35
N ASP E 243 -14.69 -3.30 -35.95
CA ASP E 243 -14.28 -1.94 -36.24
C ASP E 243 -13.42 -1.93 -37.51
N LEU E 244 -13.00 -0.73 -37.92
CA LEU E 244 -12.23 -0.61 -39.15
C LEU E 244 -11.31 0.60 -39.07
N ILE E 245 -10.32 0.63 -39.94
CA ILE E 245 -9.32 1.69 -39.89
C ILE E 245 -9.22 2.35 -41.26
N VAL E 246 -9.10 3.67 -41.26
CA VAL E 246 -8.97 4.47 -42.47
C VAL E 246 -7.68 5.26 -42.36
N PHE E 247 -6.84 5.13 -43.39
CA PHE E 247 -5.63 5.90 -43.57
C PHE E 247 -5.93 6.96 -44.61
N ASN E 248 -5.78 8.23 -44.23
CA ASN E 248 -6.09 9.34 -45.11
C ASN E 248 -4.88 10.28 -45.12
N THR E 249 -4.29 10.52 -46.29
CA THR E 249 -3.10 11.36 -46.29
C THR E 249 -2.96 12.17 -47.58
N ILE E 250 -2.34 13.34 -47.45
CA ILE E 250 -1.83 14.04 -48.63
C ILE E 250 -0.30 14.22 -48.57
N GLY E 251 0.37 13.43 -47.76
CA GLY E 251 1.83 13.38 -47.74
C GLY E 251 2.32 13.10 -46.33
N ASN E 252 3.48 12.47 -46.24
CA ASN E 252 4.34 12.27 -45.07
C ASN E 252 3.95 11.00 -44.30
N LEU E 253 2.97 10.24 -44.79
CA LEU E 253 2.62 8.97 -44.17
C LEU E 253 3.71 7.95 -44.42
N ILE E 254 4.13 7.28 -43.35
CA ILE E 254 4.95 6.07 -43.43
C ILE E 254 4.00 4.93 -43.12
N ALA E 255 3.54 4.26 -44.18
CA ALA E 255 2.36 3.42 -44.12
C ALA E 255 2.69 2.06 -43.50
N PRO E 256 1.75 1.44 -42.81
CA PRO E 256 1.97 0.05 -42.39
C PRO E 256 1.90 -0.88 -43.59
N ARG E 257 2.45 -2.08 -43.41
CA ARG E 257 2.38 -3.16 -44.39
C ARG E 257 1.44 -4.26 -43.92
N GLY E 258 0.71 -4.04 -42.85
CA GLY E 258 -0.12 -5.04 -42.23
C GLY E 258 -0.34 -4.67 -40.77
N HIS E 259 -0.51 -5.70 -39.95
CA HIS E 259 -0.84 -5.45 -38.54
C HIS E 259 -0.30 -6.59 -37.70
N TYR E 260 -0.06 -6.31 -36.42
CA TYR E 260 0.28 -7.37 -35.49
C TYR E 260 -0.98 -7.93 -34.87
N LYS E 261 -0.98 -9.24 -34.61
CA LYS E 261 -2.07 -9.85 -33.88
C LYS E 261 -1.87 -9.54 -32.40
N LEU E 262 -2.95 -9.15 -31.72
CA LEU E 262 -2.96 -9.01 -30.27
C LEU E 262 -3.61 -10.26 -29.66
N ASN E 263 -2.92 -10.88 -28.69
CA ASN E 263 -3.55 -11.89 -27.84
C ASN E 263 -4.72 -11.27 -27.05
N SER E 264 -5.77 -12.07 -26.81
CA SER E 264 -6.85 -11.52 -25.99
C SER E 264 -6.50 -11.49 -24.50
N GLN E 265 -5.71 -12.45 -24.00
CA GLN E 265 -5.16 -12.32 -22.66
C GLN E 265 -3.69 -11.92 -22.77
N LYS E 266 -3.38 -10.79 -22.18
CA LYS E 266 -2.05 -10.19 -22.20
C LYS E 266 -1.38 -10.44 -20.85
N LYS E 267 -0.39 -11.34 -20.82
CA LYS E 267 0.23 -11.71 -19.54
C LYS E 267 1.75 -11.69 -19.56
N SER E 268 2.37 -11.16 -20.61
CA SER E 268 3.82 -11.16 -20.77
C SER E 268 4.39 -9.85 -20.25
N THR E 269 5.71 -9.76 -20.21
CA THR E 269 6.36 -8.52 -19.80
C THR E 269 7.74 -8.41 -20.43
N ILE E 270 8.46 -7.36 -20.02
CA ILE E 270 9.79 -7.05 -20.53
C ILE E 270 10.72 -6.90 -19.34
N LEU E 271 11.97 -7.31 -19.54
CA LEU E 271 13.03 -7.12 -18.53
C LEU E 271 14.26 -6.59 -19.24
N ASN E 272 14.80 -5.50 -18.74
CA ASN E 272 15.94 -4.83 -19.37
C ASN E 272 17.18 -5.12 -18.53
N THR E 273 18.08 -5.95 -19.04
CA THR E 273 19.27 -6.33 -18.30
C THR E 273 20.37 -6.81 -19.25
N ALA E 274 21.61 -6.76 -18.78
CA ALA E 274 22.75 -7.28 -19.52
C ALA E 274 23.09 -8.72 -19.14
N VAL E 275 22.32 -9.35 -18.25
CA VAL E 275 22.69 -10.67 -17.72
C VAL E 275 22.47 -11.73 -18.79
N PRO E 276 23.44 -12.59 -19.07
CA PRO E 276 23.23 -13.61 -20.11
C PRO E 276 22.16 -14.63 -19.71
N ILE E 277 21.61 -15.28 -20.73
CA ILE E 277 20.71 -16.42 -20.55
C ILE E 277 21.57 -17.68 -20.45
N GLY E 278 21.37 -18.44 -19.37
CA GLY E 278 22.12 -19.66 -19.17
C GLY E 278 21.30 -20.91 -19.37
N SER E 279 21.42 -21.88 -18.45
CA SER E 279 20.84 -23.19 -18.66
C SER E 279 20.15 -23.74 -17.40
N CYS E 280 19.98 -22.92 -16.37
CA CYS E 280 19.39 -23.35 -15.10
C CYS E 280 17.86 -23.30 -15.18
N VAL E 281 17.22 -23.61 -14.05
CA VAL E 281 15.77 -23.64 -13.93
C VAL E 281 15.37 -22.72 -12.78
N SER E 282 14.40 -21.85 -13.03
CA SER E 282 13.85 -20.95 -12.01
C SER E 282 12.67 -20.19 -12.58
N LYS E 283 11.65 -19.98 -11.74
CA LYS E 283 10.48 -19.17 -12.13
C LYS E 283 10.51 -17.74 -11.57
N CYS E 284 11.68 -17.22 -11.22
CA CYS E 284 11.79 -15.85 -10.71
C CYS E 284 13.02 -15.20 -11.30
N HIS E 285 12.84 -14.07 -11.99
CA HIS E 285 13.94 -13.34 -12.61
C HIS E 285 14.00 -11.93 -12.03
N THR E 286 15.22 -11.43 -11.84
CA THR E 286 15.44 -10.01 -11.58
C THR E 286 16.36 -9.46 -12.67
N ASP E 287 16.47 -8.13 -12.72
CA ASP E 287 17.45 -7.48 -13.59
C ASP E 287 18.89 -7.86 -13.22
N ARG E 288 19.09 -8.51 -12.09
CA ARG E 288 20.40 -8.94 -11.63
C ARG E 288 20.64 -10.43 -11.88
N GLY E 289 19.61 -11.15 -12.31
CA GLY E 289 19.69 -12.58 -12.54
C GLY E 289 18.53 -13.29 -11.88
N SER E 290 18.45 -14.58 -12.16
CA SER E 290 17.37 -15.37 -11.59
C SER E 290 17.67 -15.66 -10.13
N ILE E 291 16.64 -16.03 -9.38
CA ILE E 291 16.82 -16.51 -8.02
C ILE E 291 16.07 -17.82 -7.83
N THR E 292 16.72 -18.75 -7.13
CA THR E 292 16.12 -20.02 -6.75
C THR E 292 16.13 -20.06 -5.23
N THR E 293 14.96 -20.01 -4.63
CA THR E 293 14.83 -19.85 -3.19
C THR E 293 13.44 -20.26 -2.81
N THR E 294 13.30 -20.70 -1.57
CA THR E 294 11.99 -20.87 -0.97
C THR E 294 11.71 -19.77 0.04
N LYS E 295 12.70 -18.92 0.34
CA LYS E 295 12.51 -17.84 1.30
C LYS E 295 11.40 -16.91 0.81
N PRO E 296 10.62 -16.31 1.72
CA PRO E 296 9.49 -15.47 1.29
C PRO E 296 9.87 -14.04 0.90
N PHE E 297 11.06 -13.56 1.28
CA PHE E 297 11.49 -12.20 0.99
C PHE E 297 12.85 -12.26 0.32
N GLN E 298 13.23 -11.13 -0.26
CA GLN E 298 14.51 -10.97 -0.95
C GLN E 298 14.89 -9.49 -0.94
N ASN E 299 16.19 -9.23 -0.89
CA ASN E 299 16.71 -7.88 -0.96
C ASN E 299 17.52 -7.65 -2.23
N ILE E 300 17.32 -8.49 -3.24
CA ILE E 300 18.14 -8.41 -4.45
C ILE E 300 17.68 -7.30 -5.37
N SER E 301 16.39 -7.27 -5.71
CA SER E 301 15.93 -6.21 -6.59
C SER E 301 14.43 -5.98 -6.46
N ARG E 302 14.09 -4.69 -6.50
CA ARG E 302 12.80 -4.15 -6.87
C ARG E 302 12.20 -4.80 -8.12
N ILE E 303 13.04 -5.05 -9.11
CA ILE E 303 12.59 -5.45 -10.45
C ILE E 303 12.62 -6.96 -10.50
N SER E 304 11.47 -7.59 -10.29
CA SER E 304 11.39 -9.05 -10.24
C SER E 304 10.15 -9.46 -11.00
N ILE E 305 10.25 -10.57 -11.71
CA ILE E 305 9.20 -11.08 -12.58
C ILE E 305 9.03 -12.57 -12.31
N GLY E 306 7.78 -13.00 -12.12
CA GLY E 306 7.48 -14.41 -11.98
C GLY E 306 6.97 -14.80 -10.61
N ASP E 307 7.43 -15.94 -10.10
CA ASP E 307 6.98 -16.49 -8.83
C ASP E 307 8.07 -16.12 -7.82
N CYS E 308 7.93 -14.94 -7.22
CA CYS E 308 9.06 -14.30 -6.58
C CYS E 308 8.82 -14.04 -5.10
N PRO E 309 9.87 -14.01 -4.29
CA PRO E 309 9.76 -13.45 -2.96
C PRO E 309 9.50 -11.96 -3.02
N LYS E 310 8.93 -11.43 -1.94
CA LYS E 310 8.64 -10.01 -1.85
C LYS E 310 9.92 -9.22 -1.56
N TYR E 311 10.14 -8.17 -2.35
CA TYR E 311 11.29 -7.30 -2.15
C TYR E 311 11.10 -6.50 -0.87
N VAL E 312 12.09 -6.56 0.03
CA VAL E 312 12.07 -5.83 1.29
C VAL E 312 13.39 -5.12 1.45
N LYS E 313 13.40 -4.15 2.37
CA LYS E 313 14.61 -3.34 2.65
C LYS E 313 15.66 -4.11 3.45
N GLN E 314 15.23 -4.99 4.37
CA GLN E 314 16.16 -5.61 5.30
C GLN E 314 17.09 -6.61 4.58
N GLY E 315 18.37 -6.58 4.97
CA GLY E 315 19.29 -7.60 4.51
C GLY E 315 19.14 -8.94 5.21
N SER E 316 18.43 -8.96 6.35
CA SER E 316 18.39 -10.18 7.16
C SER E 316 17.18 -10.15 8.10
N LEU E 317 16.44 -11.26 8.13
CA LEU E 317 15.35 -11.48 9.09
C LEU E 317 15.38 -12.94 9.48
N LYS E 318 15.78 -13.24 10.72
CA LYS E 318 15.90 -14.63 11.17
C LYS E 318 14.66 -15.07 11.94
N LEU E 319 13.97 -16.07 11.40
CA LEU E 319 12.87 -16.75 12.08
C LEU E 319 13.44 -17.79 13.03
N ALA E 320 13.12 -17.69 14.31
CA ALA E 320 13.53 -18.73 15.25
C ALA E 320 12.79 -20.02 14.95
N THR E 321 13.52 -21.14 14.99
CA THR E 321 12.92 -22.45 14.83
C THR E 321 13.26 -23.37 16.02
N GLY E 322 13.63 -22.79 17.16
CA GLY E 322 13.86 -23.58 18.35
C GLY E 322 13.76 -22.69 19.56
N MET E 323 13.97 -23.31 20.73
CA MET E 323 13.84 -22.64 22.02
C MET E 323 15.05 -21.77 22.32
N ARG E 324 14.99 -21.07 23.45
CA ARG E 324 16.14 -20.30 23.93
C ARG E 324 17.32 -21.23 24.14
N ASN E 325 18.53 -20.74 23.81
CA ASN E 325 19.74 -21.55 23.93
C ASN E 325 20.49 -21.10 25.17
N ILE E 326 20.60 -22.00 26.16
CA ILE E 326 21.25 -21.68 27.42
C ILE E 326 22.24 -22.81 27.75
N PRO E 327 23.48 -22.73 27.23
CA PRO E 327 24.41 -23.86 27.25
C PRO E 327 25.08 -23.99 28.61
N GLY F 1 10.58 -16.49 28.84
CA GLY F 1 9.25 -16.82 28.40
C GLY F 1 8.18 -16.44 29.40
N LEU F 2 6.91 -16.59 29.00
CA LEU F 2 5.79 -16.29 29.89
C LEU F 2 5.72 -17.25 31.07
N PHE F 3 6.19 -18.47 30.90
CA PHE F 3 6.00 -19.52 31.89
C PHE F 3 7.17 -19.67 32.85
N GLY F 4 8.32 -19.05 32.55
CA GLY F 4 9.44 -19.07 33.46
C GLY F 4 10.09 -20.41 33.70
N ALA F 5 10.05 -21.31 32.72
CA ALA F 5 10.71 -22.61 32.86
C ALA F 5 12.06 -22.53 32.14
N ILE F 6 12.04 -22.46 30.81
CA ILE F 6 13.26 -22.22 30.06
C ILE F 6 13.75 -20.81 30.37
N ALA F 7 15.05 -20.67 30.61
CA ALA F 7 15.61 -19.39 31.08
C ALA F 7 14.93 -18.92 32.35
N GLY F 8 14.54 -19.86 33.20
CA GLY F 8 13.82 -19.51 34.39
C GLY F 8 14.15 -20.47 35.52
N PHE F 9 13.18 -21.26 35.99
CA PHE F 9 13.51 -22.12 37.13
C PHE F 9 14.34 -23.31 36.71
N ILE F 10 14.34 -23.64 35.43
CA ILE F 10 15.35 -24.55 34.88
C ILE F 10 16.51 -23.66 34.44
N GLU F 11 17.68 -23.85 35.07
CA GLU F 11 18.70 -22.80 35.00
C GLU F 11 19.47 -22.81 33.68
N ASN F 12 19.66 -23.98 33.07
CA ASN F 12 20.32 -24.06 31.77
C ASN F 12 19.77 -25.24 31.01
N GLY F 13 20.18 -25.35 29.73
CA GLY F 13 19.89 -26.54 28.94
C GLY F 13 21.00 -27.57 29.02
N TRP F 14 20.75 -28.72 28.39
CA TRP F 14 21.65 -29.87 28.44
C TRP F 14 22.24 -30.08 27.05
N GLN F 15 23.57 -29.96 26.94
CA GLN F 15 24.24 -30.21 25.67
C GLN F 15 24.28 -31.69 25.30
N GLY F 16 24.16 -32.58 26.29
CA GLY F 16 24.16 -34.01 26.01
C GLY F 16 22.87 -34.55 25.46
N LEU F 17 21.76 -33.83 25.61
CA LEU F 17 20.47 -34.30 25.11
C LEU F 17 20.47 -34.10 23.60
N ILE F 18 20.79 -35.12 22.84
CA ILE F 18 20.89 -34.91 21.40
C ILE F 18 19.78 -35.56 20.61
N ASP F 19 18.96 -36.41 21.22
CA ASP F 19 17.87 -37.04 20.49
C ASP F 19 16.49 -36.59 21.00
N GLY F 20 16.41 -35.36 21.48
CA GLY F 20 15.13 -34.76 21.83
C GLY F 20 15.34 -33.31 22.19
N TRP F 21 14.21 -32.59 22.25
CA TRP F 21 14.26 -31.19 22.66
C TRP F 21 14.10 -31.06 24.16
N TYR F 22 13.36 -31.99 24.80
CA TYR F 22 13.10 -32.05 26.23
C TYR F 22 13.38 -33.46 26.72
N GLY F 23 13.78 -33.60 27.98
CA GLY F 23 14.05 -34.93 28.48
C GLY F 23 14.14 -35.03 29.98
N PHE F 24 14.43 -36.26 30.43
CA PHE F 24 14.55 -36.62 31.84
C PHE F 24 15.99 -37.00 32.15
N ARG F 25 16.44 -36.54 33.32
CA ARG F 25 17.68 -36.96 33.95
C ARG F 25 17.37 -37.54 35.32
N HIS F 26 17.96 -38.68 35.64
CA HIS F 26 17.66 -39.27 36.94
C HIS F 26 18.92 -39.75 37.62
N GLN F 27 18.83 -39.84 38.94
CA GLN F 27 19.79 -40.54 39.78
C GLN F 27 19.02 -41.41 40.77
N ASN F 28 19.32 -42.71 40.77
CA ASN F 28 18.81 -43.62 41.79
C ASN F 28 19.93 -44.51 42.30
N ALA F 29 19.56 -45.54 43.08
CA ALA F 29 20.56 -46.45 43.66
C ALA F 29 21.46 -47.07 42.60
N GLU F 30 20.91 -47.35 41.44
CA GLU F 30 21.63 -48.05 40.38
C GLU F 30 22.51 -47.14 39.56
N GLY F 31 22.30 -45.83 39.63
CA GLY F 31 23.15 -44.92 38.89
C GLY F 31 22.36 -43.77 38.33
N THR F 32 22.91 -43.15 37.28
CA THR F 32 22.31 -42.01 36.60
C THR F 32 21.94 -42.34 35.15
N GLY F 33 21.12 -41.47 34.57
CA GLY F 33 20.77 -41.67 33.17
C GLY F 33 19.97 -40.50 32.65
N THR F 34 19.79 -40.49 31.33
CA THR F 34 19.08 -39.43 30.63
C THR F 34 18.37 -40.06 29.43
N ALA F 35 17.10 -39.67 29.23
CA ALA F 35 16.40 -40.06 28.00
C ALA F 35 15.52 -38.92 27.53
N ALA F 36 15.20 -38.94 26.23
CA ALA F 36 14.36 -37.91 25.64
C ALA F 36 12.89 -38.20 25.91
N ASP F 37 12.09 -37.14 25.97
CA ASP F 37 10.64 -37.27 26.02
C ASP F 37 10.10 -36.99 24.63
N LEU F 38 9.48 -38.01 24.03
CA LEU F 38 9.09 -37.90 22.63
C LEU F 38 7.85 -37.02 22.45
N LYS F 39 6.89 -37.07 23.39
CA LYS F 39 5.62 -36.41 23.14
C LYS F 39 5.79 -34.89 23.14
N SER F 40 6.47 -34.36 24.16
CA SER F 40 6.72 -32.92 24.24
C SER F 40 7.57 -32.44 23.07
N THR F 41 8.62 -33.19 22.73
CA THR F 41 9.48 -32.79 21.62
C THR F 41 8.68 -32.70 20.33
N GLN F 42 7.85 -33.70 20.07
CA GLN F 42 7.11 -33.71 18.80
C GLN F 42 6.04 -32.61 18.77
N THR F 43 5.39 -32.31 19.89
CA THR F 43 4.39 -31.26 19.82
C THR F 43 5.05 -29.91 19.56
N ALA F 44 6.22 -29.67 20.16
CA ALA F 44 6.88 -28.39 19.89
C ALA F 44 7.37 -28.31 18.44
N ILE F 45 7.92 -29.42 17.93
CA ILE F 45 8.37 -29.44 16.54
C ILE F 45 7.20 -29.22 15.57
N ASP F 46 6.06 -29.85 15.84
CA ASP F 46 4.92 -29.70 14.94
C ASP F 46 4.40 -28.27 14.92
N GLN F 47 4.36 -27.60 16.08
CA GLN F 47 3.89 -26.21 16.08
C GLN F 47 4.84 -25.29 15.30
N ILE F 48 6.15 -25.48 15.50
CA ILE F 48 7.12 -24.68 14.77
C ILE F 48 7.09 -24.98 13.25
N ASN F 49 7.00 -26.26 12.87
CA ASN F 49 6.84 -26.63 11.46
C ASN F 49 5.58 -26.01 10.88
N GLY F 50 4.53 -25.87 11.69
CA GLY F 50 3.33 -25.22 11.20
C GLY F 50 3.56 -23.78 10.80
N LYS F 51 4.33 -23.03 11.61
CA LYS F 51 4.59 -21.64 11.22
C LYS F 51 5.47 -21.56 9.99
N LEU F 52 6.47 -22.45 9.92
CA LEU F 52 7.30 -22.50 8.72
C LEU F 52 6.44 -22.73 7.48
N ASN F 53 5.56 -23.73 7.52
CA ASN F 53 4.66 -24.01 6.39
C ASN F 53 3.82 -22.78 6.04
N ARG F 54 3.42 -22.03 7.07
CA ARG F 54 2.62 -20.84 6.85
C ARG F 54 3.39 -19.78 6.07
N LEU F 55 4.71 -19.78 6.20
CA LEU F 55 5.47 -18.74 5.52
C LEU F 55 5.96 -19.17 4.14
N ILE F 56 6.68 -20.29 4.06
CA ILE F 56 7.10 -20.80 2.76
C ILE F 56 5.89 -21.37 2.03
N GLU F 57 5.00 -20.46 1.59
CA GLU F 57 3.72 -20.74 0.95
C GLU F 57 3.57 -19.65 -0.12
N LYS F 58 4.22 -19.86 -1.27
CA LYS F 58 4.45 -18.69 -2.11
C LYS F 58 3.29 -18.48 -3.08
N THR F 59 2.66 -17.34 -2.89
CA THR F 59 1.46 -16.89 -3.59
C THR F 59 1.72 -15.40 -3.77
N ASN F 60 2.32 -15.06 -4.90
CA ASN F 60 2.84 -13.75 -5.25
C ASN F 60 3.44 -13.87 -6.65
N GLU F 61 2.59 -14.01 -7.66
CA GLU F 61 3.02 -14.28 -9.03
C GLU F 61 2.66 -13.10 -9.92
N LYS F 62 3.66 -12.30 -10.31
CA LYS F 62 3.46 -11.03 -11.01
C LYS F 62 4.24 -11.02 -12.31
N TYR F 63 3.61 -10.52 -13.38
CA TYR F 63 4.27 -10.46 -14.68
C TYR F 63 4.44 -9.00 -15.07
N HIS F 64 3.47 -8.38 -15.72
CA HIS F 64 3.62 -7.01 -16.22
C HIS F 64 3.25 -6.03 -15.11
N GLN F 65 4.21 -5.17 -14.75
CA GLN F 65 4.03 -4.28 -13.61
C GLN F 65 4.21 -2.84 -14.08
N ILE F 66 5.11 -2.07 -13.47
CA ILE F 66 5.49 -0.73 -13.90
C ILE F 66 7.00 -0.72 -14.01
N GLU F 67 7.51 0.28 -14.73
CA GLU F 67 8.92 0.58 -14.71
C GLU F 67 9.33 1.04 -13.32
N LYS F 68 10.52 0.64 -12.89
CA LYS F 68 11.00 0.96 -11.55
C LYS F 68 12.35 1.65 -11.53
N GLU F 69 13.03 1.78 -12.68
CA GLU F 69 14.25 2.57 -12.80
C GLU F 69 14.13 3.52 -13.98
N PHE F 70 14.80 4.66 -13.85
CA PHE F 70 14.66 5.78 -14.79
C PHE F 70 16.01 6.44 -14.97
N GLU F 71 16.48 6.66 -16.20
CA GLU F 71 17.79 7.26 -16.26
C GLU F 71 17.74 8.78 -16.00
N GLN F 72 16.77 9.50 -16.59
CA GLN F 72 16.60 10.90 -16.15
C GLN F 72 15.16 11.21 -15.75
N VAL F 73 15.08 12.13 -14.78
CA VAL F 73 13.93 12.93 -14.42
C VAL F 73 13.01 13.21 -15.59
N GLU F 74 11.73 13.10 -15.35
CA GLU F 74 10.70 13.27 -16.36
C GLU F 74 9.51 14.07 -15.86
N GLY F 75 9.22 14.08 -14.56
CA GLY F 75 8.19 14.93 -14.01
C GLY F 75 7.10 14.11 -13.32
N ARG F 76 5.86 14.52 -13.57
CA ARG F 76 4.74 14.14 -12.70
C ARG F 76 4.51 12.63 -12.67
N ILE F 77 4.48 11.98 -13.84
CA ILE F 77 4.09 10.58 -13.83
C ILE F 77 5.21 9.72 -13.26
N GLN F 78 6.47 10.08 -13.54
CA GLN F 78 7.58 9.34 -12.97
C GLN F 78 7.61 9.48 -11.46
N ASP F 79 7.32 10.69 -10.95
CA ASP F 79 7.21 10.85 -9.50
C ASP F 79 6.15 9.93 -8.93
N LEU F 80 5.00 9.82 -9.59
CA LEU F 80 3.97 8.93 -9.07
C LEU F 80 4.43 7.46 -9.11
N GLU F 81 5.11 7.05 -10.18
CA GLU F 81 5.56 5.66 -10.26
C GLU F 81 6.58 5.34 -9.17
N LYS F 82 7.56 6.23 -8.97
CA LYS F 82 8.49 6.08 -7.84
C LYS F 82 7.78 6.06 -6.49
N TYR F 83 6.79 6.93 -6.29
CA TYR F 83 6.13 7.01 -4.98
C TYR F 83 5.31 5.76 -4.70
N VAL F 84 4.60 5.24 -5.71
CA VAL F 84 3.85 4.00 -5.55
C VAL F 84 4.77 2.88 -5.15
N GLU F 85 5.91 2.75 -5.84
CA GLU F 85 6.80 1.61 -5.56
C GLU F 85 7.49 1.75 -4.19
N ASP F 86 7.88 2.98 -3.81
CA ASP F 86 8.43 3.19 -2.47
C ASP F 86 7.41 2.89 -1.36
N THR F 87 6.14 3.24 -1.61
CA THR F 87 5.11 3.01 -0.61
C THR F 87 4.91 1.52 -0.44
N LYS F 88 4.83 0.80 -1.56
CA LYS F 88 4.71 -0.65 -1.50
C LYS F 88 5.87 -1.27 -0.73
N ILE F 89 7.10 -0.86 -1.03
CA ILE F 89 8.28 -1.48 -0.42
C ILE F 89 8.28 -1.21 1.08
N ASP F 90 7.92 0.01 1.48
CA ASP F 90 7.93 0.32 2.91
C ASP F 90 6.87 -0.51 3.64
N LEU F 91 5.69 -0.70 3.05
CA LEU F 91 4.69 -1.50 3.76
C LEU F 91 5.09 -2.95 3.83
N TRP F 92 5.62 -3.51 2.74
CA TRP F 92 6.05 -4.91 2.82
C TRP F 92 7.19 -5.09 3.82
N SER F 93 8.10 -4.12 3.95
CA SER F 93 9.22 -4.24 4.88
C SER F 93 8.72 -4.20 6.31
N TYR F 94 7.72 -3.34 6.57
CA TYR F 94 7.11 -3.31 7.89
C TYR F 94 6.44 -4.64 8.19
N ASN F 95 5.76 -5.22 7.20
CA ASN F 95 5.10 -6.51 7.42
C ASN F 95 6.12 -7.60 7.73
N ALA F 96 7.23 -7.63 7.00
CA ALA F 96 8.24 -8.65 7.26
C ALA F 96 8.83 -8.51 8.66
N GLU F 97 9.13 -7.28 9.06
CA GLU F 97 9.75 -7.01 10.35
C GLU F 97 8.81 -7.41 11.48
N LEU F 98 7.53 -7.01 11.37
CA LEU F 98 6.58 -7.30 12.43
C LEU F 98 6.27 -8.79 12.50
N LEU F 99 6.09 -9.44 11.35
CA LEU F 99 5.83 -10.88 11.33
C LEU F 99 6.94 -11.64 12.05
N VAL F 100 8.20 -11.33 11.74
CA VAL F 100 9.26 -12.11 12.35
C VAL F 100 9.31 -11.85 13.86
N ALA F 101 9.17 -10.58 14.29
CA ALA F 101 9.17 -10.27 15.73
C ALA F 101 8.04 -11.01 16.48
N LEU F 102 6.83 -10.97 15.94
CA LEU F 102 5.69 -11.64 16.59
C LEU F 102 5.92 -13.14 16.65
N GLU F 103 6.25 -13.73 15.50
CA GLU F 103 6.44 -15.18 15.46
C GLU F 103 7.52 -15.63 16.44
N ASN F 104 8.60 -14.87 16.57
CA ASN F 104 9.68 -15.29 17.45
C ASN F 104 9.28 -15.18 18.91
N GLN F 105 8.64 -14.06 19.29
CA GLN F 105 8.06 -13.99 20.62
C GLN F 105 7.20 -15.22 20.91
N HIS F 106 6.33 -15.58 19.96
CA HIS F 106 5.40 -16.68 20.19
C HIS F 106 6.12 -18.03 20.23
N THR F 107 7.16 -18.22 19.40
CA THR F 107 7.89 -19.49 19.39
C THR F 107 8.65 -19.69 20.70
N ILE F 108 9.25 -18.62 21.21
CA ILE F 108 9.90 -18.72 22.51
C ILE F 108 8.89 -19.09 23.60
N ASP F 109 7.71 -18.45 23.58
CA ASP F 109 6.66 -18.79 24.55
C ASP F 109 6.18 -20.24 24.40
N VAL F 110 5.97 -20.70 23.18
CA VAL F 110 5.52 -22.07 22.93
C VAL F 110 6.52 -23.08 23.49
N THR F 111 7.82 -22.88 23.24
CA THR F 111 8.79 -23.86 23.72
C THR F 111 8.90 -23.81 25.24
N ASP F 112 8.77 -22.62 25.83
CA ASP F 112 8.76 -22.52 27.29
C ASP F 112 7.53 -23.20 27.87
N SER F 113 6.39 -23.02 27.21
CA SER F 113 5.14 -23.66 27.60
C SER F 113 5.26 -25.19 27.53
N GLU F 114 5.88 -25.72 26.48
CA GLU F 114 6.03 -27.17 26.38
C GLU F 114 6.93 -27.73 27.49
N MET F 115 8.02 -27.01 27.81
CA MET F 115 8.82 -27.37 28.98
C MET F 115 7.96 -27.47 30.24
N ASN F 116 7.12 -26.45 30.45
CA ASN F 116 6.28 -26.38 31.64
C ASN F 116 5.23 -27.48 31.68
N LYS F 117 4.62 -27.79 30.54
CA LYS F 117 3.62 -28.84 30.48
C LYS F 117 4.23 -30.21 30.79
N LEU F 118 5.48 -30.45 30.35
CA LEU F 118 6.14 -31.69 30.74
C LEU F 118 6.35 -31.75 32.26
N PHE F 119 6.83 -30.64 32.83
CA PHE F 119 7.06 -30.62 34.27
C PHE F 119 5.76 -30.92 35.02
N GLU F 120 4.65 -30.33 34.56
CA GLU F 120 3.38 -30.50 35.27
C GLU F 120 2.82 -31.89 35.10
N ARG F 121 3.04 -32.51 33.93
CA ARG F 121 2.65 -33.91 33.74
C ARG F 121 3.34 -34.81 34.76
N VAL F 122 4.65 -34.67 34.90
CA VAL F 122 5.36 -35.55 35.83
C VAL F 122 4.88 -35.30 37.26
N ARG F 123 4.72 -34.03 37.63
CA ARG F 123 4.19 -33.68 38.95
C ARG F 123 2.87 -34.41 39.24
N ARG F 124 1.92 -34.33 38.30
CA ARG F 124 0.63 -34.96 38.50
C ARG F 124 0.75 -36.48 38.60
N GLN F 125 1.71 -37.09 37.90
CA GLN F 125 1.94 -38.53 38.07
C GLN F 125 2.48 -38.87 39.45
N LEU F 126 3.41 -38.07 39.96
CA LEU F 126 4.04 -38.41 41.22
C LEU F 126 3.10 -38.23 42.41
N ARG F 127 2.09 -37.36 42.28
CA ARG F 127 1.12 -37.13 43.36
C ARG F 127 1.85 -36.76 44.66
N GLU F 128 1.61 -37.52 45.75
CA GLU F 128 2.22 -37.22 47.05
C GLU F 128 3.57 -37.88 47.25
N ASN F 129 4.10 -38.55 46.24
CA ASN F 129 5.27 -39.40 46.43
C ASN F 129 6.58 -38.65 46.22
N ALA F 130 6.53 -37.39 45.82
CA ALA F 130 7.72 -36.65 45.48
C ALA F 130 7.49 -35.19 45.79
N GLU F 131 8.59 -34.43 45.85
CA GLU F 131 8.55 -32.99 46.05
C GLU F 131 9.34 -32.23 44.99
N ASP F 132 8.82 -31.08 44.60
CA ASP F 132 9.51 -30.19 43.67
C ASP F 132 10.69 -29.54 44.40
N LYS F 133 11.91 -29.85 43.96
CA LYS F 133 13.11 -29.26 44.56
C LYS F 133 13.35 -27.80 44.14
N GLY F 134 12.67 -27.32 43.09
CA GLY F 134 12.73 -25.91 42.70
C GLY F 134 13.53 -25.60 41.44
N ASN F 135 14.10 -26.58 40.77
CA ASN F 135 15.01 -26.37 39.64
C ASN F 135 14.70 -27.32 38.49
N GLY F 136 13.44 -27.74 38.37
CA GLY F 136 13.07 -28.75 37.40
C GLY F 136 13.25 -30.17 37.88
N CYS F 137 13.60 -30.38 39.15
CA CYS F 137 13.89 -31.72 39.66
C CYS F 137 12.88 -32.08 40.74
N PHE F 138 12.55 -33.38 40.81
CA PHE F 138 11.70 -33.94 41.84
C PHE F 138 12.52 -34.85 42.75
N GLU F 139 12.43 -34.62 44.04
CA GLU F 139 12.94 -35.57 45.02
C GLU F 139 11.89 -36.65 45.26
N ILE F 140 12.20 -37.90 44.96
CA ILE F 140 11.25 -39.00 45.10
C ILE F 140 11.50 -39.73 46.41
N PHE F 141 10.45 -39.96 47.20
CA PHE F 141 10.60 -40.38 48.59
C PHE F 141 10.39 -41.89 48.78
N HIS F 142 10.57 -42.66 47.72
CA HIS F 142 10.62 -44.11 47.80
C HIS F 142 11.76 -44.54 46.90
N GLN F 143 12.32 -45.71 47.15
CA GLN F 143 13.30 -46.26 46.22
C GLN F 143 12.66 -46.46 44.85
N CYS F 144 13.45 -46.26 43.80
CA CYS F 144 12.90 -46.25 42.43
C CYS F 144 13.99 -46.81 41.51
N ASP F 145 13.94 -48.14 41.30
CA ASP F 145 14.88 -48.78 40.40
C ASP F 145 14.60 -48.36 38.96
N ASN F 146 15.38 -48.91 38.01
CA ASN F 146 15.32 -48.43 36.63
C ASN F 146 13.94 -48.61 36.01
N ASN F 147 13.27 -49.72 36.32
CA ASN F 147 11.91 -49.94 35.80
C ASN F 147 10.93 -48.89 36.34
N CYS F 148 11.11 -48.48 37.59
CA CYS F 148 10.21 -47.47 38.15
C CYS F 148 10.46 -46.10 37.49
N ILE F 149 11.72 -45.80 37.24
CA ILE F 149 12.07 -44.56 36.54
C ILE F 149 11.44 -44.55 35.15
N GLU F 150 11.59 -45.67 34.42
CA GLU F 150 10.99 -45.74 33.09
C GLU F 150 9.47 -45.67 33.17
N SER F 151 8.87 -46.25 34.22
CA SER F 151 7.42 -46.11 34.37
C SER F 151 7.02 -44.65 34.52
N ILE F 152 7.85 -43.84 35.18
CA ILE F 152 7.57 -42.40 35.23
C ILE F 152 7.72 -41.78 33.86
N ARG F 153 8.80 -42.13 33.15
CA ARG F 153 9.02 -41.56 31.83
C ARG F 153 7.92 -41.96 30.84
N ASN F 154 7.47 -43.21 30.86
CA ASN F 154 6.50 -43.67 29.88
C ASN F 154 5.04 -43.56 30.35
N GLY F 155 4.78 -42.87 31.47
CA GLY F 155 3.44 -42.57 31.93
C GLY F 155 2.60 -43.70 32.52
N THR F 156 3.24 -44.76 33.04
CA THR F 156 2.52 -45.86 33.68
C THR F 156 2.84 -45.99 35.16
N TYR F 157 3.44 -44.96 35.76
CA TYR F 157 3.77 -45.01 37.17
C TYR F 157 2.50 -44.95 37.99
N ASP F 158 2.32 -45.90 38.89
CA ASP F 158 1.14 -45.99 39.75
C ASP F 158 1.58 -45.52 41.13
N HIS F 159 1.17 -44.29 41.49
CA HIS F 159 1.58 -43.71 42.76
C HIS F 159 1.12 -44.53 43.95
N ASP F 160 -0.04 -45.19 43.83
CA ASP F 160 -0.61 -45.92 44.96
C ASP F 160 0.27 -47.07 45.42
N ILE F 161 1.07 -47.65 44.51
CA ILE F 161 1.97 -48.73 44.90
C ILE F 161 2.96 -48.24 45.94
N TYR F 162 3.43 -47.00 45.80
CA TYR F 162 4.50 -46.43 46.61
C TYR F 162 4.04 -45.42 47.64
N ARG F 163 2.75 -45.09 47.69
CA ARG F 163 2.30 -43.93 48.45
C ARG F 163 2.64 -44.01 49.93
N ASP F 164 2.42 -45.17 50.57
CA ASP F 164 2.58 -45.16 52.02
C ASP F 164 4.05 -45.10 52.43
N GLU F 165 4.92 -45.87 51.79
CA GLU F 165 6.36 -45.69 51.94
C GLU F 165 6.73 -44.20 51.76
N ALA F 166 6.28 -43.58 50.66
CA ALA F 166 6.73 -42.23 50.34
C ALA F 166 6.23 -41.24 51.38
N ILE F 167 4.96 -41.36 51.77
CA ILE F 167 4.40 -40.43 52.77
C ILE F 167 5.13 -40.56 54.09
N ASN F 168 5.41 -41.80 54.50
CA ASN F 168 6.11 -42.02 55.76
C ASN F 168 7.51 -41.41 55.74
N ASN F 169 8.21 -41.52 54.61
CA ASN F 169 9.54 -40.90 54.53
C ASN F 169 9.45 -39.38 54.44
N ARG F 170 8.45 -38.86 53.75
CA ARG F 170 8.31 -37.41 53.61
C ARG F 170 8.11 -36.75 54.96
N PHE F 171 7.24 -37.34 55.78
CA PHE F 171 6.81 -36.69 57.02
C PHE F 171 7.25 -37.42 58.29
N GLN F 172 7.87 -38.60 58.16
CA GLN F 172 8.23 -39.38 59.35
C GLN F 172 7.03 -39.66 60.22
N ILE F 173 6.27 -40.70 59.87
CA ILE F 173 5.19 -41.17 60.72
C ILE F 173 5.39 -42.66 60.94
C1 NAG G . 21.41 23.70 -39.04
C2 NAG G . 22.16 23.45 -40.35
C3 NAG G . 22.69 22.00 -40.40
C4 NAG G . 23.47 21.69 -39.14
C5 NAG G . 22.60 21.98 -37.92
C6 NAG G . 23.24 21.67 -36.59
C7 NAG G . 21.58 24.65 -42.41
C8 NAG G . 20.58 24.79 -43.52
N2 NAG G . 21.31 23.72 -41.49
O3 NAG G . 23.53 21.84 -41.53
O4 NAG G . 23.80 20.30 -39.09
O5 NAG G . 22.24 23.37 -37.93
O6 NAG G . 24.53 22.25 -36.47
O7 NAG G . 22.59 25.35 -42.35
C1 NAG G . 25.09 19.97 -39.58
C2 NAG G . 25.54 18.70 -38.83
C3 NAG G . 26.81 18.13 -39.45
C4 NAG G . 26.63 17.95 -40.94
C5 NAG G . 26.26 19.30 -41.53
C6 NAG G . 26.05 19.29 -43.03
C7 NAG G . 24.92 18.62 -36.46
C8 NAG G . 25.33 18.99 -35.07
N2 NAG G . 25.77 18.99 -37.43
O3 NAG G . 27.07 16.87 -38.83
O4 NAG G . 27.86 17.54 -41.51
O5 NAG G . 25.01 19.71 -40.95
O6 NAG G . 24.83 18.65 -43.38
O7 NAG G . 23.89 18.00 -36.70
C1 BMA G . 28.00 16.12 -41.61
C2 BMA G . 28.88 15.89 -42.82
C3 BMA G . 29.15 14.40 -42.97
C4 BMA G . 29.77 13.82 -41.67
C5 BMA G . 28.87 14.13 -40.46
C6 BMA G . 29.49 13.63 -39.09
O2 BMA G . 30.13 16.54 -42.61
O3 BMA G . 29.98 14.13 -44.08
O4 BMA G . 29.91 12.40 -41.78
O5 BMA G . 28.56 15.56 -40.42
O6 BMA G . 30.14 14.74 -38.43
C1 MAN G . 29.33 14.01 -45.36
C2 MAN G . 30.37 13.26 -46.21
C3 MAN G . 31.59 14.22 -46.31
C4 MAN G . 31.22 15.61 -46.86
C5 MAN G . 30.11 16.21 -46.04
C6 MAN G . 29.60 17.55 -46.63
O2 MAN G . 30.01 12.89 -47.57
O3 MAN G . 32.62 13.70 -47.09
O4 MAN G . 32.35 16.47 -46.77
O5 MAN G . 29.01 15.24 -45.99
O6 MAN G . 28.83 18.25 -45.66
C1 MAN G . 28.80 12.13 -47.78
C2 MAN G . 29.17 10.59 -47.93
C3 MAN G . 29.18 10.00 -49.37
C4 MAN G . 28.52 10.89 -50.47
C5 MAN G . 28.67 12.42 -50.21
C6 MAN G . 27.80 13.27 -51.11
O2 MAN G . 28.26 9.75 -47.22
O3 MAN G . 28.69 8.64 -49.42
O4 MAN G . 29.07 10.56 -51.74
O5 MAN G . 28.21 12.76 -48.86
O6 MAN G . 27.14 14.22 -50.28
C1 MAN G . 31.22 14.50 -37.46
C2 MAN G . 32.39 15.49 -37.93
C3 MAN G . 33.61 14.82 -38.69
C4 MAN G . 33.86 13.35 -38.26
C5 MAN G . 32.55 12.61 -38.34
C6 MAN G . 32.64 11.08 -38.18
O2 MAN G . 32.94 16.23 -36.81
O3 MAN G . 34.82 15.62 -38.66
O4 MAN G . 34.78 12.73 -39.14
O5 MAN G . 31.68 13.12 -37.31
O6 MAN G . 31.32 10.51 -38.28
C1 NAG H . -11.78 40.43 -27.69
C2 NAG H . -11.45 41.90 -27.93
C3 NAG H . -10.60 42.47 -26.80
C4 NAG H . -11.28 42.17 -25.46
C5 NAG H . -11.53 40.67 -25.37
C6 NAG H . -12.16 40.22 -24.07
C7 NAG H . -11.25 42.83 -30.19
C8 NAG H . -10.43 42.88 -31.44
N2 NAG H . -10.77 42.07 -29.21
O3 NAG H . -10.48 43.88 -26.97
O4 NAG H . -10.39 42.52 -24.40
O5 NAG H . -12.40 40.27 -26.43
O6 NAG H . -13.35 40.94 -23.77
O7 NAG H . -12.30 43.47 -30.06
C1 NAG H . -10.55 43.79 -23.85
C2 NAG H . -10.15 43.70 -22.37
C3 NAG H . -10.04 45.08 -21.74
C4 NAG H . -9.13 45.97 -22.58
C5 NAG H . -9.70 46.01 -23.99
C6 NAG H . -8.94 46.90 -24.92
C7 NAG H . -10.93 41.66 -21.22
C8 NAG H . -12.06 41.03 -20.47
N2 NAG H . -11.14 42.91 -21.64
O3 NAG H . -9.52 44.95 -20.43
O4 NAG H . -9.13 47.28 -22.04
O5 NAG H . -9.67 44.68 -24.52
O6 NAG H . -7.71 46.28 -25.31
O7 NAG H . -9.88 41.06 -21.44
C1 BMA H . -8.07 47.52 -21.10
C2 BMA H . -7.86 48.99 -21.22
C3 BMA H . -6.86 49.45 -20.17
C4 BMA H . -7.35 49.05 -18.76
C5 BMA H . -7.61 47.54 -18.69
C6 BMA H . -8.22 47.08 -17.30
O2 BMA H . -9.08 49.69 -21.01
O3 BMA H . -6.66 50.87 -20.24
O4 BMA H . -6.35 49.40 -17.81
O5 BMA H . -8.49 47.15 -19.80
O6 BMA H . -9.67 46.98 -17.41
C1 MAN H . -5.63 51.29 -21.16
C2 MAN H . -5.19 52.67 -20.68
C3 MAN H . -6.41 53.59 -20.77
C4 MAN H . -7.01 53.61 -22.22
C5 MAN H . -7.30 52.18 -22.67
C6 MAN H . -7.76 52.07 -24.14
O2 MAN H . -4.19 53.35 -21.51
O3 MAN H . -6.11 54.90 -20.38
O4 MAN H . -8.21 54.38 -22.27
O5 MAN H . -6.10 51.38 -22.49
O6 MAN H . -8.31 50.76 -24.41
C1 MAN H . -2.93 52.73 -21.79
C2 MAN H . -1.88 53.31 -20.78
C3 MAN H . -0.94 54.46 -21.32
C4 MAN H . -0.90 54.68 -22.85
C5 MAN H . -2.21 54.31 -23.55
C6 MAN H . -2.02 54.20 -25.03
O2 MAN H . -0.99 52.29 -20.29
O3 MAN H . 0.41 54.38 -20.78
O4 MAN H . -0.58 56.05 -23.12
O5 MAN H . -2.70 52.98 -23.14
O6 MAN H . -2.59 52.97 -25.41
C1 MAN H . -10.52 47.09 -16.22
C2 MAN H . -11.69 48.09 -16.64
C3 MAN H . -11.57 49.58 -16.10
C4 MAN H . -10.84 49.67 -14.74
C5 MAN H . -9.56 48.89 -14.85
C6 MAN H . -8.63 49.04 -13.66
O2 MAN H . -12.99 47.59 -16.23
O3 MAN H . -12.83 50.30 -16.08
O4 MAN H . -10.53 51.01 -14.46
O5 MAN H . -9.88 47.51 -14.99
O6 MAN H . -7.48 48.23 -13.90
C1 NAG I . -12.68 7.43 -48.25
C2 NAG I . -13.85 7.89 -49.10
C3 NAG I . -15.16 7.73 -48.33
C4 NAG I . -15.30 6.30 -47.85
C5 NAG I . -14.06 5.89 -47.05
C6 NAG I . -14.07 4.43 -46.69
C7 NAG I . -13.54 9.49 -50.92
C8 NAG I . -13.36 10.91 -51.30
N2 NAG I . -13.68 9.24 -49.61
O3 NAG I . -16.26 8.08 -49.15
O4 NAG I . -16.41 6.18 -46.98
O5 NAG I . -12.89 6.08 -47.86
O6 NAG I . -14.16 3.67 -47.88
O7 NAG I . -13.59 8.58 -51.75
C1 NAG I . -17.53 5.51 -47.54
C2 NAG I . -18.26 4.73 -46.43
C3 NAG I . -19.60 4.19 -46.94
C4 NAG I . -20.41 5.30 -47.59
C5 NAG I . -19.58 5.91 -48.69
C6 NAG I . -20.28 7.02 -49.45
C7 NAG I . -16.87 3.60 -44.73
C8 NAG I . -16.07 2.37 -44.43
N2 NAG I . -17.44 3.63 -45.94
O3 NAG I . -20.30 3.65 -45.83
O4 NAG I . -21.59 4.75 -48.16
O5 NAG I . -18.40 6.48 -48.09
O6 NAG I . -19.90 8.30 -48.96
O7 NAG I . -16.99 4.51 -43.93
C1 BMA I . -22.70 4.83 -47.26
C2 BMA I . -23.84 4.91 -48.21
C3 BMA I . -25.15 4.94 -47.44
C4 BMA I . -25.29 3.70 -46.50
C5 BMA I . -24.08 3.61 -45.55
C6 BMA I . -24.11 2.33 -44.62
O2 BMA I . -23.82 3.76 -49.05
O3 BMA I . -26.26 5.03 -48.29
O4 BMA I . -26.48 3.86 -45.74
O5 BMA I . -22.80 3.68 -46.35
O6 BMA I . -23.28 1.32 -45.17
C1 MAN I . -26.66 6.38 -48.62
C2 MAN I . -28.12 6.28 -49.08
C3 MAN I . -28.14 5.43 -50.34
C4 MAN I . -27.20 6.05 -51.43
C5 MAN I . -25.79 6.20 -50.86
C6 MAN I . -24.82 6.91 -51.84
O2 MAN I . -28.68 7.48 -49.66
O3 MAN I . -29.44 5.27 -50.86
O4 MAN I . -27.16 5.22 -52.57
O5 MAN I . -25.89 6.97 -49.65
O6 MAN I . -23.45 6.71 -51.40
C1 MAN I . -28.85 8.64 -48.82
C2 MAN I . -30.19 8.49 -48.00
C3 MAN I . -31.40 9.40 -48.44
C4 MAN I . -31.09 10.58 -49.44
C5 MAN I . -29.94 10.27 -50.41
C6 MAN I . -29.45 11.51 -51.15
O2 MAN I . -29.95 8.80 -46.64
O3 MAN I . -32.16 9.87 -47.32
O4 MAN I . -32.28 10.94 -50.18
O5 MAN I . -28.77 9.79 -49.68
O6 MAN I . -28.02 11.54 -51.06
C1 MAN I . -23.61 -0.10 -45.03
C2 MAN I . -23.65 -0.66 -46.54
C3 MAN I . -25.07 -0.96 -47.12
C4 MAN I . -26.12 -1.37 -46.05
C5 MAN I . -26.07 -0.34 -44.94
C6 MAN I . -27.18 -0.41 -43.94
O2 MAN I . -22.83 -1.86 -46.70
O3 MAN I . -25.06 -1.89 -48.19
O4 MAN I . -27.44 -1.36 -46.61
O5 MAN I . -24.83 -0.47 -44.25
O6 MAN I . -27.02 0.64 -42.96
C1 NAG J . -5.06 15.21 15.92
C2 NAG J . -6.37 15.88 15.49
C3 NAG J . -6.91 16.77 16.61
C4 NAG J . -7.05 16.00 17.91
C5 NAG J . -5.71 15.34 18.26
C6 NAG J . -5.81 14.44 19.48
C7 NAG J . -6.97 16.61 13.21
C8 NAG J . -6.60 17.49 12.05
N2 NAG J . -6.16 16.66 14.27
O3 NAG J . -8.18 17.32 16.25
O4 NAG J . -7.45 16.86 18.97
O5 NAG J . -5.27 14.52 17.17
O6 NAG J . -4.53 14.18 20.05
O7 NAG J . -7.96 15.88 13.19
C1 NAG K . -15.69 -15.94 -3.26
C2 NAG K . -15.37 -16.55 -4.64
C3 NAG K . -16.29 -17.74 -4.92
C4 NAG K . -16.23 -18.75 -3.78
C5 NAG K . -16.52 -18.05 -2.45
C6 NAG K . -16.33 -18.96 -1.26
C7 NAG K . -14.62 -15.45 -6.70
C8 NAG K . -14.93 -14.39 -7.72
N2 NAG K . -15.49 -15.57 -5.70
O3 NAG K . -15.91 -18.37 -6.14
O4 NAG K . -17.18 -19.79 -4.00
O5 NAG K . -15.63 -16.94 -2.26
O6 NAG K . -16.99 -18.47 -0.10
O7 NAG K . -13.62 -16.17 -6.79
C1 NAG L . 21.28 -7.88 0.98
C2 NAG L . 22.19 -6.67 0.84
C3 NAG L . 23.66 -7.08 1.06
C4 NAG L . 23.83 -7.81 2.38
C5 NAG L . 22.85 -8.98 2.48
C6 NAG L . 22.85 -9.61 3.85
C7 NAG L . 21.85 -4.73 -0.61
C8 NAG L . 21.69 -4.25 -2.02
N2 NAG L . 22.03 -6.04 -0.46
O3 NAG L . 24.47 -5.91 1.06
O4 NAG L . 25.16 -8.31 2.49
O5 NAG L . 21.50 -8.51 2.25
O6 NAG L . 22.41 -10.96 3.81
O7 NAG L . 21.82 -3.96 0.35
#